data_8CLK
#
_entry.id   8CLK
#
_cell.length_a   1.00
_cell.length_b   1.00
_cell.length_c   1.00
_cell.angle_alpha   90.00
_cell.angle_beta   90.00
_cell.angle_gamma   90.00
#
_symmetry.space_group_name_H-M   'P 1'
#
loop_
_entity.id
_entity.type
_entity.pdbx_description
1 polymer 'General transcription factor 3C polypeptide 1'
2 polymer 'General transcription factor 3C polypeptide 3'
3 polymer 'General transcription factor 3C polypeptide 5'
4 polymer 'General transcription factor 3C polypeptide 6'
#
loop_
_entity_poly.entity_id
_entity_poly.type
_entity_poly.pdbx_seq_one_letter_code
_entity_poly.pdbx_strand_id
1 'polypeptide(L)'
;MDALESLLDEVALEGLDGLCLPALWSRLETRVPPFPLPLEPCTQEFLWRALATHPGISFYEEPRERPDLQLQDRYEEIDL
ETGILESRRDPVALEDVYPIHMILENKDGIQGSCRYFKERKNITNDIRTKSLQPRCTMVEAFDRWGKKLIIVASQAMRYR
ALIGQEGDPDLKLPDFSYCILERLGRSRWQGELQRDLHTTAFKVDAGKLHYHRKILNKNGLITMQSHVIRLPTGAQQHSI
LLLLNRFHVDRRSKYDILMEKLSVMLSTRTNHIETLGKLREELGLCERTFKRLYQYMLNAGLAKVVSLRLQEIHPECGPC
KTKKGTDVMVRCLKLLKEFKRNDHDDDEDEEVISKTVPPVDIVFERDMLTQTYDLIERRGTKGISQAEIRVAMNVGKLEA
RMLCRLLQRFKVVKGFMEDEGRQRTTKYISCVFAEESDLSRQYQREKARSELLTTVSLASMQEESLLPEGEDTFLSESDS
EEERSSSKRRGRGSQKDTRASANLRPKTQPHHSTPTKGGWKVVNLHPLKKQPPSFPGAAEERACQSLASRDSLLDTSSVS
EPNVSFVSHCADSNSGDIAVIEEVRMENPKESSSSLKTGRHSSGQDKPHETYRLLKRRNLIIEAVTNLRLIESLFTIQKM
IMDQEKQEGVSTKCCKKSIVRLVRNLSEEGLLRLYRTTVIQDGIKKKVDLVVHPSMDQNDPLVRSAIEQVRFRISNSSTA
NRVKTSQPPVPQGEAEEDSQGKEGPSGSGDSQLSASSRSESGRMKKSDNKMGITPLRNYHPIVVPGLGRSLGFLPKMPRL
RVVHMFLWYLIYGHPASNTVEKPSFISERRTIKQESGRAGVRPSSSGSAWEACSEAPSKGSQDGVTWEAEVELATETVYV
DDASWMRYIPPIPVHRDFGFGWALVSDILLCLPLSIFIQIVQVSYKVDNLEEFLNDPLKKHTLIRFLPRPIRQQLLYKRR
YIFSVVENLQRLCYMGLLQFGPTEKFQDKDQVFIFLKKNAVIVDTTICDPHYNLARSSRPFERRLYVLNSMQDVENYWFD
LQCVCLNTPLGVVRCPRVRKNSSTDQGSDEEGSLQKEQESAMDKHNLERKCAMLEYTTGSREVVDEGLIPGDGLGAAGLD
SSFYGHLKRNWIWTSYIINQAKKENTAAENGLTVRLQTFLSKRPMPLSARGNSRLNIWGEARVGSELCAGWEEQFEVDRE
PSLDRNRRVRGGKSQKRKRLKKDPGKKIKRKKKGEFPGEKSKRLRYHDEADQSALQRMTRLRVTWSMQEDGLLVLCRIAS
NVLNTKVKGPFVTWQVVRDILHATFEESLDKTSHSVGRRARYIVKNPQAYLNYKVCLAEVYQDKALVGDFMNRRGDYDDP
KVCANEFKEFVEKLKEKFSSALRNSNLEIPDTLQELFARYRVLAIGDEKDQTRKEDELNSVDDIHFLVLQNLIQSTLALS
DSQMKSYQSFQTFRLYREYKDHVLVKAFMECQKRSLVNRRRVNHTLGPKKNRALPFVPMSYQLSQTYYRIFTWRFPSTIC
TESFQFLDRMRAAGKLDQPDRFSFKDQDNNEPTNDMVAFSLDGPGGNCVAVLTLFSLGLISVDVRIPEQIIVVDSSMVEN
EVIKSLGKDGSLEDDEDEEDDLDEGVGGKRRSMEVKPAQASHTNYLLMRGYYSPGIVSTRNLNPNDSIVVNSCQMKFQLR
CTPVPARLRPAAAPLEELTMGTSCLPDTFTKLINPQENTCSLEEFVLQLELSGYSPEDLTAALEILEAIIATGCFGIDKE
ELRRRFSALEKAGGGRTRTFADCIQALLEQHQVLEVGGNTARLVAMGSAWPWLLHSVRLKDREDADIQREDPQARPLEGS
SSEDSPPEGQAPPSHSPRGTKRRASWASENGETDAEGTQMTPAKRPALQDSNLAPSLGPGAEDGAEAQAPSPPPALEDTA
AAGAAQEDQEGVGEFSSPGQEQLSGQAQPPEGSEDPRGFTESFGAANISQAARERDCESVCFIGRPWRVVDGHLNLPVCK
GMMEAMLYHIMTRPGIPESSLLRHYQGVLQPVAVLELLQGLESLGCIRKRWLRKPRPVSLFSTPVVEEVEVPSSLDESPM
AFYEPTLDCTLRLGRVFPHEVNWNKWIHLGGGSGGGSGGSLEVLFQGPGSGSDYKDDDDKGDYKDDDDKGDYKDDDDK
;
A
2 'polypeptide(L)'
;MSGFSPELIDYLEGKISFEEFERRREERKTREKKSLQEKGKLSAEENPDDSEVPSSSGINSTKSQDKDVNEGETSDGVRK
SVHKVFASMLGENEDDEEEEEEEEEEEEEEETPEQPTAGDVFVLEMVLNRETKKMMKEKRPRSKLPRALRGLMGEANIRF
ARGEREEAILMCMEIIRQAPLAYEPFSTLAMIYEDQGDMEKSLQFELIAAHLNPSDTEEWVRLAEMSLEQDNIKQAIFCY
TKALKYEPTNVRYLWERSSLYEQMGDHKMAMDGYRRILNLLSPSDGERFMQLARDMAKSYYEANDVTSAINIIDEAFSKH
QGLVSMEDVNIAAELYISNKQYDKALEIITDFSGIVLEKKTSEEGTSEENKAPENVTCTIPDGVPIDITVKLMVCLVHLN
ILEPLNPLLTTLVEQNPEDMGDLYLDVAEAFLDVGEYNSALPLLSALVCSERYNLAVVWLRHAECLKALGYMERAAESYG
KVVDLAPLHLDARISLSTLQQQLGQPEKALEALEPMYDPDTLAQDANAAQQELKLLLHRSTLLFSQGKMYGYVDTLLTML
AMLLKVAMNRAQVCLISSSKSGERHLYLIKVSRDKISDSNDQESANCDAKAIFAVLTSVLTKDDWWNLLLKAIYSLCDLS
RFQEAELLVDSSLEYYSFYDDRQKRKELEYFGLSAAILDKNFRKAYNYIRIMVMENVNKPQLWNIFNQVTMHSQDVRHHR
FCLRLMLKNPENHALCVLNGHNAFVSGSFKHALGQYVQAFRTHPDEPLYSFCIGLTFIHMASQKYVLRRHALIVQGFSFL
NRYLSLRGPCQESFYNLGRGLHQLGLIHLAIHYYQKALELPPLVVEGIELDQLDLRRDIAYNLSLIYQSSGNTGMAQTLL
YTYCSI
;
D
3 'polypeptide(L)'
;MHHHHHHENLYFQGMAAEAADLGLGAAVPVELRRERRMVCVEYPGVVRDVAKMLPTLGGEEGVSRIYADPTKRLELYFRP
KDPYCHPVCANRFSTSSLLLRIRKRTRRQKGVLGTEAHSEVTFDMEILGIISTIYKFQGMSDFQYLAVHTEAGGKHTSMY
DKVLMLRPEKEAFFHQELPLYIPPPIFSRLDAPVDYFYRPETQHREGYNNPPISGENLIGLSRARRPHNAIFVNFEDEEV
PKQPLEAAAQTWRRVCTNPVDRKVEEELRKLFDIRPIWSRNAVKANISVHPDKLKVLLPFIAYYMITGPWRSLWIRFGYD
PRKNPDAKIYQVLDFRIRCGMKHGYAPSDLPVKAKRSTYNYSLPITVKKTSSQLVTMHDLKQGLGPSGTSGARKPASSKY
KLKDSVYIFREGALPPYRQMFYQLCDLNVEELQKIIHRNDGAENSCTERDGWCLPKTSDELRDTMSLMIRQTIRSKRPAL
FSSSAKADGGKEQLTYESGEDEEDEEEEEEEEEDFKPSDGSENEMETEILDYV
;
E
4 'polypeptide(L)'
;MAAAADERSPEDGEDEEEEEQLVLVELSGIIDSDFLSKCENKCKVLGIDTERPILQVDSCVFAGEYEDTLGTCVIFEENV
EHADTEGNNKTVLKYKCHTMKKLSMTRTLLTEKKEGEENIGGVEWLQIKDNDFSYRPNMICNFLHENEDEEVVASAPDKS
LELEEEEIQMNDSSNLSCEQEKPMHLEIEDSGPLIDIPSETEGSVFMETQMLP
;
F
#
# COMPACT_ATOMS: atom_id res chain seq x y z
N ARG A 1262 -3.60 27.53 9.84
CA ARG A 1262 -3.87 26.45 8.89
C ARG A 1262 -3.57 26.91 7.47
N VAL A 1263 -3.31 25.96 6.58
CA VAL A 1263 -2.93 26.25 5.19
C VAL A 1263 -3.64 25.26 4.27
N THR A 1264 -4.02 25.75 3.08
CA THR A 1264 -4.64 24.91 2.05
C THR A 1264 -4.05 25.32 0.70
N TRP A 1265 -3.12 24.50 0.20
CA TRP A 1265 -2.52 24.67 -1.12
C TRP A 1265 -3.49 24.28 -2.21
N SER A 1266 -3.20 24.72 -3.44
CA SER A 1266 -4.13 24.51 -4.55
C SER A 1266 -3.40 24.53 -5.88
N MET A 1267 -4.08 23.98 -6.89
CA MET A 1267 -3.51 23.75 -8.23
C MET A 1267 -2.85 24.98 -8.82
N GLN A 1268 -3.41 26.16 -8.56
CA GLN A 1268 -2.87 27.41 -9.11
C GLN A 1268 -1.49 27.72 -8.54
N GLU A 1269 -1.41 27.90 -7.23
CA GLU A 1269 -0.13 28.13 -6.57
C GLU A 1269 0.83 26.98 -6.79
N ASP A 1270 0.32 25.74 -6.83
CA ASP A 1270 1.17 24.60 -7.15
C ASP A 1270 1.85 24.77 -8.50
N GLY A 1271 1.10 25.17 -9.52
CA GLY A 1271 1.69 25.36 -10.83
C GLY A 1271 2.73 26.47 -10.86
N LEU A 1272 2.43 27.61 -10.24
CA LEU A 1272 3.41 28.68 -10.15
C LEU A 1272 4.62 28.29 -9.33
N LEU A 1273 4.42 27.56 -8.23
CA LEU A 1273 5.54 27.08 -7.44
C LEU A 1273 6.42 26.11 -8.23
N VAL A 1274 5.81 25.24 -9.03
CA VAL A 1274 6.59 24.39 -9.90
C VAL A 1274 7.42 25.22 -10.88
N LEU A 1275 6.86 26.30 -11.40
CA LEU A 1275 7.65 27.20 -12.22
C LEU A 1275 8.75 27.87 -11.40
N CYS A 1276 8.44 28.26 -10.16
CA CYS A 1276 9.48 28.77 -9.27
C CYS A 1276 10.50 27.69 -8.92
N ARG A 1277 10.06 26.44 -8.86
CA ARG A 1277 10.99 25.33 -8.68
C ARG A 1277 11.91 25.19 -9.89
N ILE A 1278 11.36 25.29 -11.09
CA ILE A 1278 12.17 25.29 -12.30
C ILE A 1278 13.13 26.47 -12.30
N ALA A 1279 12.63 27.66 -12.00
CA ALA A 1279 13.49 28.84 -11.88
C ALA A 1279 14.57 28.63 -10.82
N SER A 1280 14.21 28.04 -9.68
CA SER A 1280 15.21 27.71 -8.67
C SER A 1280 16.27 26.76 -9.22
N ASN A 1281 15.84 25.75 -9.97
CA ASN A 1281 16.78 24.80 -10.54
C ASN A 1281 17.74 25.45 -11.54
N VAL A 1282 17.20 26.30 -12.41
CA VAL A 1282 18.06 27.03 -13.36
C VAL A 1282 18.98 28.00 -12.63
N LEU A 1283 18.43 28.80 -11.72
CA LEU A 1283 19.25 29.78 -11.01
C LEU A 1283 20.23 29.13 -10.03
N ASN A 1284 20.00 27.89 -9.63
CA ASN A 1284 21.05 27.16 -8.89
C ASN A 1284 22.33 27.01 -9.70
N THR A 1285 22.25 27.06 -11.03
CA THR A 1285 23.45 27.10 -11.86
C THR A 1285 24.19 28.43 -11.75
N LYS A 1286 23.49 29.49 -11.36
CA LYS A 1286 24.15 30.77 -11.08
C LYS A 1286 24.73 30.81 -9.68
N VAL A 1287 23.88 30.64 -8.67
CA VAL A 1287 24.31 30.63 -7.27
C VAL A 1287 23.65 29.45 -6.56
N LYS A 1288 24.46 28.67 -5.85
CA LYS A 1288 23.95 27.57 -5.06
C LYS A 1288 23.04 28.09 -3.95
N GLY A 1289 21.78 27.69 -4.01
CA GLY A 1289 20.73 28.31 -3.23
C GLY A 1289 20.51 29.75 -3.65
N PRO A 1290 19.97 29.95 -4.85
CA PRO A 1290 19.87 31.31 -5.39
C PRO A 1290 18.77 32.14 -4.76
N PHE A 1291 17.78 31.51 -4.13
CA PHE A 1291 16.81 32.24 -3.33
C PHE A 1291 17.46 32.82 -2.08
N VAL A 1292 17.08 34.05 -1.75
CA VAL A 1292 17.50 34.61 -0.47
C VAL A 1292 16.82 33.86 0.67
N THR A 1293 15.51 33.67 0.54
CA THR A 1293 14.72 32.73 1.32
C THR A 1293 13.42 32.56 0.55
N TRP A 1294 12.61 31.57 0.94
CA TRP A 1294 11.34 31.33 0.25
C TRP A 1294 10.48 32.57 0.10
N GLN A 1295 10.73 33.62 0.90
CA GLN A 1295 10.15 34.94 0.70
C GLN A 1295 10.17 35.44 -0.73
N VAL A 1296 11.27 35.19 -1.46
CA VAL A 1296 11.33 35.65 -2.84
C VAL A 1296 10.28 34.96 -3.69
N VAL A 1297 10.07 33.66 -3.46
CA VAL A 1297 8.97 32.96 -4.10
C VAL A 1297 7.64 33.45 -3.52
N ARG A 1298 7.56 33.48 -2.18
CA ARG A 1298 6.32 33.86 -1.51
C ARG A 1298 5.83 35.23 -1.95
N ASP A 1299 6.77 36.16 -2.21
CA ASP A 1299 6.39 37.44 -2.79
C ASP A 1299 5.76 37.26 -4.16
N ILE A 1300 6.36 36.43 -5.00
CA ILE A 1300 5.77 36.14 -6.30
C ILE A 1300 4.40 35.46 -6.13
N LEU A 1301 4.28 34.56 -5.15
CA LEU A 1301 2.99 33.96 -4.85
C LEU A 1301 1.96 35.03 -4.48
N HIS A 1302 2.29 35.88 -3.51
CA HIS A 1302 1.37 36.95 -3.13
C HIS A 1302 1.11 37.90 -4.29
N ALA A 1303 2.16 38.24 -5.06
CA ALA A 1303 1.97 39.12 -6.21
C ALA A 1303 1.07 38.49 -7.26
N THR A 1304 1.13 37.18 -7.43
CA THR A 1304 0.28 36.50 -8.39
C THR A 1304 -1.06 36.12 -7.78
N PHE A 1305 -1.07 35.73 -6.51
CA PHE A 1305 -2.24 35.18 -5.84
C PHE A 1305 -2.24 35.75 -4.42
N GLU A 1306 -3.00 36.81 -4.21
CA GLU A 1306 -3.04 37.44 -2.90
C GLU A 1306 -3.50 36.48 -1.81
N GLU A 1307 -4.31 35.47 -2.17
CA GLU A 1307 -4.65 34.40 -1.25
C GLU A 1307 -3.44 33.62 -0.73
N SER A 1308 -2.25 33.81 -1.31
CA SER A 1308 -1.03 33.28 -0.72
C SER A 1308 -0.75 33.78 0.69
N LEU A 1309 -1.46 34.81 1.15
CA LEU A 1309 -1.46 35.14 2.58
C LEU A 1309 -1.83 33.97 3.46
N ASP A 1310 -2.54 32.97 2.91
CA ASP A 1310 -2.74 31.72 3.62
C ASP A 1310 -1.41 31.02 3.93
N LYS A 1311 -0.38 31.24 3.13
CA LYS A 1311 0.75 30.33 3.04
C LYS A 1311 2.00 30.97 3.63
N THR A 1312 2.66 30.25 4.55
CA THR A 1312 3.94 30.65 5.10
C THR A 1312 5.08 30.26 4.17
N SER A 1313 6.21 30.97 4.34
CA SER A 1313 7.44 30.62 3.64
C SER A 1313 7.92 29.21 3.97
N HIS A 1314 7.68 28.75 5.20
CA HIS A 1314 7.96 27.36 5.56
C HIS A 1314 7.12 26.37 4.75
N SER A 1315 5.83 26.67 4.57
CA SER A 1315 4.98 25.79 3.76
C SER A 1315 5.46 25.67 2.32
N VAL A 1316 5.98 26.78 1.77
CA VAL A 1316 6.57 26.75 0.44
C VAL A 1316 7.74 25.78 0.38
N GLY A 1317 8.64 25.82 1.36
CA GLY A 1317 9.76 24.90 1.39
C GLY A 1317 9.41 23.43 1.45
N ARG A 1318 8.28 23.09 2.09
CA ARG A 1318 7.82 21.70 2.03
C ARG A 1318 7.01 21.38 0.78
N ARG A 1319 6.11 22.28 0.37
CA ARG A 1319 5.26 22.00 -0.78
C ARG A 1319 6.09 21.76 -2.04
N ALA A 1320 7.20 22.49 -2.20
CA ALA A 1320 8.12 22.22 -3.29
C ALA A 1320 8.69 20.81 -3.25
N ARG A 1321 8.61 20.12 -2.11
CA ARG A 1321 9.05 18.74 -2.00
C ARG A 1321 7.93 17.72 -1.87
N TYR A 1322 6.72 18.13 -1.50
CA TYR A 1322 5.58 17.22 -1.53
C TYR A 1322 5.13 16.91 -2.96
N ILE A 1323 5.00 17.93 -3.80
CA ILE A 1323 4.43 17.76 -5.14
C ILE A 1323 5.22 16.74 -5.96
N VAL A 1324 6.55 16.82 -5.91
CA VAL A 1324 7.43 15.91 -6.64
C VAL A 1324 7.27 14.44 -6.26
N LYS A 1325 6.56 14.15 -5.16
CA LYS A 1325 6.24 12.76 -4.85
C LYS A 1325 5.40 12.09 -5.92
N ASN A 1326 4.54 12.81 -6.62
CA ASN A 1326 3.78 12.21 -7.72
C ASN A 1326 4.65 12.12 -8.97
N PRO A 1327 4.91 10.93 -9.49
CA PRO A 1327 5.70 10.81 -10.72
C PRO A 1327 5.17 11.61 -11.90
N GLN A 1328 3.85 11.71 -12.04
CA GLN A 1328 3.30 12.45 -13.17
C GLN A 1328 3.60 13.94 -13.01
N ALA A 1329 3.35 14.49 -11.82
CA ALA A 1329 3.66 15.89 -11.59
C ALA A 1329 5.16 16.12 -11.61
N TYR A 1330 5.93 15.16 -11.10
CA TYR A 1330 7.38 15.22 -11.18
C TYR A 1330 7.86 15.20 -12.62
N LEU A 1331 7.27 14.32 -13.45
CA LEU A 1331 7.56 14.33 -14.88
C LEU A 1331 7.12 15.64 -15.54
N ASN A 1332 6.01 16.20 -15.08
CA ASN A 1332 5.54 17.47 -15.60
C ASN A 1332 6.56 18.59 -15.35
N TYR A 1333 7.11 18.64 -14.15
CA TYR A 1333 8.25 19.50 -13.86
C TYR A 1333 9.42 19.25 -14.81
N LYS A 1334 9.85 17.99 -14.93
CA LYS A 1334 11.01 17.69 -15.77
C LYS A 1334 10.81 18.09 -17.23
N VAL A 1335 9.63 17.82 -17.79
CA VAL A 1335 9.39 18.18 -19.19
C VAL A 1335 9.40 19.69 -19.40
N CYS A 1336 8.71 20.43 -18.53
CA CYS A 1336 8.70 21.88 -18.67
C CYS A 1336 10.07 22.48 -18.42
N LEU A 1337 10.83 21.91 -17.48
CA LEU A 1337 12.21 22.31 -17.28
C LEU A 1337 13.05 22.08 -18.53
N ALA A 1338 12.88 20.93 -19.18
CA ALA A 1338 13.56 20.69 -20.45
C ALA A 1338 13.15 21.69 -21.52
N GLU A 1339 11.86 22.01 -21.59
CA GLU A 1339 11.40 23.02 -22.55
C GLU A 1339 11.92 24.42 -22.24
N VAL A 1340 12.25 24.70 -20.98
CA VAL A 1340 13.04 25.89 -20.67
C VAL A 1340 14.48 25.72 -21.17
N TYR A 1341 15.14 24.65 -20.75
CA TYR A 1341 16.54 24.43 -21.07
C TYR A 1341 16.76 24.33 -22.57
N GLN A 1342 15.73 23.92 -23.32
CA GLN A 1342 15.84 23.82 -24.76
C GLN A 1342 16.16 25.16 -25.43
N ASP A 1343 15.70 26.27 -24.89
CA ASP A 1343 15.92 27.57 -25.50
C ASP A 1343 16.77 28.46 -24.60
N LYS A 1344 17.96 28.81 -25.09
CA LYS A 1344 18.89 29.66 -24.35
C LYS A 1344 18.38 31.10 -24.22
N ALA A 1345 17.57 31.54 -25.19
CA ALA A 1345 17.16 32.94 -25.25
C ALA A 1345 16.42 33.40 -24.00
N LEU A 1346 15.70 32.51 -23.34
CA LEU A 1346 15.02 32.89 -22.11
C LEU A 1346 15.93 32.86 -20.90
N VAL A 1347 17.12 32.27 -21.02
CA VAL A 1347 18.03 32.12 -19.88
C VAL A 1347 19.33 32.90 -20.08
N GLY A 1348 19.74 33.18 -21.31
CA GLY A 1348 21.06 33.73 -21.57
C GLY A 1348 21.40 34.98 -20.79
N ASP A 1349 20.52 35.97 -20.80
CA ASP A 1349 20.75 37.19 -20.03
C ASP A 1349 20.77 36.94 -18.54
N PHE A 1350 20.13 35.87 -18.08
CA PHE A 1350 20.26 35.47 -16.68
C PHE A 1350 21.57 34.74 -16.41
N MET A 1351 21.96 33.81 -17.29
CA MET A 1351 23.12 32.98 -17.03
C MET A 1351 24.43 33.63 -17.44
N ASN A 1352 24.43 34.44 -18.51
CA ASN A 1352 25.68 34.93 -19.09
C ASN A 1352 26.32 36.04 -18.27
N ARG A 1353 25.58 36.66 -17.36
CA ARG A 1353 26.12 37.75 -16.56
C ARG A 1353 27.22 37.23 -15.63
N ARG A 1354 28.43 37.77 -15.81
CA ARG A 1354 29.54 37.56 -14.90
C ARG A 1354 29.64 38.62 -13.82
N GLY A 1355 29.26 39.86 -14.14
CA GLY A 1355 29.00 40.86 -13.12
C GLY A 1355 27.72 40.57 -12.37
N ASP A 1356 27.54 41.31 -11.27
CA ASP A 1356 26.37 41.20 -10.38
C ASP A 1356 26.09 39.74 -10.04
N TYR A 1357 27.16 38.96 -9.89
CA TYR A 1357 27.05 37.51 -9.83
C TYR A 1357 26.29 37.04 -8.61
N ASP A 1358 26.52 37.67 -7.46
CA ASP A 1358 25.93 37.18 -6.20
C ASP A 1358 25.81 38.36 -5.25
N ASP A 1359 24.60 38.91 -5.15
CA ASP A 1359 24.16 39.64 -3.97
C ASP A 1359 22.67 39.43 -3.80
N PRO A 1360 22.15 39.57 -2.58
CA PRO A 1360 20.74 39.20 -2.34
C PRO A 1360 19.73 39.98 -3.17
N LYS A 1361 19.98 41.28 -3.37
CA LYS A 1361 19.05 42.10 -4.13
C LYS A 1361 18.96 41.66 -5.59
N VAL A 1362 20.12 41.50 -6.25
CA VAL A 1362 20.12 41.04 -7.63
C VAL A 1362 19.57 39.62 -7.74
N CYS A 1363 19.95 38.74 -6.80
CA CYS A 1363 19.41 37.39 -6.80
C CYS A 1363 17.90 37.38 -6.64
N ALA A 1364 17.36 38.23 -5.76
CA ALA A 1364 15.91 38.37 -5.64
C ALA A 1364 15.32 38.96 -6.92
N ASN A 1365 15.90 40.04 -7.42
CA ASN A 1365 15.34 40.73 -8.59
C ASN A 1365 15.39 39.85 -9.83
N GLU A 1366 16.52 39.19 -10.07
CA GLU A 1366 16.64 38.32 -11.23
C GLU A 1366 15.70 37.12 -11.14
N PHE A 1367 15.48 36.61 -9.93
CA PHE A 1367 14.53 35.51 -9.76
C PHE A 1367 13.11 35.93 -10.15
N LYS A 1368 12.65 37.06 -9.63
CA LYS A 1368 11.34 37.58 -9.99
C LYS A 1368 11.25 37.88 -11.50
N GLU A 1369 12.26 38.57 -12.03
CA GLU A 1369 12.27 38.87 -13.46
C GLU A 1369 12.24 37.62 -14.32
N PHE A 1370 13.03 36.61 -13.97
CA PHE A 1370 13.04 35.36 -14.72
C PHE A 1370 11.68 34.66 -14.66
N VAL A 1371 11.09 34.55 -13.48
CA VAL A 1371 9.75 33.97 -13.35
C VAL A 1371 8.72 34.79 -14.12
N GLU A 1372 8.83 36.11 -14.08
CA GLU A 1372 7.92 36.95 -14.87
C GLU A 1372 8.08 36.72 -16.36
N LYS A 1373 9.32 36.52 -16.82
CA LYS A 1373 9.52 36.12 -18.21
C LYS A 1373 9.05 34.69 -18.48
N LEU A 1374 9.30 33.78 -17.54
CA LEU A 1374 8.82 32.39 -17.70
C LEU A 1374 7.31 32.30 -17.84
N LYS A 1375 6.57 33.12 -17.09
CA LYS A 1375 5.12 33.18 -17.24
C LYS A 1375 4.65 33.65 -18.62
N GLU A 1376 5.54 34.17 -19.45
CA GLU A 1376 5.19 34.43 -20.85
C GLU A 1376 5.31 33.18 -21.71
N LYS A 1377 6.18 32.24 -21.36
CA LYS A 1377 6.31 30.99 -22.10
C LYS A 1377 5.29 29.94 -21.66
N PHE A 1378 5.08 29.79 -20.36
CA PHE A 1378 4.07 28.90 -19.81
C PHE A 1378 2.93 29.73 -19.25
N SER A 1379 1.74 29.56 -19.81
CA SER A 1379 0.64 30.48 -19.53
C SER A 1379 -0.68 29.72 -19.54
N SER A 1380 -1.65 30.30 -18.84
CA SER A 1380 -2.94 29.63 -18.60
C SER A 1380 -3.77 29.53 -19.88
N ALA A 1381 -3.74 30.54 -20.73
CA ALA A 1381 -4.24 30.39 -22.08
C ALA A 1381 -3.12 29.97 -23.04
N LEU A 1382 -3.51 29.31 -24.12
CA LEU A 1382 -2.55 28.69 -25.01
C LEU A 1382 -1.73 29.73 -25.78
N ARG A 1383 -0.46 29.42 -25.98
CA ARG A 1383 0.43 30.28 -26.76
C ARG A 1383 -0.09 30.51 -28.17
N ASN A 1384 -0.53 29.44 -28.85
CA ASN A 1384 -0.98 29.52 -30.24
C ASN A 1384 -2.19 28.59 -30.46
N SER A 1385 -3.39 29.14 -30.33
CA SER A 1385 -4.62 28.42 -30.63
C SER A 1385 -5.00 28.50 -32.11
N ASN A 1386 -4.14 29.08 -32.95
CA ASN A 1386 -4.48 29.40 -34.34
C ASN A 1386 -4.02 28.35 -35.34
N LEU A 1387 -3.29 27.33 -34.91
CA LEU A 1387 -2.55 26.49 -35.85
C LEU A 1387 -3.48 25.63 -36.70
N GLU A 1388 -3.14 25.52 -37.98
CA GLU A 1388 -3.64 24.47 -38.86
C GLU A 1388 -2.98 23.15 -38.54
N ILE A 1389 -3.79 22.09 -38.46
CA ILE A 1389 -3.30 20.76 -38.12
C ILE A 1389 -3.93 19.76 -39.09
N PRO A 1390 -3.18 18.81 -39.61
CA PRO A 1390 -3.64 18.01 -40.75
C PRO A 1390 -4.63 16.93 -40.34
N ASP A 1391 -5.16 16.25 -41.36
CA ASP A 1391 -6.33 15.40 -41.21
C ASP A 1391 -6.03 14.07 -40.52
N THR A 1392 -4.82 13.55 -40.63
CA THR A 1392 -4.50 12.26 -40.04
C THR A 1392 -2.99 12.09 -39.97
N LEU A 1393 -2.58 11.00 -39.30
CA LEU A 1393 -1.16 10.77 -38.99
C LEU A 1393 -0.28 10.97 -40.21
N GLN A 1394 -0.66 10.36 -41.33
CA GLN A 1394 0.13 10.50 -42.55
C GLN A 1394 0.20 11.96 -42.97
N GLU A 1395 -0.93 12.66 -42.93
CA GLU A 1395 -0.96 14.08 -43.26
C GLU A 1395 -0.21 14.90 -42.21
N LEU A 1396 -0.35 14.53 -40.95
CA LEU A 1396 0.35 15.21 -39.86
C LEU A 1396 1.86 15.22 -40.06
N PHE A 1397 2.47 14.05 -40.24
CA PHE A 1397 3.91 14.00 -40.43
C PHE A 1397 4.34 14.54 -41.79
N ALA A 1398 3.49 14.40 -42.81
CA ALA A 1398 3.81 14.98 -44.11
C ALA A 1398 3.88 16.51 -44.04
N ARG A 1399 2.98 17.13 -43.27
CA ARG A 1399 3.04 18.57 -43.06
C ARG A 1399 4.08 18.96 -42.03
N TYR A 1400 3.97 18.43 -40.82
CA TYR A 1400 4.70 18.94 -39.67
C TYR A 1400 5.78 17.96 -39.23
N ARG A 1401 6.96 18.50 -38.93
CA ARG A 1401 7.85 17.88 -37.95
C ARG A 1401 7.18 17.96 -36.58
N VAL A 1402 6.94 16.80 -35.97
CA VAL A 1402 6.31 16.71 -34.66
C VAL A 1402 7.31 16.12 -33.68
N LEU A 1403 7.50 16.80 -32.55
CA LEU A 1403 8.52 16.44 -31.59
C LEU A 1403 7.95 16.61 -30.19
N ALA A 1404 8.44 15.80 -29.26
CA ALA A 1404 8.06 15.91 -27.86
C ALA A 1404 9.23 15.47 -27.01
N ILE A 1405 9.19 15.85 -25.73
CA ILE A 1405 10.14 15.34 -24.76
C ILE A 1405 9.73 13.93 -24.37
N GLY A 1406 10.56 12.95 -24.75
CA GLY A 1406 10.47 11.63 -24.15
C GLY A 1406 11.08 11.59 -22.77
N ASP A 1407 10.78 10.53 -22.04
CA ASP A 1407 11.42 10.32 -20.76
C ASP A 1407 12.87 9.91 -20.95
N GLU A 1408 13.70 10.25 -19.96
CA GLU A 1408 15.09 9.83 -19.93
C GLU A 1408 15.26 8.31 -19.79
N LYS A 1409 14.20 7.58 -19.47
CA LYS A 1409 14.21 6.13 -19.41
C LYS A 1409 13.71 5.45 -20.68
N ASP A 1410 13.30 6.20 -21.69
CA ASP A 1410 12.84 5.59 -22.93
C ASP A 1410 13.99 4.88 -23.61
N GLN A 1411 13.84 3.57 -23.84
CA GLN A 1411 14.86 2.79 -24.51
C GLN A 1411 14.24 1.54 -25.10
N THR A 1412 14.97 0.92 -26.02
CA THR A 1412 14.77 -0.46 -26.41
C THR A 1412 15.61 -1.38 -25.51
N ARG A 1413 15.27 -2.67 -25.53
CA ARG A 1413 16.11 -3.70 -24.93
C ARG A 1413 17.52 -3.67 -25.51
N LYS A 1414 18.47 -4.19 -24.74
CA LYS A 1414 19.83 -4.34 -25.23
C LYS A 1414 19.87 -5.32 -26.40
N GLU A 1415 20.94 -5.23 -27.18
CA GLU A 1415 21.07 -6.00 -28.42
C GLU A 1415 22.55 -6.25 -28.69
N ASP A 1416 22.81 -7.19 -29.61
CA ASP A 1416 24.18 -7.47 -29.98
C ASP A 1416 24.85 -6.25 -30.62
N GLU A 1417 26.09 -6.03 -30.21
CA GLU A 1417 26.94 -4.96 -30.72
C GLU A 1417 27.26 -5.16 -32.20
N LEU A 1418 27.89 -4.12 -32.75
CA LEU A 1418 28.14 -3.99 -34.18
C LEU A 1418 29.22 -4.97 -34.63
N ASN A 1419 29.22 -5.24 -35.93
CA ASN A 1419 30.18 -6.16 -36.54
C ASN A 1419 31.44 -5.41 -36.95
N SER A 1420 32.40 -5.33 -36.01
CA SER A 1420 33.80 -5.19 -36.39
C SER A 1420 34.67 -5.86 -35.32
N VAL A 1421 35.83 -6.34 -35.75
CA VAL A 1421 36.90 -6.69 -34.81
C VAL A 1421 37.28 -5.50 -33.94
N ASP A 1422 37.09 -4.28 -34.43
CA ASP A 1422 37.25 -3.09 -33.61
C ASP A 1422 36.30 -3.10 -32.42
N ASP A 1423 35.06 -3.56 -32.63
CA ASP A 1423 34.12 -3.68 -31.52
C ASP A 1423 34.52 -4.78 -30.56
N ILE A 1424 35.08 -5.88 -31.07
CA ILE A 1424 35.62 -6.92 -30.18
C ILE A 1424 36.72 -6.34 -29.31
N HIS A 1425 37.70 -5.68 -29.93
CA HIS A 1425 38.76 -5.02 -29.18
C HIS A 1425 38.20 -4.01 -28.20
N PHE A 1426 37.26 -3.18 -28.65
CA PHE A 1426 36.67 -2.17 -27.77
C PHE A 1426 36.01 -2.78 -26.54
N LEU A 1427 35.17 -3.80 -26.73
CA LEU A 1427 34.44 -4.37 -25.60
C LEU A 1427 35.28 -5.21 -24.65
N VAL A 1428 36.51 -5.59 -24.99
CA VAL A 1428 37.45 -6.00 -23.97
C VAL A 1428 38.18 -4.82 -23.36
N LEU A 1429 38.60 -3.86 -24.19
CA LEU A 1429 39.44 -2.78 -23.72
C LEU A 1429 38.72 -1.90 -22.69
N GLN A 1430 37.40 -1.75 -22.83
CA GLN A 1430 36.62 -0.99 -21.85
C GLN A 1430 36.85 -1.40 -20.41
N ASN A 1431 37.19 -2.66 -20.15
CA ASN A 1431 37.47 -3.09 -18.79
C ASN A 1431 38.91 -3.46 -18.49
N LEU A 1432 39.72 -3.77 -19.50
CA LEU A 1432 41.16 -3.85 -19.26
C LEU A 1432 41.70 -2.57 -18.65
N ILE A 1433 41.20 -1.41 -19.09
CA ILE A 1433 41.61 -0.15 -18.49
C ILE A 1433 41.24 -0.11 -17.01
N GLN A 1434 40.01 -0.47 -16.66
CA GLN A 1434 39.63 -0.43 -15.26
C GLN A 1434 40.41 -1.44 -14.42
N SER A 1435 40.84 -2.54 -15.02
CA SER A 1435 41.74 -3.48 -14.36
C SER A 1435 43.08 -2.87 -14.00
N THR A 1436 43.45 -1.76 -14.63
CA THR A 1436 44.57 -0.95 -14.18
C THR A 1436 44.18 0.10 -13.15
N LEU A 1437 43.03 0.76 -13.33
CA LEU A 1437 42.73 1.94 -12.52
C LEU A 1437 42.68 1.66 -11.03
N ALA A 1438 42.30 0.45 -10.64
CA ALA A 1438 42.29 0.11 -9.23
C ALA A 1438 43.65 -0.29 -8.67
N LEU A 1439 44.66 -0.49 -9.52
CA LEU A 1439 45.91 -1.03 -9.03
C LEU A 1439 46.64 0.00 -8.17
N SER A 1440 47.17 -0.46 -7.05
CA SER A 1440 48.15 0.28 -6.28
C SER A 1440 49.52 0.21 -6.93
N ASP A 1441 50.38 1.17 -6.55
CA ASP A 1441 51.77 1.18 -6.96
C ASP A 1441 52.46 -0.16 -6.74
N SER A 1442 52.09 -0.86 -5.65
CA SER A 1442 52.63 -2.18 -5.38
C SER A 1442 52.28 -3.17 -6.49
N GLN A 1443 51.05 -3.13 -7.00
CA GLN A 1443 50.73 -3.93 -8.18
C GLN A 1443 51.46 -3.40 -9.40
N MET A 1444 51.50 -2.08 -9.57
CA MET A 1444 52.22 -1.50 -10.70
C MET A 1444 53.71 -1.84 -10.67
N LYS A 1445 54.25 -2.13 -9.49
CA LYS A 1445 55.59 -2.72 -9.41
C LYS A 1445 55.56 -4.23 -9.56
N SER A 1446 54.60 -4.89 -8.90
CA SER A 1446 54.53 -6.34 -8.93
C SER A 1446 54.17 -6.87 -10.31
N TYR A 1447 53.44 -6.09 -11.10
CA TYR A 1447 53.35 -6.32 -12.54
C TYR A 1447 53.81 -5.06 -13.26
N GLN A 1448 55.07 -5.05 -13.67
CA GLN A 1448 55.80 -3.83 -13.94
C GLN A 1448 55.24 -3.11 -15.18
N SER A 1449 55.52 -1.81 -15.23
CA SER A 1449 54.96 -0.92 -16.26
C SER A 1449 55.15 -1.46 -17.67
N PHE A 1450 56.36 -1.93 -17.98
CA PHE A 1450 56.59 -2.53 -19.30
C PHE A 1450 55.75 -3.77 -19.52
N GLN A 1451 55.51 -4.56 -18.47
CA GLN A 1451 54.70 -5.76 -18.63
C GLN A 1451 53.23 -5.47 -18.93
N THR A 1452 52.67 -4.37 -18.40
CA THR A 1452 51.33 -3.96 -18.80
C THR A 1452 51.31 -3.18 -20.11
N PHE A 1453 52.37 -2.44 -20.45
CA PHE A 1453 52.47 -1.87 -21.79
C PHE A 1453 52.45 -2.95 -22.86
N ARG A 1454 53.19 -4.03 -22.65
CA ARG A 1454 53.13 -5.17 -23.55
C ARG A 1454 51.70 -5.62 -23.81
N LEU A 1455 50.85 -5.52 -22.79
CA LEU A 1455 49.43 -5.85 -22.94
C LEU A 1455 48.66 -4.76 -23.70
N TYR A 1456 48.71 -3.52 -23.21
CA TYR A 1456 47.93 -2.45 -23.85
C TYR A 1456 48.34 -2.20 -25.30
N ARG A 1457 49.62 -2.37 -25.64
CA ARG A 1457 50.05 -2.17 -27.02
C ARG A 1457 49.43 -3.16 -28.01
N GLU A 1458 48.72 -4.18 -27.54
CA GLU A 1458 47.91 -5.01 -28.43
C GLU A 1458 46.69 -4.28 -29.00
N TYR A 1459 46.28 -3.16 -28.41
CA TYR A 1459 45.03 -2.51 -28.78
C TYR A 1459 45.29 -1.13 -29.37
N LYS A 1460 44.48 -0.78 -30.37
CA LYS A 1460 44.66 0.47 -31.11
C LYS A 1460 44.32 1.69 -30.25
N ASP A 1461 45.05 2.76 -30.53
CA ASP A 1461 44.85 4.03 -29.84
C ASP A 1461 43.44 4.60 -30.05
N HIS A 1462 42.83 4.29 -31.19
CA HIS A 1462 41.48 4.77 -31.46
C HIS A 1462 40.49 4.29 -30.41
N VAL A 1463 40.41 2.96 -30.22
CA VAL A 1463 39.50 2.43 -29.22
C VAL A 1463 39.95 2.79 -27.81
N LEU A 1464 41.26 2.96 -27.61
CA LEU A 1464 41.74 3.44 -26.32
C LEU A 1464 41.25 4.86 -26.05
N VAL A 1465 41.41 5.76 -27.01
CA VAL A 1465 40.86 7.11 -26.86
C VAL A 1465 39.35 7.05 -26.70
N LYS A 1466 38.69 6.18 -27.48
CA LYS A 1466 37.24 6.00 -27.34
C LYS A 1466 36.87 5.55 -25.93
N ALA A 1467 37.57 4.55 -25.40
CA ALA A 1467 37.25 4.05 -24.06
C ALA A 1467 37.57 5.07 -22.98
N PHE A 1468 38.74 5.72 -23.06
CA PHE A 1468 39.07 6.74 -22.07
C PHE A 1468 38.12 7.94 -22.16
N MET A 1469 37.77 8.37 -23.36
CA MET A 1469 36.81 9.45 -23.50
C MET A 1469 35.49 9.10 -22.83
N GLU A 1470 35.00 7.88 -23.05
CA GLU A 1470 33.79 7.45 -22.35
C GLU A 1470 33.97 7.56 -20.84
N CYS A 1471 35.10 7.07 -20.32
CA CYS A 1471 35.35 7.16 -18.89
C CYS A 1471 35.50 8.61 -18.42
N GLN A 1472 36.22 9.42 -19.19
CA GLN A 1472 36.42 10.82 -18.84
C GLN A 1472 35.13 11.63 -18.96
N LYS A 1473 34.38 11.42 -20.04
CA LYS A 1473 33.14 12.16 -20.25
C LYS A 1473 32.16 12.00 -19.09
N ARG A 1474 32.00 10.79 -18.58
CA ARG A 1474 31.10 10.55 -17.46
C ARG A 1474 31.72 10.83 -16.09
N SER A 1475 32.85 11.54 -16.05
CA SER A 1475 33.52 11.95 -14.82
C SER A 1475 33.94 10.78 -13.94
N LEU A 1476 34.17 9.62 -14.52
CA LEU A 1476 34.56 8.45 -13.77
C LEU A 1476 36.05 8.46 -13.44
N VAL A 1477 36.79 9.46 -13.89
CA VAL A 1477 38.24 9.46 -13.87
C VAL A 1477 38.75 10.75 -13.23
N ASN A 1478 39.73 10.61 -12.33
CA ASN A 1478 40.44 11.73 -11.74
C ASN A 1478 41.94 11.56 -11.93
N ARG A 1479 42.63 12.69 -12.11
CA ARG A 1479 44.06 12.67 -12.36
C ARG A 1479 44.81 12.22 -11.10
N ARG A 1480 45.70 11.25 -11.25
CA ARG A 1480 46.60 10.88 -10.17
C ARG A 1480 47.71 11.93 -10.03
N ARG A 1481 48.17 12.09 -8.80
CA ARG A 1481 49.34 12.92 -8.50
C ARG A 1481 50.51 12.03 -8.13
N VAL A 1482 51.63 12.20 -8.84
CA VAL A 1482 52.79 11.33 -8.71
C VAL A 1482 54.04 12.19 -8.73
N ASN A 1483 55.13 11.64 -8.18
CA ASN A 1483 56.36 12.40 -8.01
C ASN A 1483 57.58 11.54 -8.33
N PRO A 1495 49.06 7.18 -25.26
CA PRO A 1495 48.22 6.13 -24.71
C PRO A 1495 48.02 6.27 -23.21
N PHE A 1496 47.02 5.58 -22.66
CA PHE A 1496 46.86 5.51 -21.22
C PHE A 1496 47.99 4.71 -20.57
N VAL A 1497 48.36 5.13 -19.37
CA VAL A 1497 49.42 4.49 -18.58
C VAL A 1497 49.03 4.51 -17.11
N PRO A 1498 49.53 3.54 -16.35
CA PRO A 1498 49.03 3.36 -14.97
C PRO A 1498 49.23 4.57 -14.08
N MET A 1499 50.28 5.35 -14.32
CA MET A 1499 50.55 6.54 -13.53
C MET A 1499 49.60 7.69 -13.86
N SER A 1500 48.78 7.55 -14.90
CA SER A 1500 48.07 8.68 -15.46
C SER A 1500 46.80 9.02 -14.67
N TYR A 1501 45.91 8.05 -14.49
CA TYR A 1501 44.65 8.32 -13.80
C TYR A 1501 44.22 7.17 -12.90
N GLN A 1502 43.24 7.48 -12.04
CA GLN A 1502 42.67 6.54 -11.08
C GLN A 1502 41.15 6.72 -11.06
N LEU A 1503 40.47 5.74 -10.50
CA LEU A 1503 39.04 5.80 -10.20
C LEU A 1503 38.67 7.11 -9.53
N SER A 1504 37.77 7.87 -10.16
CA SER A 1504 37.37 9.13 -9.58
C SER A 1504 36.49 8.91 -8.36
N GLN A 1505 36.34 9.97 -7.57
CA GLN A 1505 35.33 9.99 -6.52
C GLN A 1505 33.95 9.63 -7.04
N THR A 1506 33.62 10.08 -8.25
CA THR A 1506 32.33 9.75 -8.85
C THR A 1506 32.24 8.29 -9.30
N TYR A 1507 33.35 7.70 -9.74
CA TYR A 1507 33.35 6.28 -10.05
C TYR A 1507 32.95 5.46 -8.82
N TYR A 1508 33.56 5.76 -7.67
CA TYR A 1508 33.10 5.19 -6.41
C TYR A 1508 31.65 5.58 -6.11
N ARG A 1509 31.25 6.81 -6.43
CA ARG A 1509 29.85 7.18 -6.26
C ARG A 1509 28.92 6.23 -7.01
N ILE A 1510 29.37 5.70 -8.16
CA ILE A 1510 28.56 4.69 -8.85
C ILE A 1510 28.29 3.51 -7.93
N PHE A 1511 29.37 2.92 -7.41
CA PHE A 1511 29.32 1.74 -6.55
C PHE A 1511 29.01 2.03 -5.09
N THR A 1512 29.18 3.28 -4.63
CA THR A 1512 29.03 3.57 -3.21
C THR A 1512 27.55 3.79 -2.89
N TRP A 1513 26.80 2.70 -3.00
CA TRP A 1513 25.49 2.62 -2.40
C TRP A 1513 25.57 2.95 -0.92
N ARG A 1514 24.49 3.51 -0.37
CA ARG A 1514 24.57 4.08 0.97
C ARG A 1514 25.03 3.09 2.02
N PHE A 1515 24.78 1.79 1.82
CA PHE A 1515 25.36 0.76 2.66
C PHE A 1515 26.90 0.81 2.66
N PRO A 1516 27.53 1.16 3.78
CA PRO A 1516 28.99 1.22 3.79
C PRO A 1516 29.62 -0.15 3.57
N SER A 1517 30.72 -0.16 2.81
CA SER A 1517 31.28 -1.41 2.30
C SER A 1517 31.55 -2.42 3.41
N THR A 1518 32.04 -1.93 4.55
CA THR A 1518 32.48 -2.77 5.67
C THR A 1518 31.40 -3.71 6.21
N ILE A 1519 30.10 -3.40 6.05
CA ILE A 1519 29.05 -4.13 6.78
C ILE A 1519 29.17 -5.64 6.60
N CYS A 1520 29.20 -6.10 5.35
CA CYS A 1520 29.03 -7.53 5.12
C CYS A 1520 30.18 -8.34 5.69
N THR A 1521 31.42 -7.90 5.48
CA THR A 1521 32.55 -8.60 6.07
C THR A 1521 32.60 -8.44 7.58
N GLU A 1522 32.21 -7.29 8.11
CA GLU A 1522 32.03 -7.17 9.56
C GLU A 1522 30.94 -8.08 10.08
N SER A 1523 29.95 -8.39 9.25
CA SER A 1523 28.87 -9.27 9.64
C SER A 1523 29.26 -10.74 9.65
N PHE A 1524 30.12 -11.16 8.73
CA PHE A 1524 30.80 -12.45 8.88
C PHE A 1524 31.75 -12.48 10.06
N GLN A 1525 32.49 -11.40 10.29
CA GLN A 1525 33.37 -11.34 11.45
C GLN A 1525 32.61 -11.54 12.75
N PHE A 1526 31.38 -11.03 12.83
CA PHE A 1526 30.53 -11.36 13.96
C PHE A 1526 30.23 -12.85 14.05
N LEU A 1527 29.73 -13.43 12.96
CA LEU A 1527 29.45 -14.86 12.92
C LEU A 1527 30.66 -15.71 13.32
N ASP A 1528 31.83 -15.37 12.80
CA ASP A 1528 33.03 -16.14 13.09
C ASP A 1528 33.50 -15.93 14.52
N ARG A 1529 33.33 -14.72 15.05
CA ARG A 1529 33.50 -14.52 16.49
C ARG A 1529 32.55 -15.39 17.28
N MET A 1530 31.30 -15.52 16.81
CA MET A 1530 30.29 -16.29 17.53
C MET A 1530 30.64 -17.77 17.63
N ARG A 1531 31.23 -18.35 16.57
CA ARG A 1531 31.70 -19.72 16.64
C ARG A 1531 32.68 -19.97 17.78
N ALA A 1532 33.30 -18.92 18.32
CA ALA A 1532 34.17 -19.11 19.47
C ALA A 1532 33.42 -19.62 20.70
N ALA A 1533 32.12 -19.34 20.78
CA ALA A 1533 31.29 -19.93 21.83
C ALA A 1533 30.77 -21.31 21.47
N GLY A 1534 31.11 -21.81 20.28
CA GLY A 1534 30.56 -23.07 19.82
C GLY A 1534 29.11 -22.97 19.38
N LYS A 1535 28.33 -23.98 19.74
CA LYS A 1535 26.90 -24.01 19.44
C LYS A 1535 26.15 -24.66 20.59
N LEU A 1536 24.93 -24.17 20.85
CA LEU A 1536 24.14 -24.68 21.95
C LEU A 1536 22.66 -24.52 21.62
N ASP A 1537 21.83 -25.36 22.23
CA ASP A 1537 20.39 -25.31 22.05
C ASP A 1537 19.70 -24.33 22.99
N GLN A 1538 20.44 -23.55 23.78
CA GLN A 1538 19.83 -22.69 24.77
C GLN A 1538 18.84 -21.72 24.14
N PRO A 1539 17.57 -21.74 24.56
CA PRO A 1539 16.63 -20.69 24.12
C PRO A 1539 17.16 -19.31 24.50
N ASP A 1540 16.69 -18.29 23.77
CA ASP A 1540 16.93 -16.93 24.22
C ASP A 1540 16.30 -16.69 25.59
N ARG A 1541 16.82 -15.69 26.28
CA ARG A 1541 16.25 -15.27 27.55
C ARG A 1541 16.44 -13.78 27.71
N PHE A 1542 15.51 -13.16 28.41
CA PHE A 1542 15.51 -11.72 28.64
C PHE A 1542 15.46 -11.55 30.15
N SER A 1543 16.44 -10.84 30.70
CA SER A 1543 16.67 -10.93 32.14
C SER A 1543 17.07 -9.58 32.72
N PHE A 1544 16.79 -9.44 34.01
CA PHE A 1544 17.04 -8.22 34.74
C PHE A 1544 18.50 -8.13 35.18
N LYS A 1545 19.03 -6.91 35.17
CA LYS A 1545 20.21 -6.63 35.97
C LYS A 1545 19.94 -6.81 37.45
N ASP A 1546 18.68 -6.74 37.86
CA ASP A 1546 18.25 -7.09 39.21
C ASP A 1546 18.56 -8.53 39.60
N GLN A 1547 18.89 -9.39 38.64
CA GLN A 1547 19.09 -10.80 38.92
C GLN A 1547 20.48 -11.25 38.48
N ASP A 1548 21.49 -10.46 38.82
CA ASP A 1548 22.88 -10.84 38.63
C ASP A 1548 23.25 -12.12 39.38
N ASN A 1549 22.45 -12.50 40.39
CA ASN A 1549 22.65 -13.80 41.05
C ASN A 1549 22.32 -14.97 40.14
N ASN A 1550 21.62 -14.74 39.02
CA ASN A 1550 21.30 -15.79 38.06
C ASN A 1550 22.06 -15.51 36.77
N GLU A 1551 22.88 -16.48 36.36
CA GLU A 1551 23.75 -16.31 35.20
C GLU A 1551 23.93 -17.64 34.49
N PRO A 1552 24.08 -17.63 33.16
CA PRO A 1552 24.28 -18.88 32.42
C PRO A 1552 25.72 -19.34 32.45
N THR A 1553 26.37 -19.22 33.61
CA THR A 1553 27.83 -19.30 33.75
C THR A 1553 28.54 -18.30 32.85
N ASN A 1554 27.83 -17.26 32.39
CA ASN A 1554 28.35 -16.20 31.53
C ASN A 1554 28.93 -16.72 30.22
N ASP A 1555 28.58 -17.94 29.80
CA ASP A 1555 29.12 -18.51 28.57
C ASP A 1555 28.31 -18.06 27.35
N MET A 1556 28.36 -16.75 27.09
CA MET A 1556 27.77 -16.16 25.89
C MET A 1556 28.64 -15.01 25.43
N VAL A 1557 28.69 -14.80 24.11
CA VAL A 1557 29.49 -13.72 23.53
C VAL A 1557 28.81 -12.38 23.77
N ALA A 1558 29.49 -11.48 24.48
CA ALA A 1558 28.98 -10.13 24.68
C ALA A 1558 29.05 -9.32 23.40
N PHE A 1559 27.94 -8.66 23.05
CA PHE A 1559 27.85 -7.85 21.84
C PHE A 1559 28.56 -6.53 22.04
N SER A 1560 29.38 -6.14 21.05
CA SER A 1560 30.05 -4.85 21.08
C SER A 1560 29.07 -3.75 20.69
N LEU A 1561 28.54 -3.07 21.69
CA LEU A 1561 27.61 -1.96 21.49
C LEU A 1561 28.31 -0.80 20.77
N ASP A 1562 27.73 -0.36 19.65
CA ASP A 1562 28.39 0.52 18.67
C ASP A 1562 29.59 -0.15 18.01
N GLY A 1563 29.59 -1.46 17.92
CA GLY A 1563 30.51 -2.15 17.05
C GLY A 1563 30.22 -1.87 15.59
N PRO A 1564 31.17 -2.21 14.72
CA PRO A 1564 31.00 -1.95 13.29
C PRO A 1564 29.70 -2.52 12.73
N GLY A 1565 29.15 -1.85 11.73
CA GLY A 1565 27.76 -2.06 11.34
C GLY A 1565 27.42 -3.48 10.96
N GLY A 1566 28.42 -4.30 10.61
CA GLY A 1566 28.18 -5.71 10.37
C GLY A 1566 27.68 -6.46 11.58
N ASN A 1567 28.07 -6.03 12.77
CA ASN A 1567 27.48 -6.56 13.99
C ASN A 1567 25.98 -6.36 14.05
N CYS A 1568 25.44 -5.40 13.30
CA CYS A 1568 23.99 -5.22 13.27
C CYS A 1568 23.29 -6.16 12.30
N VAL A 1569 23.75 -6.22 11.04
CA VAL A 1569 23.04 -7.07 10.08
C VAL A 1569 23.18 -8.55 10.40
N ALA A 1570 24.31 -8.97 10.98
CA ALA A 1570 24.50 -10.38 11.32
C ALA A 1570 23.45 -10.89 12.31
N VAL A 1571 23.21 -10.15 13.39
CA VAL A 1571 22.15 -10.55 14.32
C VAL A 1571 20.78 -10.54 13.64
N LEU A 1572 20.51 -9.53 12.83
CA LEU A 1572 19.24 -9.46 12.12
C LEU A 1572 19.00 -10.69 11.23
N THR A 1573 20.00 -11.11 10.47
CA THR A 1573 19.82 -12.30 9.63
C THR A 1573 19.83 -13.60 10.43
N LEU A 1574 20.69 -13.76 11.43
CA LEU A 1574 20.69 -14.99 12.21
C LEU A 1574 19.40 -15.19 12.97
N PHE A 1575 18.78 -14.12 13.44
CA PHE A 1575 17.41 -14.26 13.93
C PHE A 1575 16.48 -14.82 12.87
N SER A 1576 16.58 -14.33 11.64
CA SER A 1576 15.61 -14.71 10.62
C SER A 1576 15.72 -16.16 10.22
N LEU A 1577 16.94 -16.66 10.01
CA LEU A 1577 17.15 -18.09 9.82
C LEU A 1577 16.85 -18.93 11.05
N GLY A 1578 16.68 -18.31 12.21
CA GLY A 1578 16.41 -19.04 13.44
C GLY A 1578 17.62 -19.72 14.02
N LEU A 1579 18.79 -19.10 13.91
CA LEU A 1579 20.06 -19.79 14.04
C LEU A 1579 20.92 -19.23 15.17
N ILE A 1580 20.37 -18.33 15.99
CA ILE A 1580 21.08 -17.70 17.09
C ILE A 1580 20.12 -17.49 18.25
N SER A 1581 20.65 -17.53 19.46
CA SER A 1581 19.89 -17.22 20.67
C SER A 1581 20.61 -16.16 21.48
N VAL A 1582 19.84 -15.32 22.14
CA VAL A 1582 20.34 -14.06 22.69
C VAL A 1582 19.92 -13.94 24.15
N ASP A 1583 20.86 -13.55 25.00
CA ASP A 1583 20.54 -13.01 26.32
C ASP A 1583 20.56 -11.49 26.22
N VAL A 1584 19.37 -10.90 26.16
CA VAL A 1584 19.22 -9.45 26.23
C VAL A 1584 19.05 -9.10 27.70
N ARG A 1585 20.14 -8.65 28.32
CA ARG A 1585 20.14 -8.22 29.72
C ARG A 1585 19.84 -6.73 29.78
N ILE A 1586 18.67 -6.38 30.32
CA ILE A 1586 18.32 -4.97 30.42
C ILE A 1586 17.98 -4.64 31.88
N PRO A 1587 18.46 -3.52 32.42
CA PRO A 1587 18.09 -3.14 33.81
C PRO A 1587 16.62 -2.83 33.98
N GLU A 1588 16.24 -2.47 35.20
CA GLU A 1588 14.97 -1.83 35.49
C GLU A 1588 14.91 -0.36 35.06
N GLN A 1589 15.98 0.22 34.52
CA GLN A 1589 15.98 1.63 34.14
C GLN A 1589 16.65 1.77 32.77
N ILE A 1590 15.88 1.62 31.70
CA ILE A 1590 16.23 2.23 30.43
C ILE A 1590 16.13 3.76 30.49
N ILE A 1591 15.23 4.28 31.33
CA ILE A 1591 14.94 5.71 31.36
C ILE A 1591 15.34 6.29 32.71
N VAL A 1592 16.16 7.35 32.67
CA VAL A 1592 16.73 7.93 33.88
C VAL A 1592 15.65 8.64 34.71
N VAL A 1593 14.59 9.12 34.06
CA VAL A 1593 13.57 9.94 34.71
C VAL A 1593 12.21 9.26 34.63
N ASP A 1594 12.21 7.93 34.56
CA ASP A 1594 11.03 7.17 34.15
C ASP A 1594 9.77 7.53 34.93
N SER A 1595 9.92 7.95 36.19
CA SER A 1595 8.76 8.33 36.98
C SER A 1595 8.09 9.62 36.51
N SER A 1596 8.71 10.37 35.61
CA SER A 1596 8.18 11.67 35.24
C SER A 1596 7.01 11.55 34.27
N MET A 1597 6.13 12.55 34.29
CA MET A 1597 5.27 12.86 33.17
C MET A 1597 6.02 13.70 32.14
N VAL A 1598 5.50 13.71 30.91
CA VAL A 1598 6.12 14.47 29.83
C VAL A 1598 5.09 14.94 28.81
N VAL A 1669 16.81 10.20 28.73
CA VAL A 1669 18.11 9.62 28.42
C VAL A 1669 17.98 8.13 28.22
N VAL A 1670 18.45 7.64 27.08
CA VAL A 1670 18.38 6.22 26.76
C VAL A 1670 19.62 5.54 27.32
N ASN A 1671 19.42 4.61 28.24
CA ASN A 1671 20.47 3.68 28.67
C ASN A 1671 20.45 2.45 27.76
N SER A 1672 21.14 2.56 26.63
CA SER A 1672 21.28 1.42 25.73
C SER A 1672 21.93 0.26 26.46
N CYS A 1673 21.54 -0.95 26.12
CA CYS A 1673 21.75 -2.06 27.04
C CYS A 1673 22.37 -3.28 26.40
N GLN A 1674 23.26 -3.89 27.20
CA GLN A 1674 24.11 -5.00 26.80
C GLN A 1674 23.30 -6.24 26.43
N MET A 1675 23.90 -7.07 25.58
CA MET A 1675 23.29 -8.32 25.17
C MET A 1675 24.38 -9.28 24.76
N LYS A 1676 24.07 -10.56 24.85
CA LYS A 1676 25.06 -11.62 24.70
C LYS A 1676 24.47 -12.69 23.79
N PHE A 1677 25.30 -13.27 22.94
CA PHE A 1677 24.80 -14.13 21.86
C PHE A 1677 25.51 -15.47 21.88
N GLN A 1678 24.89 -16.44 21.21
CA GLN A 1678 25.45 -17.78 21.03
C GLN A 1678 24.77 -18.40 19.81
N LEU A 1679 25.54 -19.05 18.94
CA LEU A 1679 24.89 -19.76 17.85
C LEU A 1679 24.04 -20.89 18.38
N ARG A 1680 22.89 -21.11 17.75
CA ARG A 1680 22.09 -22.29 18.05
C ARG A 1680 22.73 -23.55 17.46
N CYS A 1681 22.46 -24.67 18.12
CA CYS A 1681 22.80 -25.97 17.55
C CYS A 1681 21.97 -26.27 16.30
N THR A 1682 20.64 -26.21 16.43
CA THR A 1682 19.71 -26.47 15.34
C THR A 1682 18.79 -25.29 15.07
N PRO A 1683 18.37 -25.10 13.81
CA PRO A 1683 17.44 -24.02 13.47
C PRO A 1683 16.13 -24.11 14.25
N VAL A 1684 15.62 -22.96 14.66
CA VAL A 1684 14.29 -22.92 15.28
C VAL A 1684 13.26 -23.44 14.30
N PRO A 1685 12.24 -24.16 14.75
CA PRO A 1685 11.19 -24.63 13.84
C PRO A 1685 10.53 -23.53 13.01
N ALA A 1686 10.31 -23.84 11.73
CA ALA A 1686 9.49 -23.05 10.80
C ALA A 1686 9.96 -21.61 10.59
N ARG A 1687 11.20 -21.28 10.92
CA ARG A 1687 11.76 -20.03 10.44
C ARG A 1687 11.96 -20.07 8.92
N LEU A 1688 12.48 -18.97 8.39
CA LEU A 1688 12.65 -18.81 6.94
C LEU A 1688 13.78 -19.69 6.45
N ARG A 1689 13.50 -20.97 6.32
CA ARG A 1689 14.48 -21.91 5.82
C ARG A 1689 14.95 -21.46 4.44
N PRO A 1690 16.25 -21.26 4.23
CA PRO A 1690 16.72 -20.37 3.17
C PRO A 1690 16.71 -20.97 1.77
N ALA A 1691 16.14 -22.16 1.58
CA ALA A 1691 16.21 -22.85 0.29
C ALA A 1691 17.65 -22.95 -0.22
N ALA A 1692 18.56 -23.25 0.68
CA ALA A 1692 19.99 -23.19 0.41
C ALA A 1692 20.70 -24.13 1.38
N ALA A 1693 21.98 -24.36 1.11
CA ALA A 1693 22.80 -25.17 2.00
C ALA A 1693 22.88 -24.55 3.40
N PRO A 1694 22.99 -25.39 4.43
CA PRO A 1694 23.11 -24.86 5.80
C PRO A 1694 24.31 -23.95 5.96
N LEU A 1695 24.14 -22.94 6.81
CA LEU A 1695 25.14 -21.90 6.97
C LEU A 1695 26.45 -22.46 7.55
N GLU A 1696 26.37 -23.52 8.34
CA GLU A 1696 27.58 -24.19 8.82
C GLU A 1696 28.29 -24.97 7.71
N GLU A 1697 27.56 -25.39 6.68
CA GLU A 1697 28.14 -26.24 5.66
C GLU A 1697 29.10 -25.49 4.75
N LEU A 1698 29.08 -24.17 4.77
CA LEU A 1698 29.86 -23.35 3.85
C LEU A 1698 31.35 -23.46 4.14
N THR A 1699 32.15 -22.99 3.18
CA THR A 1699 33.59 -23.23 3.14
C THR A 1699 34.43 -22.10 3.71
N MET A 1700 33.82 -20.93 3.98
CA MET A 1700 34.50 -19.80 4.61
C MET A 1700 35.86 -19.49 4.00
N GLY A 1701 35.89 -19.35 2.67
CA GLY A 1701 37.14 -18.93 2.04
C GLY A 1701 36.95 -18.51 0.61
N THR A 1702 37.97 -17.83 0.09
CA THR A 1702 37.94 -17.29 -1.27
C THR A 1702 37.84 -18.37 -2.34
N SER A 1703 38.28 -19.59 -2.05
CA SER A 1703 38.08 -20.70 -2.97
C SER A 1703 36.61 -20.93 -3.33
N CYS A 1704 35.68 -20.42 -2.54
CA CYS A 1704 34.26 -20.54 -2.88
C CYS A 1704 33.88 -19.83 -4.17
N LEU A 1705 34.62 -18.82 -4.60
CA LEU A 1705 34.24 -18.09 -5.80
C LEU A 1705 34.33 -19.02 -7.02
N PRO A 1706 33.35 -18.99 -7.92
CA PRO A 1706 33.37 -19.88 -9.08
C PRO A 1706 34.52 -19.60 -10.02
N ASP A 1707 34.84 -20.62 -10.82
CA ASP A 1707 35.91 -20.55 -11.82
C ASP A 1707 35.78 -19.34 -12.72
N THR A 1708 34.56 -18.86 -12.96
CA THR A 1708 34.28 -17.64 -13.70
C THR A 1708 35.23 -16.50 -13.33
N PHE A 1709 35.65 -16.43 -12.07
CA PHE A 1709 36.53 -15.36 -11.65
C PHE A 1709 38.00 -15.73 -11.71
N THR A 1710 38.35 -17.01 -11.84
CA THR A 1710 39.74 -17.44 -11.79
C THR A 1710 40.16 -18.24 -13.01
N LYS A 1711 39.23 -18.65 -13.87
CA LYS A 1711 39.54 -19.49 -15.01
C LYS A 1711 40.65 -18.89 -15.87
N LEU A 1712 41.53 -19.77 -16.36
CA LEU A 1712 42.36 -19.48 -17.51
C LEU A 1712 41.86 -20.32 -18.68
N ILE A 1713 41.68 -19.68 -19.81
CA ILE A 1713 41.32 -20.37 -21.04
C ILE A 1713 42.61 -20.83 -21.73
N ASN A 1714 42.54 -21.98 -22.39
CA ASN A 1714 43.66 -22.47 -23.20
C ASN A 1714 43.09 -23.25 -24.36
N PRO A 1715 42.91 -22.62 -25.52
CA PRO A 1715 42.34 -23.32 -26.68
C PRO A 1715 43.13 -24.54 -27.12
N GLN A 1716 44.43 -24.58 -26.83
CA GLN A 1716 45.30 -25.69 -27.18
C GLN A 1716 45.28 -26.82 -26.16
N GLU A 1717 44.47 -26.72 -25.11
CA GLU A 1717 44.40 -27.75 -24.08
C GLU A 1717 43.80 -29.06 -24.57
N ASN A 1718 43.18 -29.09 -25.75
CA ASN A 1718 42.46 -30.27 -26.19
C ASN A 1718 42.71 -30.53 -27.67
N THR A 1719 42.36 -31.74 -28.10
CA THR A 1719 42.47 -32.13 -29.50
C THR A 1719 41.64 -31.20 -30.38
N CYS A 1720 42.23 -30.80 -31.51
CA CYS A 1720 41.56 -29.87 -32.41
C CYS A 1720 40.41 -30.51 -33.17
N SER A 1721 40.55 -31.79 -33.54
CA SER A 1721 39.52 -32.42 -34.35
C SER A 1721 38.21 -32.59 -33.60
N LEU A 1722 37.11 -32.27 -34.31
CA LEU A 1722 35.75 -32.61 -33.87
C LEU A 1722 35.61 -34.07 -33.48
N GLU A 1723 36.37 -34.97 -34.12
CA GLU A 1723 36.24 -36.39 -33.87
C GLU A 1723 36.39 -36.73 -32.39
N GLU A 1724 37.30 -36.04 -31.69
CA GLU A 1724 37.47 -36.29 -30.27
C GLU A 1724 36.18 -35.96 -29.52
N PHE A 1725 35.52 -34.88 -29.92
CA PHE A 1725 34.30 -34.44 -29.26
C PHE A 1725 33.10 -35.25 -29.70
N VAL A 1726 33.08 -35.66 -30.98
CA VAL A 1726 32.13 -36.67 -31.44
C VAL A 1726 32.26 -37.94 -30.62
N LEU A 1727 33.50 -38.43 -30.48
CA LEU A 1727 33.73 -39.60 -29.65
C LEU A 1727 33.28 -39.38 -28.22
N GLN A 1728 33.57 -38.19 -27.66
CA GLN A 1728 33.11 -37.89 -26.31
C GLN A 1728 31.59 -37.93 -26.22
N LEU A 1729 30.90 -37.45 -27.25
CA LEU A 1729 29.45 -37.53 -27.27
C LEU A 1729 28.97 -38.94 -27.63
N GLU A 1730 29.71 -39.64 -28.49
CA GLU A 1730 29.39 -41.03 -28.79
C GLU A 1730 29.56 -41.92 -27.57
N LEU A 1731 30.54 -41.63 -26.71
CA LEU A 1731 30.65 -42.33 -25.44
C LEU A 1731 29.71 -41.77 -24.38
N SER A 1732 29.18 -40.57 -24.58
CA SER A 1732 28.00 -40.14 -23.84
C SER A 1732 26.75 -40.82 -24.38
N GLY A 1733 25.61 -40.49 -23.79
CA GLY A 1733 24.34 -41.12 -24.09
C GLY A 1733 23.70 -40.69 -25.39
N TYR A 1734 24.38 -39.86 -26.17
CA TYR A 1734 23.77 -39.22 -27.32
C TYR A 1734 23.35 -40.25 -28.36
N SER A 1735 22.11 -40.17 -28.83
CA SER A 1735 21.73 -40.79 -30.08
C SER A 1735 22.45 -40.10 -31.24
N PRO A 1736 22.65 -40.81 -32.36
CA PRO A 1736 23.10 -40.14 -33.59
C PRO A 1736 22.24 -38.95 -33.98
N GLU A 1737 20.95 -38.97 -33.64
CA GLU A 1737 20.11 -37.80 -33.82
C GLU A 1737 20.61 -36.62 -32.99
N ASP A 1738 21.07 -36.90 -31.77
CA ASP A 1738 21.70 -35.86 -30.96
C ASP A 1738 23.08 -35.47 -31.50
N LEU A 1739 23.83 -36.44 -32.03
CA LEU A 1739 25.12 -36.13 -32.63
C LEU A 1739 24.98 -35.16 -33.79
N THR A 1740 24.06 -35.43 -34.72
CA THR A 1740 23.85 -34.50 -35.82
C THR A 1740 23.18 -33.20 -35.35
N ALA A 1741 22.33 -33.27 -34.33
CA ALA A 1741 21.78 -32.05 -33.74
C ALA A 1741 22.86 -31.18 -33.10
N ALA A 1742 23.75 -31.80 -32.31
CA ALA A 1742 24.87 -31.07 -31.74
C ALA A 1742 25.75 -30.48 -32.81
N LEU A 1743 26.08 -31.27 -33.85
CA LEU A 1743 26.87 -30.76 -34.95
C LEU A 1743 26.13 -29.66 -35.70
N GLU A 1744 24.81 -29.79 -35.83
CA GLU A 1744 24.02 -28.72 -36.43
C GLU A 1744 24.09 -27.43 -35.63
N ILE A 1745 24.05 -27.52 -34.30
CA ILE A 1745 24.23 -26.33 -33.47
C ILE A 1745 25.64 -25.77 -33.62
N LEU A 1746 26.65 -26.65 -33.50
CA LEU A 1746 28.03 -26.20 -33.56
C LEU A 1746 28.36 -25.49 -34.88
N GLU A 1747 27.85 -26.02 -35.99
CA GLU A 1747 28.15 -25.44 -37.31
C GLU A 1747 27.86 -23.94 -37.39
N ALA A 1748 26.74 -23.50 -36.81
CA ALA A 1748 26.42 -22.07 -36.84
C ALA A 1748 27.42 -21.23 -36.07
N ILE A 1749 27.89 -21.73 -34.92
CA ILE A 1749 28.79 -20.94 -34.09
C ILE A 1749 30.19 -20.86 -34.69
N ILE A 1750 30.70 -21.97 -35.23
CA ILE A 1750 32.01 -21.95 -35.87
C ILE A 1750 32.00 -21.14 -37.16
N ALA A 1751 30.84 -21.00 -37.81
CA ALA A 1751 30.78 -20.26 -39.06
C ALA A 1751 31.04 -18.77 -38.89
N THR A 1752 30.73 -18.20 -37.72
CA THR A 1752 30.87 -16.76 -37.54
C THR A 1752 32.30 -16.29 -37.30
N GLY A 1753 33.27 -17.19 -37.22
CA GLY A 1753 34.66 -16.80 -37.12
C GLY A 1753 35.03 -16.06 -35.84
N CYS A 1754 35.53 -14.83 -35.98
CA CYS A 1754 35.78 -14.02 -34.80
C CYS A 1754 34.50 -13.48 -34.16
N PHE A 1755 33.46 -13.24 -34.95
CA PHE A 1755 32.18 -12.94 -34.36
C PHE A 1755 31.58 -14.19 -33.73
N GLY A 1756 30.61 -13.98 -32.85
CA GLY A 1756 29.84 -15.06 -32.28
C GLY A 1756 28.36 -14.93 -32.59
N ILE A 1757 27.68 -16.07 -32.64
CA ILE A 1757 26.23 -16.06 -32.58
C ILE A 1757 25.80 -15.68 -31.17
N ASP A 1758 24.89 -14.72 -31.08
CA ASP A 1758 24.30 -14.41 -29.78
C ASP A 1758 23.36 -15.53 -29.36
N LYS A 1759 23.32 -15.79 -28.06
CA LYS A 1759 22.61 -16.94 -27.51
C LYS A 1759 21.15 -17.00 -27.96
N GLU A 1760 20.45 -15.87 -27.92
CA GLU A 1760 19.04 -15.86 -28.29
C GLU A 1760 18.82 -16.08 -29.78
N GLU A 1761 19.74 -15.64 -30.64
CA GLU A 1761 19.67 -15.98 -32.05
C GLU A 1761 19.84 -17.48 -32.27
N LEU A 1762 20.81 -18.09 -31.60
CA LEU A 1762 21.02 -19.53 -31.68
C LEU A 1762 19.79 -20.32 -31.22
N ARG A 1763 19.22 -19.94 -30.08
CA ARG A 1763 18.03 -20.64 -29.57
C ARG A 1763 16.84 -20.56 -30.51
N ARG A 1764 16.63 -19.43 -31.16
CA ARG A 1764 15.55 -19.36 -32.16
C ARG A 1764 15.84 -20.29 -33.33
N ARG A 1765 17.00 -20.14 -33.97
CA ARG A 1765 17.33 -20.91 -35.15
C ARG A 1765 17.19 -22.41 -34.92
N PHE A 1766 17.58 -22.89 -33.74
CA PHE A 1766 17.52 -24.31 -33.41
C PHE A 1766 16.46 -24.62 -32.35
N SER A 1767 15.42 -23.78 -32.26
CA SER A 1767 14.29 -24.07 -31.39
C SER A 1767 13.66 -25.42 -31.70
N ALA A 1768 13.74 -25.89 -32.94
CA ALA A 1768 13.29 -27.23 -33.29
C ALA A 1768 14.08 -28.31 -32.57
N LEU A 1769 15.29 -28.01 -32.10
CA LEU A 1769 16.10 -28.97 -31.36
C LEU A 1769 15.83 -28.94 -29.86
N GLU A 1770 14.93 -28.08 -29.40
CA GLU A 1770 14.64 -27.97 -27.97
C GLU A 1770 14.10 -29.28 -27.40
N LYS A 1771 13.07 -29.85 -28.04
CA LYS A 1771 12.16 -30.75 -27.34
C LYS A 1771 12.77 -32.10 -27.03
N ALA A 1772 13.87 -32.47 -27.69
CA ALA A 1772 14.49 -33.79 -27.51
C ALA A 1772 13.55 -34.93 -27.88
N GLY A 1773 12.61 -34.69 -28.79
CA GLY A 1773 11.79 -35.74 -29.35
C GLY A 1773 12.36 -36.30 -30.64
N GLY A 1774 11.54 -37.07 -31.33
CA GLY A 1774 11.84 -37.45 -32.70
C GLY A 1774 13.12 -38.25 -32.87
N GLY A 1775 13.46 -39.06 -31.86
CA GLY A 1775 14.70 -39.82 -31.88
C GLY A 1775 15.90 -39.13 -31.27
N ARG A 1776 15.74 -37.89 -30.82
CA ARG A 1776 16.72 -37.28 -29.94
C ARG A 1776 16.71 -37.97 -28.57
N THR A 1777 17.83 -37.85 -27.87
CA THR A 1777 17.92 -38.17 -26.45
C THR A 1777 18.31 -36.97 -25.60
N ARG A 1778 18.86 -35.91 -26.19
CA ARG A 1778 19.40 -34.79 -25.47
C ARG A 1778 18.60 -33.54 -25.84
N THR A 1779 18.49 -32.62 -24.89
CA THR A 1779 17.95 -31.31 -25.23
C THR A 1779 19.03 -30.41 -25.85
N PHE A 1780 18.56 -29.42 -26.60
CA PHE A 1780 19.45 -28.39 -27.14
C PHE A 1780 20.40 -27.86 -26.07
N ALA A 1781 19.86 -27.53 -24.90
CA ALA A 1781 20.66 -26.94 -23.84
C ALA A 1781 21.78 -27.87 -23.41
N ASP A 1782 21.51 -29.18 -23.33
CA ASP A 1782 22.56 -30.15 -23.06
C ASP A 1782 23.59 -30.20 -24.16
N CYS A 1783 23.16 -30.12 -25.41
CA CYS A 1783 24.08 -30.20 -26.54
C CYS A 1783 25.03 -29.00 -26.57
N ILE A 1784 24.49 -27.80 -26.45
CA ILE A 1784 25.34 -26.61 -26.42
C ILE A 1784 26.19 -26.56 -25.16
N GLN A 1785 25.63 -26.98 -24.02
CA GLN A 1785 26.41 -27.06 -22.79
C GLN A 1785 27.58 -28.03 -22.93
N ALA A 1786 27.36 -29.17 -23.57
CA ALA A 1786 28.48 -30.08 -23.83
C ALA A 1786 29.54 -29.43 -24.69
N LEU A 1787 29.13 -28.75 -25.76
CA LEU A 1787 30.10 -28.05 -26.61
C LEU A 1787 30.85 -26.98 -25.84
N LEU A 1788 30.16 -26.33 -24.90
CA LEU A 1788 30.79 -25.33 -24.04
C LEU A 1788 31.70 -25.99 -23.00
N GLU A 1789 31.22 -27.03 -22.34
CA GLU A 1789 32.01 -27.70 -21.31
C GLU A 1789 33.19 -28.46 -21.90
N GLN A 1790 32.98 -29.15 -22.99
CA GLN A 1790 34.12 -29.70 -23.73
C GLN A 1790 34.91 -28.64 -24.50
N HIS A 1791 34.56 -27.37 -24.28
CA HIS A 1791 35.35 -26.21 -24.70
C HIS A 1791 35.71 -26.28 -26.18
N GLN A 1792 34.76 -26.76 -26.97
CA GLN A 1792 34.70 -26.34 -28.37
C GLN A 1792 34.22 -24.91 -28.50
N VAL A 1793 33.46 -24.45 -27.51
CA VAL A 1793 32.82 -23.13 -27.53
C VAL A 1793 33.24 -22.41 -26.26
N LEU A 1794 33.23 -21.08 -26.31
CA LEU A 1794 33.41 -20.25 -25.13
C LEU A 1794 32.36 -19.17 -25.12
N GLU A 1795 31.81 -18.88 -23.93
CA GLU A 1795 30.85 -17.80 -23.76
C GLU A 1795 31.62 -16.48 -23.60
N VAL A 1796 32.11 -15.98 -24.74
CA VAL A 1796 32.97 -14.80 -24.74
C VAL A 1796 32.21 -13.51 -24.49
N GLY A 1797 30.89 -13.52 -24.61
CA GLY A 1797 30.15 -12.33 -24.25
C GLY A 1797 30.39 -11.18 -25.20
N GLY A 1798 30.33 -9.96 -24.65
CA GLY A 1798 30.23 -8.76 -25.44
C GLY A 1798 29.29 -7.78 -24.78
N ASN A 1799 28.45 -7.09 -25.54
CA ASN A 1799 27.35 -6.36 -24.94
C ASN A 1799 26.21 -7.27 -24.51
N THR A 1800 26.13 -8.47 -25.08
CA THR A 1800 25.19 -9.49 -24.66
C THR A 1800 25.86 -10.85 -24.80
N ALA A 1801 25.24 -11.88 -24.24
CA ALA A 1801 25.84 -13.21 -24.26
C ALA A 1801 25.96 -13.74 -25.68
N ARG A 1802 27.19 -13.92 -26.12
CA ARG A 1802 27.50 -14.50 -27.42
C ARG A 1802 28.39 -15.72 -27.26
N LEU A 1803 28.16 -16.73 -28.07
CA LEU A 1803 29.01 -17.91 -28.10
C LEU A 1803 29.89 -17.84 -29.33
N VAL A 1804 31.15 -18.26 -29.19
CA VAL A 1804 32.06 -18.35 -30.31
C VAL A 1804 32.83 -19.65 -30.23
N ALA A 1805 33.37 -20.07 -31.37
CA ALA A 1805 34.28 -21.21 -31.40
C ALA A 1805 35.54 -20.92 -30.59
N MET A 1806 35.91 -21.88 -29.75
CA MET A 1806 37.10 -21.77 -28.92
C MET A 1806 38.34 -21.48 -29.77
N GLY A 1807 38.43 -22.08 -30.95
CA GLY A 1807 39.55 -21.85 -31.85
C GLY A 1807 39.68 -20.43 -32.36
N SER A 1808 38.69 -19.57 -32.15
CA SER A 1808 38.74 -18.21 -32.67
C SER A 1808 38.41 -17.15 -31.62
N ALA A 1809 38.24 -17.55 -30.35
CA ALA A 1809 37.83 -16.63 -29.29
C ALA A 1809 38.89 -15.59 -28.95
N TRP A 1810 40.12 -15.75 -29.44
CA TRP A 1810 41.27 -14.96 -28.99
C TRP A 1810 41.01 -13.48 -28.76
N PRO A 1811 40.43 -12.71 -29.68
CA PRO A 1811 40.30 -11.27 -29.45
C PRO A 1811 39.36 -10.90 -28.32
N TRP A 1812 38.53 -11.83 -27.84
CA TRP A 1812 37.72 -11.59 -26.64
C TRP A 1812 38.49 -11.81 -25.34
N LEU A 1813 39.72 -12.28 -25.40
CA LEU A 1813 40.47 -12.66 -24.21
C LEU A 1813 41.72 -11.80 -24.09
N LEU A 1814 42.03 -11.40 -22.86
CA LEU A 1814 43.31 -10.78 -22.57
C LEU A 1814 44.40 -11.84 -22.51
N HIS A 1815 45.53 -11.54 -23.14
CA HIS A 1815 46.73 -12.35 -23.04
C HIS A 1815 47.74 -11.64 -22.15
N SER A 1816 48.20 -12.33 -21.11
CA SER A 1816 49.10 -11.74 -20.12
C SER A 1816 50.06 -12.83 -19.65
N VAL A 1817 50.87 -12.51 -18.65
CA VAL A 1817 51.84 -13.45 -18.09
C VAL A 1817 51.82 -13.36 -16.57
N ARG A 1818 51.92 -14.51 -15.91
CA ARG A 1818 52.35 -14.55 -14.53
C ARG A 1818 53.85 -14.29 -14.44
N LEU A 1819 54.27 -13.62 -13.38
CA LEU A 1819 55.70 -13.53 -13.09
C LEU A 1819 56.24 -14.88 -12.64
N ASP A 1976 61.19 -16.12 -16.84
CA ASP A 1976 60.75 -15.53 -15.58
C ASP A 1976 59.24 -15.39 -15.54
N CYS A 1977 58.60 -15.58 -16.69
CA CYS A 1977 57.17 -15.35 -16.82
C CYS A 1977 56.53 -16.50 -17.59
N GLU A 1978 55.22 -16.65 -17.43
CA GLU A 1978 54.49 -17.72 -18.09
C GLU A 1978 53.16 -17.21 -18.63
N SER A 1979 52.86 -17.61 -19.86
CA SER A 1979 51.72 -17.08 -20.61
C SER A 1979 50.39 -17.57 -20.04
N VAL A 1980 49.43 -16.65 -19.92
CA VAL A 1980 48.10 -16.95 -19.43
C VAL A 1980 47.09 -16.10 -20.20
N CYS A 1981 45.87 -16.64 -20.35
CA CYS A 1981 44.79 -15.95 -21.05
C CYS A 1981 43.49 -16.04 -20.25
N PHE A 1982 42.71 -14.97 -20.28
CA PHE A 1982 41.54 -14.87 -19.42
C PHE A 1982 40.60 -13.81 -20.00
N ILE A 1983 39.34 -13.85 -19.55
CA ILE A 1983 38.38 -12.81 -19.90
C ILE A 1983 38.72 -11.54 -19.13
N GLY A 1984 38.76 -10.42 -19.84
CA GLY A 1984 39.09 -9.15 -19.20
C GLY A 1984 37.97 -8.62 -18.33
N ARG A 1985 38.30 -8.26 -17.09
CA ARG A 1985 37.34 -7.76 -16.13
C ARG A 1985 38.02 -6.75 -15.22
N PRO A 1986 37.27 -5.78 -14.69
CA PRO A 1986 37.90 -4.73 -13.88
C PRO A 1986 38.50 -5.24 -12.57
N TRP A 1987 37.95 -6.30 -12.01
CA TRP A 1987 38.42 -6.86 -10.76
C TRP A 1987 39.49 -7.92 -10.93
N ARG A 1988 39.87 -8.26 -12.14
CA ARG A 1988 40.93 -9.23 -12.32
C ARG A 1988 42.29 -8.54 -12.43
N VAL A 1989 43.32 -9.22 -11.95
CA VAL A 1989 44.68 -8.69 -12.00
C VAL A 1989 45.15 -8.56 -13.44
N VAL A 1990 45.84 -7.46 -13.73
CA VAL A 1990 46.43 -7.22 -15.04
C VAL A 1990 47.33 -8.36 -15.48
N ASP A 1991 47.93 -9.09 -14.53
CA ASP A 1991 48.74 -10.25 -14.89
C ASP A 1991 47.92 -11.45 -15.35
N GLY A 1992 46.60 -11.39 -15.21
CA GLY A 1992 45.76 -12.52 -15.57
C GLY A 1992 45.82 -13.69 -14.62
N HIS A 1993 46.91 -13.83 -13.86
CA HIS A 1993 47.07 -14.99 -13.01
C HIS A 1993 46.07 -15.01 -11.86
N LEU A 1994 45.54 -13.85 -11.48
CA LEU A 1994 44.73 -13.75 -10.27
C LEU A 1994 43.56 -12.80 -10.49
N ASN A 1995 42.59 -12.89 -9.58
CA ASN A 1995 41.62 -11.84 -9.34
C ASN A 1995 42.17 -10.86 -8.31
N LEU A 1996 41.59 -9.66 -8.27
CA LEU A 1996 41.97 -8.69 -7.26
C LEU A 1996 40.94 -8.68 -6.13
N PRO A 1997 41.25 -9.26 -4.97
CA PRO A 1997 40.28 -9.26 -3.87
C PRO A 1997 39.86 -7.87 -3.39
N VAL A 1998 40.77 -6.89 -3.43
CA VAL A 1998 40.41 -5.54 -3.03
C VAL A 1998 39.39 -4.91 -3.99
N CYS A 1999 39.39 -5.32 -5.26
CA CYS A 1999 38.38 -4.83 -6.19
C CYS A 1999 37.00 -5.43 -5.98
N LYS A 2000 36.91 -6.54 -5.26
CA LYS A 2000 35.63 -7.23 -5.11
C LYS A 2000 34.68 -6.51 -4.18
N GLY A 2001 35.09 -5.37 -3.62
CA GLY A 2001 34.17 -4.32 -3.23
C GLY A 2001 33.17 -3.97 -4.31
N MET A 2002 33.53 -4.27 -5.57
CA MET A 2002 32.56 -4.19 -6.66
C MET A 2002 31.42 -5.18 -6.47
N MET A 2003 31.74 -6.39 -6.03
CA MET A 2003 30.74 -7.42 -5.79
C MET A 2003 30.01 -7.18 -4.48
N GLU A 2004 30.70 -6.68 -3.46
CA GLU A 2004 30.01 -6.17 -2.28
C GLU A 2004 29.03 -5.05 -2.61
N ALA A 2005 29.46 -4.08 -3.41
CA ALA A 2005 28.54 -3.06 -3.90
C ALA A 2005 27.39 -3.62 -4.72
N MET A 2006 27.67 -4.61 -5.58
CA MET A 2006 26.61 -5.22 -6.37
C MET A 2006 25.52 -5.84 -5.50
N LEU A 2007 25.91 -6.54 -4.43
CA LEU A 2007 24.92 -6.97 -3.46
C LEU A 2007 24.20 -5.77 -2.84
N TYR A 2008 24.92 -4.72 -2.44
CA TYR A 2008 24.24 -3.56 -1.88
C TYR A 2008 23.32 -2.90 -2.89
N HIS A 2009 23.61 -3.05 -4.19
CA HIS A 2009 22.70 -2.56 -5.21
C HIS A 2009 21.39 -3.32 -5.15
N ILE A 2010 21.47 -4.65 -5.27
CA ILE A 2010 20.27 -5.46 -5.19
C ILE A 2010 19.68 -5.41 -3.78
N MET A 2011 20.50 -5.14 -2.77
CA MET A 2011 19.93 -4.91 -1.44
C MET A 2011 19.17 -3.59 -1.39
N THR A 2012 19.67 -2.56 -2.06
CA THR A 2012 18.94 -1.28 -2.08
C THR A 2012 17.73 -1.37 -2.99
N ARG A 2013 17.84 -2.10 -4.10
CA ARG A 2013 16.77 -2.24 -5.08
C ARG A 2013 16.44 -3.71 -5.33
N PRO A 2014 15.83 -4.39 -4.35
CA PRO A 2014 15.51 -5.81 -4.51
C PRO A 2014 14.32 -5.96 -5.44
N GLY A 2015 14.43 -6.89 -6.38
CA GLY A 2015 13.44 -7.03 -7.41
C GLY A 2015 13.73 -6.22 -8.65
N ILE A 2016 14.90 -5.58 -8.69
CA ILE A 2016 15.28 -4.78 -9.85
C ILE A 2016 15.29 -5.65 -11.10
N PRO A 2017 14.63 -5.24 -12.18
CA PRO A 2017 14.69 -6.04 -13.41
C PRO A 2017 16.03 -5.89 -14.10
N GLU A 2018 16.48 -6.98 -14.71
CA GLU A 2018 17.81 -7.07 -15.29
C GLU A 2018 18.12 -5.91 -16.26
N SER A 2019 17.18 -5.60 -17.15
CA SER A 2019 17.38 -4.55 -18.14
C SER A 2019 17.52 -3.16 -17.53
N SER A 2020 17.22 -2.97 -16.25
CA SER A 2020 17.51 -1.72 -15.56
C SER A 2020 18.79 -1.78 -14.77
N LEU A 2021 19.05 -2.90 -14.11
CA LEU A 2021 20.30 -3.10 -13.37
C LEU A 2021 21.49 -3.10 -14.32
N LEU A 2022 21.42 -3.88 -15.40
CA LEU A 2022 22.53 -3.95 -16.35
C LEU A 2022 22.78 -2.60 -17.03
N ARG A 2023 21.71 -1.88 -17.38
CA ARG A 2023 21.86 -0.55 -17.96
C ARG A 2023 22.36 0.48 -16.95
N HIS A 2024 22.05 0.33 -15.66
CA HIS A 2024 22.59 1.27 -14.68
C HIS A 2024 24.11 1.36 -14.77
N TYR A 2025 24.79 0.24 -14.94
CA TYR A 2025 26.23 0.25 -15.08
C TYR A 2025 26.70 0.59 -16.49
N GLN A 2026 25.81 1.15 -17.32
CA GLN A 2026 26.10 1.37 -18.74
C GLN A 2026 27.47 1.99 -18.98
N GLY A 2027 27.82 3.00 -18.20
CA GLY A 2027 29.13 3.60 -18.36
C GLY A 2027 30.27 2.77 -17.83
N VAL A 2028 30.14 2.29 -16.59
CA VAL A 2028 31.28 1.74 -15.89
C VAL A 2028 31.62 0.32 -16.37
N LEU A 2029 30.66 -0.60 -16.34
CA LEU A 2029 30.92 -2.01 -16.58
C LEU A 2029 30.46 -2.43 -17.97
N GLN A 2030 31.31 -3.16 -18.68
CA GLN A 2030 30.91 -3.89 -19.86
C GLN A 2030 29.73 -4.79 -19.52
N PRO A 2031 28.56 -4.59 -20.14
CA PRO A 2031 27.31 -5.07 -19.53
C PRO A 2031 27.21 -6.56 -19.25
N VAL A 2032 27.87 -7.42 -20.04
CA VAL A 2032 27.95 -8.83 -19.69
C VAL A 2032 28.66 -9.03 -18.35
N ALA A 2033 29.67 -8.22 -18.06
CA ALA A 2033 30.33 -8.31 -16.75
C ALA A 2033 29.37 -8.08 -15.59
N VAL A 2034 28.30 -7.33 -15.81
CA VAL A 2034 27.27 -7.22 -14.78
C VAL A 2034 26.60 -8.56 -14.54
N LEU A 2035 26.36 -9.31 -15.61
CA LEU A 2035 25.74 -10.63 -15.46
C LEU A 2035 26.68 -11.64 -14.79
N GLU A 2036 27.98 -11.57 -15.05
CA GLU A 2036 28.91 -12.49 -14.42
C GLU A 2036 29.07 -12.23 -12.92
N LEU A 2037 29.04 -10.97 -12.49
CA LEU A 2037 28.95 -10.70 -11.05
C LEU A 2037 27.65 -11.26 -10.47
N LEU A 2038 26.55 -11.10 -11.19
CA LEU A 2038 25.31 -11.69 -10.72
C LEU A 2038 25.38 -13.21 -10.75
N GLN A 2039 26.03 -13.77 -11.77
CA GLN A 2039 26.28 -15.21 -11.78
C GLN A 2039 27.09 -15.64 -10.57
N GLY A 2040 28.12 -14.87 -10.23
CA GLY A 2040 28.90 -15.06 -9.04
C GLY A 2040 28.12 -15.10 -7.74
N LEU A 2041 27.44 -13.99 -7.44
CA LEU A 2041 26.69 -13.91 -6.19
C LEU A 2041 25.60 -14.98 -6.08
N GLU A 2042 25.07 -15.48 -7.19
CA GLU A 2042 24.10 -16.57 -7.08
C GLU A 2042 24.79 -17.88 -6.72
N SER A 2043 25.97 -18.15 -7.26
CA SER A 2043 26.70 -19.34 -6.86
C SER A 2043 27.21 -19.25 -5.42
N LEU A 2044 27.43 -18.03 -4.92
CA LEU A 2044 27.68 -17.84 -3.50
C LEU A 2044 26.42 -18.02 -2.67
N GLY A 2045 25.25 -17.98 -3.28
CA GLY A 2045 24.00 -18.07 -2.56
C GLY A 2045 23.43 -16.74 -2.12
N CYS A 2046 24.11 -15.64 -2.37
CA CYS A 2046 23.61 -14.33 -1.97
C CYS A 2046 22.45 -13.85 -2.84
N ILE A 2047 22.36 -14.27 -4.09
CA ILE A 2047 21.44 -13.69 -5.07
C ILE A 2047 20.53 -14.76 -5.64
N ARG A 2048 19.26 -14.41 -5.85
CA ARG A 2048 18.27 -15.25 -6.52
C ARG A 2048 17.78 -14.57 -7.79
N LYS A 2049 17.95 -15.24 -8.92
CA LYS A 2049 17.29 -14.86 -10.17
C LYS A 2049 15.86 -15.39 -10.27
N ARG A 2050 15.00 -14.61 -10.91
CA ARG A 2050 13.63 -15.01 -11.22
C ARG A 2050 13.28 -14.46 -12.60
N TRP A 2051 12.24 -15.03 -13.24
CA TRP A 2051 11.85 -14.57 -14.56
C TRP A 2051 10.36 -14.28 -14.64
N LEU A 2052 10.00 -13.40 -15.57
CA LEU A 2052 8.65 -13.25 -16.08
C LEU A 2052 8.63 -13.54 -17.56
N ARG A 2053 7.48 -14.00 -18.06
CA ARG A 2053 7.25 -14.04 -19.49
C ARG A 2053 6.93 -12.65 -20.02
N LYS A 2054 7.45 -12.35 -21.21
CA LYS A 2054 7.43 -10.99 -21.72
C LYS A 2054 5.99 -10.51 -21.93
N PRO A 2055 5.62 -9.36 -21.38
CA PRO A 2055 4.25 -8.85 -21.55
C PRO A 2055 3.98 -8.42 -22.98
N ARG A 2056 2.83 -8.86 -23.51
CA ARG A 2056 2.35 -8.37 -24.79
C ARG A 2056 1.90 -6.91 -24.68
N PRO A 2057 1.97 -6.16 -25.78
CA PRO A 2057 1.65 -4.73 -25.72
C PRO A 2057 0.22 -4.47 -25.28
N VAL A 2058 0.05 -3.37 -24.52
CA VAL A 2058 -1.23 -3.02 -23.91
C VAL A 2058 -2.17 -2.26 -24.82
N SER A 2059 -1.73 -1.90 -26.02
CA SER A 2059 -2.60 -1.22 -26.98
C SER A 2059 -3.80 -2.07 -27.37
N LEU A 2060 -4.76 -1.39 -28.02
CA LEU A 2060 -5.81 -2.02 -28.81
C LEU A 2060 -6.57 -3.12 -28.06
N PHE A 2061 -7.19 -2.71 -26.95
CA PHE A 2061 -8.10 -3.56 -26.17
C PHE A 2061 -7.44 -4.82 -25.64
N SER A 2062 -6.12 -4.89 -25.62
CA SER A 2062 -5.48 -6.08 -25.07
C SER A 2062 -5.65 -6.13 -23.55
N THR A 2063 -5.29 -7.27 -22.99
CA THR A 2063 -5.21 -7.44 -21.55
C THR A 2063 -3.89 -8.14 -21.25
N PRO A 2064 -3.17 -7.72 -20.21
CA PRO A 2064 -1.79 -8.21 -20.03
C PRO A 2064 -1.74 -9.69 -19.69
N VAL A 2065 -0.87 -10.40 -20.38
CA VAL A 2065 -0.38 -11.72 -19.99
C VAL A 2065 0.66 -11.51 -18.90
N VAL A 2066 0.22 -11.47 -17.65
CA VAL A 2066 1.07 -11.17 -16.51
C VAL A 2066 1.25 -12.43 -15.68
N GLU A 2067 2.49 -12.92 -15.62
CA GLU A 2067 2.78 -14.20 -15.00
C GLU A 2067 4.28 -14.28 -14.70
N GLU A 2068 4.61 -15.01 -13.64
CA GLU A 2068 5.94 -15.56 -13.47
C GLU A 2068 6.10 -16.83 -14.32
N VAL A 2069 7.35 -17.17 -14.61
CA VAL A 2069 7.66 -18.36 -15.39
C VAL A 2069 9.02 -18.88 -14.94
N GLU A 2070 9.33 -20.12 -15.28
CA GLU A 2070 10.57 -20.79 -14.90
C GLU A 2070 11.43 -21.14 -16.12
N VAL A 2071 11.42 -20.27 -17.13
CA VAL A 2071 12.23 -20.34 -18.35
C VAL A 2071 12.27 -21.74 -18.96
N PRO A 2072 11.12 -22.34 -19.29
CA PRO A 2072 11.11 -23.75 -19.66
C PRO A 2072 11.47 -24.01 -21.11
N SER A 2073 11.48 -22.99 -21.97
CA SER A 2073 11.23 -23.17 -23.39
C SER A 2073 11.95 -22.11 -24.20
N SER A 2074 12.18 -22.43 -25.46
CA SER A 2074 12.51 -21.47 -26.51
C SER A 2074 11.39 -21.24 -27.52
N LEU A 2075 10.59 -22.27 -27.82
CA LEU A 2075 9.46 -22.10 -28.73
C LEU A 2075 8.46 -21.08 -28.22
N ASP A 2076 8.42 -20.81 -26.92
CA ASP A 2076 7.89 -19.57 -26.40
C ASP A 2076 8.83 -19.02 -25.34
N GLU A 2077 8.99 -17.71 -25.33
CA GLU A 2077 10.08 -17.03 -24.65
C GLU A 2077 9.79 -16.82 -23.17
N SER A 2078 10.84 -16.41 -22.45
CA SER A 2078 10.79 -16.00 -21.05
C SER A 2078 11.91 -15.03 -20.71
N PRO A 2079 12.08 -13.93 -21.46
CA PRO A 2079 13.33 -13.17 -21.40
C PRO A 2079 13.48 -12.24 -20.21
N MET A 2080 12.41 -11.78 -19.59
CA MET A 2080 12.52 -10.78 -18.52
C MET A 2080 12.99 -11.44 -17.23
N ALA A 2081 14.31 -11.51 -17.05
CA ALA A 2081 14.87 -11.92 -15.78
C ALA A 2081 14.98 -10.74 -14.83
N PHE A 2082 14.83 -11.03 -13.54
CA PHE A 2082 15.01 -10.01 -12.51
C PHE A 2082 15.58 -10.69 -11.28
N TYR A 2083 16.15 -9.89 -10.38
CA TYR A 2083 16.97 -10.44 -9.31
C TYR A 2083 16.48 -9.99 -7.94
N GLU A 2084 16.71 -10.85 -6.96
CA GLU A 2084 16.46 -10.59 -5.55
C GLU A 2084 17.64 -11.02 -4.72
N PRO A 2085 17.92 -10.34 -3.61
CA PRO A 2085 18.85 -10.91 -2.63
C PRO A 2085 18.24 -12.10 -1.93
N THR A 2086 19.10 -13.01 -1.47
CA THR A 2086 18.68 -14.06 -0.57
C THR A 2086 18.77 -13.62 0.90
N LEU A 2087 18.23 -14.46 1.77
CA LEU A 2087 17.96 -14.08 3.15
C LEU A 2087 19.23 -13.74 3.92
N ASP A 2088 20.37 -14.30 3.52
CA ASP A 2088 21.60 -14.24 4.32
C ASP A 2088 22.78 -13.71 3.52
N CYS A 2089 22.51 -12.97 2.45
CA CYS A 2089 23.54 -12.56 1.50
C CYS A 2089 24.77 -11.90 2.13
N THR A 2090 24.58 -11.10 3.18
CA THR A 2090 25.75 -10.51 3.85
C THR A 2090 26.63 -11.56 4.52
N LEU A 2091 26.04 -12.58 5.15
CA LEU A 2091 26.86 -13.64 5.71
C LEU A 2091 27.49 -14.50 4.61
N ARG A 2092 26.71 -14.85 3.61
CA ARG A 2092 27.18 -15.67 2.49
C ARG A 2092 28.31 -15.03 1.70
N LEU A 2093 28.32 -13.70 1.59
CA LEU A 2093 29.42 -13.02 0.93
C LEU A 2093 30.63 -12.80 1.82
N GLY A 2094 30.42 -12.27 3.03
CA GLY A 2094 31.55 -11.84 3.84
C GLY A 2094 32.54 -12.96 4.11
N ARG A 2095 32.05 -14.18 4.28
CA ARG A 2095 32.92 -15.33 4.49
C ARG A 2095 33.97 -15.52 3.40
N VAL A 2096 33.77 -14.94 2.22
CA VAL A 2096 34.69 -15.18 1.13
C VAL A 2096 35.89 -14.24 1.17
N PHE A 2097 35.76 -13.06 1.75
CA PHE A 2097 36.75 -12.01 1.60
C PHE A 2097 37.41 -11.61 2.91
N PRO A 2098 38.74 -11.68 2.99
CA PRO A 2098 39.45 -11.07 4.12
C PRO A 2098 39.17 -9.58 4.24
N HIS A 2099 39.09 -9.13 5.49
CA HIS A 2099 38.71 -7.77 5.84
C HIS A 2099 39.86 -6.79 5.70
N GLU A 2100 40.50 -6.80 4.53
CA GLU A 2100 41.53 -5.84 4.20
C GLU A 2100 40.94 -4.47 3.88
N VAL A 2101 41.83 -3.46 3.89
CA VAL A 2101 41.41 -2.08 3.70
C VAL A 2101 40.74 -1.90 2.34
N ASN A 2102 39.60 -1.22 2.33
CA ASN A 2102 38.79 -1.07 1.14
C ASN A 2102 39.46 -0.13 0.13
N TRP A 2103 39.10 -0.31 -1.13
CA TRP A 2103 39.51 0.55 -2.23
C TRP A 2103 38.90 1.95 -2.17
N ASN A 2104 37.96 2.18 -1.25
CA ASN A 2104 37.00 3.29 -1.27
C ASN A 2104 37.58 4.61 -0.76
N LYS A 2105 38.86 4.64 -0.34
CA LYS A 2105 39.40 5.78 0.39
C LYS A 2105 39.31 7.10 -0.38
N TRP A 2106 39.24 7.04 -1.71
CA TRP A 2106 39.08 8.25 -2.52
C TRP A 2106 37.75 8.98 -2.29
N ILE A 2107 36.77 8.35 -1.63
CA ILE A 2107 35.44 8.94 -1.52
C ILE A 2107 35.40 10.25 -0.75
N HIS A 2108 36.43 10.57 0.03
CA HIS A 2108 36.47 11.87 0.70
C HIS A 2108 36.39 13.02 -0.30
N LEU A 2109 35.61 14.05 0.07
CA LEU A 2109 35.21 15.10 -0.86
C LEU A 2109 36.41 15.83 -1.45
N ASP B 419 -87.45 0.67 27.71
CA ASP B 419 -88.07 0.03 26.55
C ASP B 419 -87.74 -1.46 26.49
N MET B 420 -88.35 -2.14 25.53
CA MET B 420 -88.25 -3.61 25.46
C MET B 420 -86.80 -4.07 25.35
N GLY B 421 -85.92 -3.25 24.79
CA GLY B 421 -84.51 -3.61 24.71
C GLY B 421 -83.89 -3.95 26.06
N ASP B 422 -84.33 -3.27 27.12
CA ASP B 422 -83.85 -3.61 28.46
C ASP B 422 -84.37 -4.97 28.90
N LEU B 423 -85.66 -5.23 28.70
CA LEU B 423 -86.23 -6.52 29.03
C LEU B 423 -85.63 -7.64 28.18
N TYR B 424 -85.43 -7.38 26.89
CA TYR B 424 -84.82 -8.38 26.01
C TYR B 424 -83.36 -8.62 26.36
N LEU B 425 -82.63 -7.57 26.77
CA LEU B 425 -81.29 -7.77 27.29
C LEU B 425 -81.28 -8.61 28.56
N ASP B 426 -82.25 -8.40 29.44
CA ASP B 426 -82.41 -9.26 30.61
C ASP B 426 -82.71 -10.70 30.19
N VAL B 427 -83.57 -10.87 29.18
CA VAL B 427 -83.82 -12.19 28.60
C VAL B 427 -82.55 -12.73 27.95
N ALA B 428 -81.75 -11.86 27.33
CA ALA B 428 -80.47 -12.28 26.78
C ALA B 428 -79.53 -12.79 27.87
N GLU B 429 -79.45 -12.08 28.99
CA GLU B 429 -78.74 -12.59 30.16
C GLU B 429 -79.36 -13.88 30.67
N ALA B 430 -80.70 -14.00 30.59
CA ALA B 430 -81.35 -15.25 30.96
C ALA B 430 -80.93 -16.42 30.08
N PHE B 431 -80.51 -16.16 28.84
CA PHE B 431 -79.89 -17.23 28.04
C PHE B 431 -78.59 -17.70 28.66
N LEU B 432 -77.73 -16.76 29.08
CA LEU B 432 -76.50 -17.15 29.76
C LEU B 432 -76.77 -17.78 31.11
N ASP B 433 -77.84 -17.36 31.79
CA ASP B 433 -78.28 -18.05 33.01
C ASP B 433 -78.74 -19.48 32.76
N VAL B 434 -78.99 -19.87 31.52
CA VAL B 434 -79.19 -21.27 31.17
C VAL B 434 -78.08 -21.78 30.25
N GLY B 435 -76.97 -21.05 30.17
CA GLY B 435 -75.83 -21.53 29.43
C GLY B 435 -75.97 -21.47 27.92
N GLU B 436 -76.81 -20.59 27.41
CA GLU B 436 -77.09 -20.52 25.98
C GLU B 436 -76.72 -19.13 25.45
N TYR B 437 -76.31 -19.08 24.19
CA TYR B 437 -75.93 -17.82 23.56
C TYR B 437 -76.68 -17.60 22.25
N ASN B 438 -77.01 -18.69 21.56
CA ASN B 438 -77.46 -18.59 20.17
C ASN B 438 -78.81 -17.89 20.02
N SER B 439 -79.69 -18.02 21.02
CA SER B 439 -80.98 -17.34 21.00
C SER B 439 -80.88 -15.82 21.08
N ALA B 440 -79.71 -15.28 21.42
CA ALA B 440 -79.49 -13.83 21.31
C ALA B 440 -79.62 -13.35 19.87
N LEU B 441 -79.36 -14.23 18.89
CA LEU B 441 -79.45 -13.82 17.49
C LEU B 441 -80.89 -13.55 17.07
N PRO B 442 -81.85 -14.47 17.24
CA PRO B 442 -83.27 -14.08 17.07
C PRO B 442 -83.69 -12.89 17.92
N LEU B 443 -83.26 -12.85 19.19
CA LEU B 443 -83.68 -11.78 20.09
C LEU B 443 -83.21 -10.41 19.60
N LEU B 444 -81.95 -10.30 19.17
CA LEU B 444 -81.50 -9.06 18.57
C LEU B 444 -82.23 -8.78 17.26
N SER B 445 -82.43 -9.80 16.43
CA SER B 445 -83.13 -9.62 15.16
C SER B 445 -84.56 -9.10 15.35
N ALA B 446 -85.16 -9.36 16.52
CA ALA B 446 -86.45 -8.77 16.85
C ALA B 446 -86.35 -7.32 17.29
N LEU B 447 -85.19 -6.89 17.79
CA LEU B 447 -85.01 -5.49 18.20
C LEU B 447 -84.57 -4.60 17.05
N VAL B 448 -83.55 -5.01 16.30
CA VAL B 448 -82.92 -4.10 15.35
C VAL B 448 -83.71 -4.09 14.04
N CYS B 449 -83.54 -3.02 13.28
CA CYS B 449 -84.25 -2.85 12.02
C CYS B 449 -83.44 -1.98 11.05
N ALA B 456 -73.51 -0.94 19.98
CA ALA B 456 -74.38 -0.75 21.14
C ALA B 456 -74.42 -1.99 22.01
N VAL B 457 -74.88 -1.82 23.26
CA VAL B 457 -74.81 -2.91 24.24
C VAL B 457 -75.57 -4.14 23.75
N VAL B 458 -76.64 -3.95 22.99
CA VAL B 458 -77.36 -5.08 22.42
C VAL B 458 -76.54 -5.74 21.32
N TRP B 459 -75.88 -4.93 20.48
CA TRP B 459 -74.95 -5.47 19.50
C TRP B 459 -73.71 -6.07 20.17
N LEU B 460 -73.34 -5.58 21.36
CA LEU B 460 -72.24 -6.16 22.10
C LEU B 460 -72.62 -7.52 22.70
N ARG B 461 -73.77 -7.58 23.36
CA ARG B 461 -74.32 -8.86 23.82
C ARG B 461 -74.41 -9.86 22.68
N HIS B 462 -74.92 -9.42 21.52
CA HIS B 462 -74.97 -10.27 20.35
C HIS B 462 -73.58 -10.64 19.85
N ALA B 463 -72.68 -9.66 19.74
CA ALA B 463 -71.32 -9.94 19.28
C ALA B 463 -70.58 -10.89 20.22
N GLU B 464 -70.69 -10.67 21.53
CA GLU B 464 -70.00 -11.54 22.49
C GLU B 464 -70.68 -12.88 22.67
N CYS B 465 -72.00 -12.97 22.45
CA CYS B 465 -72.63 -14.27 22.25
C CYS B 465 -72.06 -14.97 21.02
N LEU B 466 -71.89 -14.24 19.92
CA LEU B 466 -71.29 -14.81 18.71
C LEU B 466 -69.85 -15.23 18.94
N LYS B 467 -69.15 -14.55 19.86
CA LYS B 467 -67.80 -14.96 20.22
C LYS B 467 -67.81 -16.20 21.11
N ALA B 468 -68.81 -16.34 21.99
CA ALA B 468 -68.94 -17.58 22.74
C ALA B 468 -69.39 -18.71 21.84
N LEU B 469 -70.30 -18.42 20.90
CA LEU B 469 -70.58 -19.30 19.79
C LEU B 469 -69.37 -19.36 18.84
N GLY B 470 -69.44 -20.25 17.86
CA GLY B 470 -68.38 -20.39 16.88
C GLY B 470 -68.28 -19.29 15.84
N TYR B 471 -69.24 -18.36 15.82
CA TYR B 471 -69.41 -17.46 14.66
C TYR B 471 -68.49 -16.25 14.76
N MET B 472 -67.19 -16.53 14.91
CA MET B 472 -66.21 -15.47 15.19
C MET B 472 -66.23 -14.38 14.12
N GLU B 473 -66.39 -14.77 12.85
CA GLU B 473 -66.47 -13.78 11.79
C GLU B 473 -67.73 -12.93 11.89
N ARG B 474 -68.85 -13.55 12.25
CA ARG B 474 -70.06 -12.79 12.49
C ARG B 474 -69.97 -11.96 13.76
N ALA B 475 -69.25 -12.46 14.76
CA ALA B 475 -68.94 -11.65 15.95
C ALA B 475 -68.14 -10.40 15.58
N ALA B 476 -67.10 -10.57 14.77
CA ALA B 476 -66.34 -9.41 14.30
C ALA B 476 -67.21 -8.45 13.50
N GLU B 477 -68.04 -8.97 12.59
CA GLU B 477 -68.97 -8.10 11.89
C GLU B 477 -69.93 -7.41 12.85
N SER B 478 -70.42 -8.13 13.86
CA SER B 478 -71.27 -7.52 14.88
C SER B 478 -70.48 -6.51 15.72
N TYR B 479 -69.24 -6.83 16.07
CA TYR B 479 -68.35 -5.85 16.67
C TYR B 479 -68.06 -4.67 15.76
N GLY B 480 -68.06 -4.88 14.44
CA GLY B 480 -68.02 -3.77 13.51
C GLY B 480 -69.14 -2.78 13.75
N LYS B 481 -70.37 -3.28 13.81
CA LYS B 481 -71.52 -2.42 14.12
C LYS B 481 -71.42 -1.82 15.52
N VAL B 482 -70.89 -2.57 16.49
CA VAL B 482 -70.61 -1.99 17.80
C VAL B 482 -69.67 -0.80 17.68
N VAL B 483 -68.55 -0.98 16.99
CA VAL B 483 -67.57 0.10 16.89
C VAL B 483 -68.10 1.24 16.05
N ASP B 484 -68.92 0.94 15.04
CA ASP B 484 -69.61 2.00 14.30
C ASP B 484 -70.57 2.75 15.21
N LEU B 485 -71.29 2.03 16.07
CA LEU B 485 -72.24 2.67 16.97
C LEU B 485 -71.59 3.25 18.22
N ALA B 486 -70.44 2.72 18.64
CA ALA B 486 -69.82 3.14 19.90
C ALA B 486 -68.30 3.10 19.78
N PRO B 487 -67.72 3.97 18.95
CA PRO B 487 -66.28 3.90 18.69
C PRO B 487 -65.43 4.23 19.90
N LEU B 488 -65.99 4.92 20.90
CA LEU B 488 -65.30 5.25 22.14
C LEU B 488 -65.10 4.06 23.05
N HIS B 489 -65.77 2.94 22.80
CA HIS B 489 -65.68 1.78 23.70
C HIS B 489 -64.38 1.04 23.42
N LEU B 490 -63.39 1.27 24.30
CA LEU B 490 -62.05 0.74 24.11
C LEU B 490 -62.05 -0.78 23.96
N ASP B 491 -62.85 -1.47 24.77
CA ASP B 491 -62.89 -2.92 24.70
C ASP B 491 -63.42 -3.42 23.37
N ALA B 492 -64.45 -2.75 22.83
CA ALA B 492 -64.92 -3.08 21.49
C ALA B 492 -63.86 -2.75 20.45
N ARG B 493 -63.20 -1.61 20.60
CA ARG B 493 -62.12 -1.22 19.70
C ARG B 493 -61.05 -2.30 19.64
N ILE B 494 -60.61 -2.78 20.79
CA ILE B 494 -59.67 -3.90 20.86
C ILE B 494 -60.30 -5.19 20.34
N SER B 495 -61.53 -5.49 20.75
CA SER B 495 -62.15 -6.77 20.38
C SER B 495 -62.30 -6.92 18.87
N LEU B 496 -62.72 -5.86 18.18
CA LEU B 496 -62.86 -5.93 16.72
C LEU B 496 -61.52 -6.25 16.05
N SER B 497 -60.50 -5.47 16.36
CA SER B 497 -59.19 -5.66 15.76
C SER B 497 -58.56 -7.00 16.14
N THR B 498 -58.64 -7.38 17.42
CA THR B 498 -58.10 -8.68 17.83
C THR B 498 -58.86 -9.85 17.22
N LEU B 499 -60.19 -9.74 17.09
CA LEU B 499 -60.91 -10.77 16.36
C LEU B 499 -60.54 -10.79 14.89
N GLN B 500 -60.40 -9.62 14.26
CA GLN B 500 -59.95 -9.57 12.88
C GLN B 500 -58.56 -10.16 12.74
N GLN B 501 -57.68 -9.86 13.70
CA GLN B 501 -56.37 -10.52 13.76
C GLN B 501 -56.52 -12.04 13.92
N GLN B 502 -57.46 -12.46 14.76
CA GLN B 502 -57.72 -13.89 14.93
C GLN B 502 -58.29 -14.51 13.66
N LEU B 503 -59.11 -13.76 12.92
CA LEU B 503 -59.65 -14.28 11.68
C LEU B 503 -58.59 -14.35 10.58
N GLY B 504 -57.58 -13.48 10.63
CA GLY B 504 -56.42 -13.65 9.78
C GLY B 504 -55.47 -12.47 9.79
N GLN B 505 -54.26 -12.68 9.29
CA GLN B 505 -53.24 -11.64 9.20
C GLN B 505 -52.42 -11.84 7.93
N PRO B 506 -52.13 -10.75 7.19
CA PRO B 506 -52.76 -9.43 7.26
C PRO B 506 -54.17 -9.42 6.67
N GLU B 507 -55.15 -8.92 7.42
CA GLU B 507 -56.53 -8.85 6.96
C GLU B 507 -57.19 -7.56 7.42
N LYS B 508 -56.45 -6.45 7.30
CA LYS B 508 -56.92 -5.14 7.75
C LYS B 508 -57.33 -5.17 9.22
N ALA B 509 -56.49 -5.78 10.06
CA ALA B 509 -56.78 -5.92 11.48
C ALA B 509 -56.36 -4.70 12.29
N LEU B 510 -55.44 -3.88 11.77
CA LEU B 510 -55.01 -2.70 12.50
C LEU B 510 -56.03 -1.58 12.43
N GLU B 511 -56.85 -1.55 11.38
CA GLU B 511 -58.06 -0.75 11.38
C GLU B 511 -58.91 -1.07 12.59
N ALA B 512 -59.61 -0.04 13.09
CA ALA B 512 -60.24 -0.03 14.41
C ALA B 512 -59.23 -0.15 15.55
N LEU B 513 -57.97 0.21 15.30
CA LEU B 513 -57.07 0.64 16.37
C LEU B 513 -56.70 2.12 16.20
N GLU B 514 -57.55 2.89 15.55
CA GLU B 514 -57.37 4.34 15.48
C GLU B 514 -57.80 4.99 16.79
N PRO B 515 -56.93 5.77 17.45
CA PRO B 515 -57.34 6.48 18.66
C PRO B 515 -58.29 7.62 18.36
N MET B 516 -57.95 8.42 17.34
CA MET B 516 -58.73 9.59 16.93
C MET B 516 -58.86 10.59 18.08
N TYR B 517 -57.79 10.76 18.86
CA TYR B 517 -57.73 11.72 19.95
C TYR B 517 -56.60 12.70 19.70
N ASP B 518 -56.82 13.97 20.08
CA ASP B 518 -56.06 15.08 19.53
C ASP B 518 -55.14 15.71 20.57
N PRO B 519 -53.89 15.99 20.19
CA PRO B 519 -52.89 16.43 21.17
C PRO B 519 -53.15 17.81 21.74
N ASP B 520 -53.93 18.66 21.05
CA ASP B 520 -54.36 19.92 21.63
C ASP B 520 -55.47 19.71 22.66
N THR B 521 -56.28 18.67 22.49
CA THR B 521 -57.47 18.47 23.30
C THR B 521 -57.15 17.70 24.58
N LEU B 522 -55.86 17.40 24.81
CA LEU B 522 -55.41 16.64 25.98
C LEU B 522 -55.79 17.29 27.31
N ALA B 523 -56.22 18.56 27.30
CA ALA B 523 -56.88 19.13 28.48
C ALA B 523 -58.05 18.28 28.96
N GLN B 524 -58.63 17.46 28.08
CA GLN B 524 -59.51 16.36 28.44
C GLN B 524 -59.06 15.04 27.85
N ASP B 525 -58.50 15.02 26.64
CA ASP B 525 -58.03 13.81 25.98
C ASP B 525 -56.81 13.17 26.65
N ALA B 526 -56.26 13.78 27.71
CA ALA B 526 -55.30 13.06 28.53
C ALA B 526 -55.94 11.83 29.17
N ASN B 527 -57.22 11.91 29.51
CA ASN B 527 -57.95 10.70 29.89
C ASN B 527 -58.02 9.71 28.74
N ALA B 528 -58.32 10.20 27.53
CA ALA B 528 -58.31 9.35 26.35
C ALA B 528 -56.92 8.84 26.00
N ALA B 529 -55.86 9.52 26.46
CA ALA B 529 -54.51 9.01 26.27
C ALA B 529 -54.28 7.68 26.98
N GLN B 530 -55.07 7.38 28.01
CA GLN B 530 -55.08 6.03 28.56
C GLN B 530 -55.48 5.00 27.50
N GLN B 531 -56.56 5.28 26.77
CA GLN B 531 -56.94 4.43 25.64
C GLN B 531 -55.87 4.43 24.56
N GLU B 532 -55.36 5.63 24.22
CA GLU B 532 -54.34 5.74 23.19
C GLU B 532 -53.12 4.88 23.51
N LEU B 533 -52.62 4.97 24.74
CA LEU B 533 -51.50 4.13 25.14
C LEU B 533 -51.86 2.65 25.09
N LYS B 534 -53.03 2.29 25.59
CA LYS B 534 -53.50 0.91 25.49
C LYS B 534 -53.66 0.46 24.04
N LEU B 535 -54.25 1.31 23.20
CA LEU B 535 -54.38 0.98 21.79
C LEU B 535 -53.03 0.82 21.10
N LEU B 536 -52.11 1.75 21.35
CA LEU B 536 -50.77 1.64 20.78
C LEU B 536 -50.06 0.38 21.25
N LEU B 537 -50.22 0.00 22.52
CA LEU B 537 -49.66 -1.26 22.98
C LEU B 537 -50.20 -2.44 22.18
N HIS B 538 -51.53 -2.56 22.09
CA HIS B 538 -52.12 -3.61 21.26
C HIS B 538 -51.66 -3.49 19.82
N ARG B 539 -51.77 -2.30 19.24
CA ARG B 539 -51.37 -2.08 17.85
C ARG B 539 -49.92 -2.50 17.63
N SER B 540 -49.05 -2.19 18.59
CA SER B 540 -47.66 -2.60 18.52
C SER B 540 -47.51 -4.10 18.35
N THR B 541 -48.32 -4.89 19.06
CA THR B 541 -48.26 -6.33 18.93
C THR B 541 -48.74 -6.81 17.57
N LEU B 542 -49.76 -6.15 16.99
CA LEU B 542 -50.17 -6.50 15.64
C LEU B 542 -49.08 -6.18 14.63
N LEU B 543 -48.47 -4.99 14.74
CA LEU B 543 -47.36 -4.63 13.87
C LEU B 543 -46.19 -5.60 14.04
N PHE B 544 -45.82 -5.89 15.28
CA PHE B 544 -44.72 -6.81 15.54
C PHE B 544 -45.01 -8.20 15.02
N SER B 545 -46.22 -8.71 15.26
CA SER B 545 -46.59 -10.02 14.74
C SER B 545 -46.72 -10.02 13.22
N GLN B 546 -47.14 -8.91 12.62
CA GLN B 546 -47.11 -8.84 11.15
C GLN B 546 -45.69 -8.72 10.62
N GLY B 547 -44.82 -8.03 11.35
CA GLY B 547 -43.49 -7.72 10.91
C GLY B 547 -43.32 -6.36 10.29
N LYS B 548 -44.31 -5.46 10.45
CA LYS B 548 -44.18 -4.07 9.99
C LYS B 548 -43.31 -3.32 10.99
N MET B 549 -42.03 -3.67 10.96
CA MET B 549 -41.04 -3.23 11.94
C MET B 549 -41.02 -1.71 12.12
N TYR B 550 -41.03 -0.97 11.02
CA TYR B 550 -41.05 0.49 11.12
C TYR B 550 -42.32 1.01 11.79
N GLY B 551 -43.48 0.47 11.41
CA GLY B 551 -44.70 0.86 12.08
C GLY B 551 -44.73 0.47 13.55
N TYR B 552 -44.20 -0.71 13.88
CA TYR B 552 -44.06 -1.13 15.26
C TYR B 552 -43.20 -0.14 16.06
N VAL B 553 -42.04 0.22 15.52
CA VAL B 553 -41.20 1.26 16.11
C VAL B 553 -41.95 2.57 16.26
N ASP B 554 -42.76 2.95 15.26
CA ASP B 554 -43.56 4.16 15.36
C ASP B 554 -44.47 4.16 16.59
N THR B 555 -45.15 3.05 16.86
CA THR B 555 -45.97 2.97 18.06
C THR B 555 -45.13 3.05 19.33
N LEU B 556 -44.01 2.32 19.35
CA LEU B 556 -43.11 2.37 20.50
C LEU B 556 -42.56 3.78 20.73
N LEU B 557 -42.11 4.43 19.66
CA LEU B 557 -41.56 5.78 19.80
C LEU B 557 -42.62 6.80 20.23
N THR B 558 -43.82 6.70 19.68
CA THR B 558 -44.90 7.60 20.11
C THR B 558 -45.23 7.41 21.57
N MET B 559 -45.36 6.15 22.01
CA MET B 559 -45.57 5.89 23.43
C MET B 559 -44.42 6.44 24.28
N LEU B 560 -43.18 6.12 23.90
CA LEU B 560 -42.03 6.63 24.64
C LEU B 560 -41.92 8.15 24.57
N ALA B 561 -42.35 8.77 23.45
CA ALA B 561 -42.40 10.21 23.41
C ALA B 561 -43.40 10.75 24.42
N MET B 562 -44.60 10.15 24.46
CA MET B 562 -45.58 10.53 25.47
C MET B 562 -45.04 10.35 26.87
N LEU B 563 -44.24 9.29 27.08
CA LEU B 563 -43.62 9.06 28.38
C LEU B 563 -42.48 10.04 28.66
N LEU B 564 -41.61 10.28 27.68
CA LEU B 564 -40.28 10.80 27.98
C LEU B 564 -39.90 12.08 27.23
N LYS B 565 -40.81 12.66 26.45
CA LYS B 565 -40.48 13.87 25.68
C LYS B 565 -39.90 14.97 26.56
N VAL B 566 -40.35 15.07 27.81
CA VAL B 566 -39.82 16.02 28.78
C VAL B 566 -38.35 15.82 29.09
N ALA B 567 -37.74 14.75 28.60
CA ALA B 567 -36.29 14.58 28.64
C ALA B 567 -35.65 14.59 27.27
N MET B 568 -36.35 14.08 26.25
CA MET B 568 -35.84 14.13 24.88
C MET B 568 -35.55 15.57 24.47
N ASN B 569 -36.51 16.46 24.72
CA ASN B 569 -36.29 17.88 24.44
C ASN B 569 -35.13 18.43 25.26
N ARG B 570 -34.97 17.97 26.49
CA ARG B 570 -33.81 18.35 27.29
C ARG B 570 -32.53 17.74 26.73
N ALA B 571 -32.64 16.58 26.11
CA ALA B 571 -31.55 16.04 25.29
C ALA B 571 -31.44 16.72 23.94
N GLN B 572 -32.24 17.77 23.70
CA GLN B 572 -32.40 18.40 22.39
C GLN B 572 -32.62 17.36 21.28
N VAL B 573 -33.45 16.37 21.58
CA VAL B 573 -33.91 15.37 20.63
C VAL B 573 -35.40 15.58 20.41
N CYS B 574 -35.82 15.48 19.15
CA CYS B 574 -37.23 15.64 18.79
C CYS B 574 -37.65 14.54 17.82
N LEU B 575 -38.95 14.36 17.71
CA LEU B 575 -39.54 13.37 16.82
C LEU B 575 -40.13 14.02 15.58
N ILE B 576 -39.88 13.41 14.42
CA ILE B 576 -40.32 13.89 13.11
C ILE B 576 -40.85 12.68 12.34
N SER B 577 -41.49 12.97 11.21
CA SER B 577 -41.86 11.92 10.26
C SER B 577 -41.47 12.30 8.85
N SER B 578 -41.05 11.30 8.07
CA SER B 578 -40.68 11.51 6.67
C SER B 578 -40.79 10.20 5.92
N SER B 579 -40.95 10.33 4.60
CA SER B 579 -41.02 9.20 3.67
C SER B 579 -39.66 8.63 3.29
N LYS B 580 -38.56 9.11 3.89
CA LYS B 580 -37.22 8.70 3.45
C LYS B 580 -37.03 7.19 3.48
N SER B 581 -37.78 6.49 4.33
CA SER B 581 -37.73 5.03 4.33
C SER B 581 -38.55 4.39 3.21
N GLY B 582 -39.14 5.19 2.33
CA GLY B 582 -40.05 4.69 1.31
C GLY B 582 -41.49 4.87 1.67
N GLU B 583 -41.79 5.18 2.92
CA GLU B 583 -43.13 5.50 3.38
C GLU B 583 -42.99 6.46 4.55
N ARG B 584 -44.05 7.25 4.79
CA ARG B 584 -44.03 8.22 5.87
C ARG B 584 -43.94 7.48 7.21
N HIS B 585 -42.79 7.60 7.86
CA HIS B 585 -42.52 6.93 9.12
C HIS B 585 -41.81 7.89 10.05
N LEU B 586 -41.76 7.54 11.33
CA LEU B 586 -41.19 8.41 12.35
C LEU B 586 -39.71 8.14 12.54
N TYR B 587 -38.97 9.19 12.90
CA TYR B 587 -37.56 9.11 13.22
C TYR B 587 -37.26 10.10 14.33
N LEU B 588 -36.25 9.77 15.14
CA LEU B 588 -35.68 10.72 16.09
C LEU B 588 -34.58 11.55 15.46
N ILE B 589 -34.46 12.80 15.89
CA ILE B 589 -33.40 13.70 15.44
C ILE B 589 -32.95 14.56 16.61
N LYS B 590 -31.69 14.98 16.55
CA LYS B 590 -31.23 16.14 17.30
C LYS B 590 -31.75 17.42 16.67
N VAL B 591 -31.95 18.43 17.51
CA VAL B 591 -32.39 19.75 17.06
C VAL B 591 -31.40 20.80 17.53
N SER B 592 -31.15 21.78 16.67
CA SER B 592 -30.21 22.85 16.97
C SER B 592 -30.79 23.85 17.94
N ARG B 593 -29.95 24.29 18.89
CA ARG B 593 -30.40 25.17 19.96
C ARG B 593 -30.91 26.50 19.45
N ASP B 594 -30.50 26.91 18.24
CA ASP B 594 -31.09 28.08 17.61
C ASP B 594 -32.56 27.87 17.28
N LYS B 595 -33.01 26.62 17.20
CA LYS B 595 -34.40 26.28 16.94
C LYS B 595 -35.07 25.75 18.20
N ILE B 596 -34.54 24.68 18.78
CA ILE B 596 -35.01 24.15 20.05
C ILE B 596 -33.78 23.77 20.86
N SER B 597 -33.77 24.15 22.14
CA SER B 597 -32.58 24.03 22.96
C SER B 597 -32.90 23.31 24.27
N ASP B 598 -31.91 22.63 24.80
CA ASP B 598 -31.85 22.31 26.22
C ASP B 598 -31.88 23.59 27.04
N SER B 604 -44.90 21.71 33.75
CA SER B 604 -45.63 21.11 34.84
C SER B 604 -46.83 21.97 35.23
N ALA B 605 -47.15 22.95 34.38
CA ALA B 605 -48.21 23.90 34.67
C ALA B 605 -49.54 23.19 34.90
N ASN B 606 -50.29 23.67 35.88
CA ASN B 606 -51.54 23.04 36.36
C ASN B 606 -51.35 21.56 36.68
N CYS B 607 -50.15 21.18 37.10
CA CYS B 607 -49.79 19.79 37.39
C CYS B 607 -49.96 18.86 36.19
N ASP B 608 -49.94 19.40 34.96
CA ASP B 608 -50.25 18.61 33.78
C ASP B 608 -49.29 17.43 33.61
N ALA B 609 -48.00 17.68 33.77
CA ALA B 609 -46.99 16.63 33.60
C ALA B 609 -47.18 15.48 34.57
N LYS B 610 -47.40 15.78 35.86
CA LYS B 610 -47.66 14.71 36.83
C LYS B 610 -49.02 14.07 36.62
N ALA B 611 -50.01 14.82 36.12
CA ALA B 611 -51.27 14.19 35.72
C ALA B 611 -51.07 13.23 34.55
N ILE B 612 -50.30 13.65 33.54
CA ILE B 612 -49.96 12.76 32.43
C ILE B 612 -49.19 11.55 32.93
N PHE B 613 -48.20 11.78 33.81
CA PHE B 613 -47.49 10.67 34.45
C PHE B 613 -48.44 9.75 35.20
N ALA B 614 -49.34 10.32 36.00
CA ALA B 614 -50.28 9.50 36.78
C ALA B 614 -51.17 8.65 35.90
N VAL B 615 -51.77 9.25 34.87
CA VAL B 615 -52.66 8.50 33.99
C VAL B 615 -51.91 7.45 33.17
N LEU B 616 -50.73 7.79 32.66
CA LEU B 616 -49.98 6.81 31.87
C LEU B 616 -49.33 5.72 32.73
N THR B 617 -48.91 6.04 33.95
CA THR B 617 -48.47 4.97 34.86
C THR B 617 -49.61 4.07 35.30
N SER B 618 -50.86 4.53 35.22
CA SER B 618 -51.99 3.63 35.42
C SER B 618 -52.05 2.54 34.37
N VAL B 619 -51.50 2.78 33.18
CA VAL B 619 -51.41 1.72 32.18
C VAL B 619 -50.16 0.87 32.39
N LEU B 620 -48.99 1.51 32.43
CA LEU B 620 -47.72 0.82 32.51
C LEU B 620 -46.97 1.26 33.77
N THR B 621 -46.62 0.30 34.60
CA THR B 621 -45.65 0.55 35.66
C THR B 621 -44.27 0.84 35.07
N LYS B 622 -43.43 1.46 35.89
CA LYS B 622 -42.13 1.95 35.43
C LYS B 622 -41.25 0.83 34.89
N ASP B 623 -41.33 -0.37 35.47
CA ASP B 623 -40.64 -1.52 34.91
C ASP B 623 -41.13 -1.87 33.51
N ASP B 624 -42.38 -1.57 33.19
CA ASP B 624 -42.83 -1.69 31.81
C ASP B 624 -42.37 -0.51 30.96
N TRP B 625 -42.19 0.67 31.55
CA TRP B 625 -41.49 1.74 30.85
C TRP B 625 -40.05 1.33 30.55
N TRP B 626 -39.42 0.64 31.49
CA TRP B 626 -38.13 0.02 31.22
C TRP B 626 -38.22 -1.05 30.15
N ASN B 627 -39.25 -1.89 30.20
CA ASN B 627 -39.47 -2.87 29.15
C ASN B 627 -39.69 -2.20 27.80
N LEU B 628 -40.44 -1.11 27.77
CA LEU B 628 -40.56 -0.33 26.54
C LEU B 628 -39.20 0.19 26.07
N LEU B 629 -38.41 0.71 27.00
CA LEU B 629 -37.05 1.14 26.66
C LEU B 629 -36.24 0.01 26.05
N LEU B 630 -36.27 -1.17 26.68
CA LEU B 630 -35.58 -2.33 26.13
C LEU B 630 -36.09 -2.69 24.75
N LYS B 631 -37.42 -2.86 24.63
CA LYS B 631 -38.02 -3.25 23.35
C LYS B 631 -37.71 -2.26 22.24
N ALA B 632 -37.76 -0.96 22.53
CA ALA B 632 -37.43 0.05 21.54
C ALA B 632 -35.97 -0.01 21.12
N ILE B 633 -35.07 -0.08 22.10
CA ILE B 633 -33.65 -0.18 21.81
C ILE B 633 -33.36 -1.43 20.97
N TYR B 634 -33.90 -2.57 21.39
CA TYR B 634 -33.71 -3.80 20.62
C TYR B 634 -34.22 -3.65 19.19
N SER B 635 -35.47 -3.18 19.03
CA SER B 635 -36.04 -3.06 17.70
C SER B 635 -35.29 -2.04 16.85
N LEU B 636 -34.89 -0.92 17.43
CA LEU B 636 -34.03 0.02 16.72
C LEU B 636 -32.71 -0.60 16.31
N CYS B 637 -32.10 -1.39 17.20
CA CYS B 637 -30.84 -2.05 16.87
C CYS B 637 -31.03 -3.10 15.78
N ASP B 638 -32.07 -3.92 15.88
CA ASP B 638 -32.27 -4.94 14.86
C ASP B 638 -32.78 -4.36 13.55
N LEU B 639 -33.34 -3.16 13.56
CA LEU B 639 -33.58 -2.42 12.34
C LEU B 639 -32.33 -1.71 11.82
N SER B 640 -31.19 -1.87 12.51
CA SER B 640 -29.93 -1.20 12.19
C SER B 640 -30.00 0.32 12.32
N ARG B 641 -31.03 0.85 12.97
CA ARG B 641 -31.15 2.29 13.19
C ARG B 641 -30.43 2.70 14.46
N PHE B 642 -29.19 2.21 14.59
CA PHE B 642 -28.40 2.37 15.81
C PHE B 642 -28.26 3.83 16.21
N GLN B 643 -28.17 4.74 15.24
CA GLN B 643 -28.11 6.16 15.53
C GLN B 643 -29.29 6.61 16.37
N GLU B 644 -30.50 6.25 15.96
CA GLU B 644 -31.68 6.65 16.70
C GLU B 644 -31.76 5.98 18.07
N ALA B 645 -31.29 4.74 18.18
CA ALA B 645 -31.17 4.10 19.49
C ALA B 645 -30.26 4.88 20.42
N GLU B 646 -29.15 5.40 19.89
CA GLU B 646 -28.27 6.22 20.71
C GLU B 646 -28.96 7.50 21.16
N LEU B 647 -29.70 8.15 20.27
CA LEU B 647 -30.46 9.33 20.66
C LEU B 647 -31.49 9.01 21.75
N LEU B 648 -32.18 7.87 21.62
CA LEU B 648 -33.09 7.43 22.67
C LEU B 648 -32.37 7.14 23.98
N VAL B 649 -31.23 6.45 23.90
CA VAL B 649 -30.45 6.15 25.11
C VAL B 649 -30.03 7.43 25.83
N ASP B 650 -29.48 8.39 25.10
CA ASP B 650 -29.05 9.64 25.74
C ASP B 650 -30.24 10.36 26.37
N SER B 651 -31.38 10.37 25.69
CA SER B 651 -32.59 10.91 26.27
C SER B 651 -33.01 10.13 27.51
N SER B 652 -32.82 8.81 27.51
CA SER B 652 -33.17 8.01 28.67
C SER B 652 -32.17 8.19 29.81
N LEU B 653 -30.90 8.42 29.50
CA LEU B 653 -29.96 8.83 30.54
C LEU B 653 -30.30 10.21 31.07
N GLU B 654 -30.84 11.08 30.23
CA GLU B 654 -31.37 12.36 30.70
C GLU B 654 -32.60 12.18 31.58
N TYR B 655 -33.31 11.06 31.45
CA TYR B 655 -34.45 10.79 32.34
C TYR B 655 -34.00 10.41 33.73
N TYR B 656 -33.92 11.43 34.61
CA TYR B 656 -33.40 11.28 35.97
C TYR B 656 -34.04 10.13 36.72
N SER B 657 -35.34 9.90 36.52
CA SER B 657 -36.08 8.90 37.29
C SER B 657 -35.78 7.47 36.87
N PHE B 658 -34.92 7.27 35.87
CA PHE B 658 -34.18 6.03 35.72
C PHE B 658 -32.69 6.20 35.93
N TYR B 659 -32.14 7.36 35.55
CA TYR B 659 -30.71 7.62 35.75
C TYR B 659 -30.34 7.51 37.23
N ASP B 660 -31.28 7.83 38.13
CA ASP B 660 -31.06 7.67 39.56
C ASP B 660 -31.01 6.21 40.01
N ASP B 661 -31.46 5.27 39.19
CA ASP B 661 -31.31 3.84 39.46
C ASP B 661 -30.07 3.36 38.72
N ARG B 662 -28.94 3.33 39.41
CA ARG B 662 -27.64 3.15 38.77
C ARG B 662 -27.52 1.82 38.02
N GLN B 663 -28.29 0.80 38.41
CA GLN B 663 -28.32 -0.43 37.62
C GLN B 663 -28.92 -0.19 36.24
N LYS B 664 -30.05 0.51 36.19
CA LYS B 664 -30.62 0.91 34.91
C LYS B 664 -29.66 1.80 34.15
N ARG B 665 -29.07 2.77 34.85
CA ARG B 665 -28.09 3.66 34.24
C ARG B 665 -26.95 2.87 33.61
N LYS B 666 -26.35 1.95 34.36
CA LYS B 666 -25.28 1.13 33.78
C LYS B 666 -25.78 0.39 32.54
N GLU B 667 -26.98 -0.19 32.61
CA GLU B 667 -27.51 -0.91 31.47
C GLU B 667 -27.80 0.01 30.28
N LEU B 668 -28.34 1.20 30.54
CA LEU B 668 -28.45 2.19 29.49
C LEU B 668 -27.08 2.58 28.94
N GLU B 669 -26.10 2.79 29.83
CA GLU B 669 -24.75 3.08 29.38
C GLU B 669 -24.21 1.98 28.48
N TYR B 670 -24.43 0.72 28.85
CA TYR B 670 -24.00 -0.38 28.01
C TYR B 670 -24.69 -0.38 26.65
N PHE B 671 -26.00 -0.14 26.63
CA PHE B 671 -26.67 0.02 25.33
C PHE B 671 -26.10 1.22 24.58
N GLY B 672 -25.99 2.35 25.26
CA GLY B 672 -25.47 3.55 24.62
C GLY B 672 -24.09 3.34 24.04
N LEU B 673 -23.23 2.67 24.80
CA LEU B 673 -21.92 2.29 24.28
C LEU B 673 -22.06 1.36 23.08
N SER B 674 -22.85 0.31 23.22
CA SER B 674 -23.01 -0.67 22.15
C SER B 674 -23.55 -0.05 20.87
N ALA B 675 -24.55 0.82 20.98
CA ALA B 675 -25.05 1.52 19.81
C ALA B 675 -24.00 2.46 19.22
N ALA B 676 -23.38 3.28 20.06
CA ALA B 676 -22.41 4.23 19.57
C ALA B 676 -21.15 3.58 19.02
N ILE B 677 -20.84 2.35 19.43
CA ILE B 677 -19.81 1.59 18.75
C ILE B 677 -20.31 1.11 17.39
N LEU B 678 -21.51 0.53 17.37
CA LEU B 678 -21.98 -0.19 16.20
C LEU B 678 -22.46 0.73 15.08
N ASP B 679 -22.77 1.98 15.38
CA ASP B 679 -22.97 3.00 14.37
C ASP B 679 -21.68 3.76 14.01
N LYS B 680 -20.56 3.41 14.64
CA LYS B 680 -19.26 4.07 14.48
C LYS B 680 -19.24 5.52 14.94
N ASN B 681 -20.18 5.95 15.78
CA ASN B 681 -20.07 7.26 16.42
C ASN B 681 -19.07 7.16 17.59
N PHE B 682 -17.82 6.90 17.23
CA PHE B 682 -16.80 6.61 18.23
C PHE B 682 -16.54 7.78 19.18
N ARG B 683 -16.75 9.02 18.72
CA ARG B 683 -16.71 10.15 19.64
C ARG B 683 -17.72 10.03 20.76
N LYS B 684 -18.96 9.69 20.41
CA LYS B 684 -19.99 9.48 21.42
C LYS B 684 -19.73 8.24 22.26
N ALA B 685 -19.17 7.19 21.65
CA ALA B 685 -18.81 5.99 22.41
C ALA B 685 -17.78 6.29 23.49
N TYR B 686 -16.74 7.05 23.16
CA TYR B 686 -15.70 7.39 24.13
C TYR B 686 -16.30 7.98 25.40
N ASN B 687 -17.24 8.92 25.24
CA ASN B 687 -17.85 9.56 26.40
C ASN B 687 -18.47 8.55 27.36
N TYR B 688 -18.94 7.41 26.86
CA TYR B 688 -19.45 6.37 27.73
C TYR B 688 -18.34 5.49 28.32
N ILE B 689 -17.50 4.91 27.45
CA ILE B 689 -16.53 3.93 27.89
C ILE B 689 -15.53 4.54 28.88
N ARG B 690 -15.24 5.83 28.73
CA ARG B 690 -14.38 6.52 29.69
C ARG B 690 -14.92 6.39 31.11
N ILE B 691 -16.23 6.52 31.29
CA ILE B 691 -16.81 6.41 32.62
C ILE B 691 -16.66 4.99 33.18
N MET B 692 -17.03 3.99 32.40
CA MET B 692 -17.00 2.60 32.87
C MET B 692 -15.61 2.14 33.26
N VAL B 693 -14.61 2.46 32.44
CA VAL B 693 -13.22 2.08 32.74
C VAL B 693 -12.72 2.74 34.01
N MET B 694 -12.94 4.06 34.13
CA MET B 694 -12.48 4.78 35.32
C MET B 694 -13.08 4.22 36.60
N GLU B 695 -14.25 3.57 36.52
CA GLU B 695 -14.82 2.92 37.69
C GLU B 695 -14.31 1.49 37.92
N ASN B 696 -13.74 0.84 36.90
CA ASN B 696 -13.41 -0.59 36.97
C ASN B 696 -12.06 -0.80 36.26
N VAL B 697 -11.01 -0.30 36.90
CA VAL B 697 -9.73 -0.01 36.28
C VAL B 697 -9.00 -1.24 35.74
N ASN B 698 -9.49 -2.45 36.00
CA ASN B 698 -8.73 -3.64 35.64
C ASN B 698 -9.50 -4.74 34.93
N LYS B 699 -10.79 -4.58 34.67
CA LYS B 699 -11.54 -5.62 33.97
C LYS B 699 -11.10 -5.67 32.52
N PRO B 700 -10.58 -6.80 32.03
CA PRO B 700 -10.00 -6.82 30.68
C PRO B 700 -10.96 -6.49 29.56
N GLN B 701 -12.20 -6.99 29.64
CA GLN B 701 -13.15 -6.79 28.54
C GLN B 701 -13.75 -5.39 28.52
N LEU B 702 -13.34 -4.52 29.43
CA LEU B 702 -13.48 -3.09 29.20
C LEU B 702 -12.33 -2.55 28.35
N TRP B 703 -11.10 -2.82 28.77
CA TRP B 703 -9.94 -2.29 28.07
C TRP B 703 -9.89 -2.73 26.61
N ASN B 704 -10.30 -3.96 26.33
CA ASN B 704 -10.37 -4.44 24.95
C ASN B 704 -11.24 -3.56 24.06
N ILE B 705 -12.34 -3.01 24.59
CA ILE B 705 -13.22 -2.17 23.79
C ILE B 705 -12.74 -0.73 23.79
N PHE B 706 -12.41 -0.20 24.96
CA PHE B 706 -11.87 1.16 25.09
C PHE B 706 -10.71 1.41 24.13
N ASN B 707 -9.85 0.41 23.94
CA ASN B 707 -8.75 0.57 22.99
C ASN B 707 -9.23 0.84 21.56
N GLN B 708 -10.12 0.00 21.02
CA GLN B 708 -10.55 0.20 19.64
C GLN B 708 -11.38 1.46 19.45
N VAL B 709 -12.19 1.84 20.45
CA VAL B 709 -12.91 3.10 20.37
C VAL B 709 -11.94 4.27 20.24
N THR B 710 -10.93 4.32 21.09
CA THR B 710 -9.89 5.33 20.98
C THR B 710 -8.99 5.12 19.78
N MET B 711 -9.05 3.96 19.12
CA MET B 711 -8.29 3.78 17.89
C MET B 711 -9.01 4.39 16.69
N HIS B 712 -10.32 4.18 16.57
CA HIS B 712 -11.04 4.73 15.43
C HIS B 712 -11.39 6.21 15.62
N SER B 713 -11.65 6.64 16.86
CA SER B 713 -11.91 8.05 17.10
C SER B 713 -10.67 8.89 16.82
N GLN B 714 -10.90 10.07 16.24
CA GLN B 714 -9.84 11.06 16.06
C GLN B 714 -9.49 11.79 17.34
N ASP B 715 -10.33 11.70 18.37
CA ASP B 715 -10.13 12.48 19.59
C ASP B 715 -8.86 12.07 20.33
N VAL B 716 -8.01 13.07 20.61
CA VAL B 716 -6.76 12.91 21.36
C VAL B 716 -6.98 12.91 22.87
N ARG B 717 -8.20 13.19 23.32
CA ARG B 717 -8.51 13.44 24.72
C ARG B 717 -8.05 12.35 25.68
N HIS B 718 -7.88 11.12 25.21
CA HIS B 718 -7.45 10.04 26.11
C HIS B 718 -6.03 10.21 26.63
N HIS B 719 -5.16 10.95 25.93
CA HIS B 719 -3.77 11.07 26.37
C HIS B 719 -3.66 11.63 27.77
N ARG B 720 -4.33 12.74 28.04
CA ARG B 720 -4.32 13.30 29.39
C ARG B 720 -5.07 12.41 30.37
N PHE B 721 -6.18 11.80 29.92
CA PHE B 721 -6.93 10.86 30.74
C PHE B 721 -6.09 9.66 31.17
N CYS B 722 -5.32 9.08 30.25
CA CYS B 722 -4.49 7.93 30.59
C CYS B 722 -3.36 8.28 31.55
N LEU B 723 -2.92 9.53 31.58
CA LEU B 723 -2.00 9.96 32.63
C LEU B 723 -2.69 9.99 33.99
N ARG B 724 -3.87 10.58 34.07
CA ARG B 724 -4.59 10.68 35.34
C ARG B 724 -4.86 9.31 35.96
N LEU B 725 -5.34 8.36 35.16
CA LEU B 725 -5.61 7.02 35.68
C LEU B 725 -4.34 6.24 36.01
N MET B 726 -3.27 6.42 35.24
CA MET B 726 -2.02 5.74 35.58
C MET B 726 -1.41 6.28 36.87
N LEU B 727 -1.47 7.60 37.08
CA LEU B 727 -1.05 8.14 38.37
C LEU B 727 -1.97 7.67 39.49
N LYS B 728 -3.26 7.50 39.18
CA LYS B 728 -4.20 6.94 40.15
C LYS B 728 -3.87 5.49 40.50
N ASN B 729 -3.45 4.70 39.51
CA ASN B 729 -3.22 3.26 39.70
C ASN B 729 -1.88 2.85 39.09
N PRO B 730 -0.77 3.16 39.75
CA PRO B 730 0.54 2.97 39.11
C PRO B 730 0.88 1.51 38.86
N GLU B 731 0.31 0.59 39.64
CA GLU B 731 0.57 -0.83 39.45
C GLU B 731 -0.13 -1.39 38.22
N ASN B 732 -1.12 -0.70 37.68
CA ASN B 732 -2.08 -1.32 36.78
C ASN B 732 -1.43 -1.67 35.45
N HIS B 733 -1.37 -2.97 35.15
CA HIS B 733 -0.71 -3.45 33.94
C HIS B 733 -1.40 -2.95 32.69
N ALA B 734 -2.73 -2.99 32.66
CA ALA B 734 -3.44 -2.56 31.46
C ALA B 734 -3.11 -1.12 31.09
N LEU B 735 -3.11 -0.23 32.08
CA LEU B 735 -2.68 1.14 31.85
C LEU B 735 -1.18 1.25 31.59
N CYS B 736 -0.38 0.43 32.26
CA CYS B 736 1.06 0.49 32.06
C CYS B 736 1.43 0.28 30.59
N VAL B 737 0.82 -0.71 29.94
CA VAL B 737 1.02 -0.84 28.50
C VAL B 737 0.27 0.25 27.75
N LEU B 738 -0.98 0.53 28.13
CA LEU B 738 -1.82 1.41 27.33
C LEU B 738 -1.31 2.83 27.32
N ASN B 739 -0.79 3.31 28.45
CA ASN B 739 -0.12 4.59 28.49
C ASN B 739 1.12 4.61 27.62
N GLY B 740 1.78 3.46 27.48
CA GLY B 740 2.85 3.32 26.51
C GLY B 740 2.38 3.56 25.10
N HIS B 741 1.20 3.02 24.75
CA HIS B 741 0.64 3.24 23.41
C HIS B 741 0.47 4.73 23.12
N ASN B 742 -0.07 5.49 24.07
CA ASN B 742 -0.29 6.91 23.83
C ASN B 742 1.02 7.66 23.58
N ALA B 743 2.01 7.48 24.45
CA ALA B 743 3.30 8.13 24.25
C ALA B 743 3.97 7.67 22.94
N PHE B 744 3.87 6.38 22.65
CA PHE B 744 4.37 5.84 21.38
C PHE B 744 3.65 6.43 20.19
N VAL B 745 2.33 6.62 20.31
CA VAL B 745 1.55 7.34 19.31
C VAL B 745 1.94 8.81 19.25
N SER B 746 2.26 9.42 20.38
CA SER B 746 2.78 10.78 20.33
C SER B 746 4.20 10.89 19.81
N GLY B 747 4.86 9.79 19.46
CA GLY B 747 6.21 9.84 18.93
C GLY B 747 7.32 9.92 19.95
N SER B 748 7.00 10.07 21.24
CA SER B 748 8.01 10.10 22.31
C SER B 748 8.41 8.66 22.66
N PHE B 749 9.10 8.03 21.71
CA PHE B 749 9.49 6.64 21.85
C PHE B 749 10.33 6.41 23.09
N LYS B 750 11.06 7.43 23.52
CA LYS B 750 11.92 7.32 24.71
C LYS B 750 11.13 7.03 25.97
N HIS B 751 10.25 7.95 26.37
CA HIS B 751 9.44 7.72 27.57
C HIS B 751 8.39 6.64 27.38
N ALA B 752 7.92 6.41 26.15
CA ALA B 752 6.93 5.36 25.92
C ALA B 752 7.46 3.98 26.28
N LEU B 753 8.72 3.71 25.90
CA LEU B 753 9.30 2.37 26.02
C LEU B 753 9.27 1.85 27.45
N GLY B 754 9.67 2.70 28.41
CA GLY B 754 9.69 2.28 29.81
C GLY B 754 8.36 1.75 30.30
N GLN B 755 7.27 2.24 29.75
CA GLN B 755 5.95 1.76 30.15
C GLN B 755 5.59 0.43 29.50
N TYR B 756 6.07 0.15 28.29
CA TYR B 756 5.94 -1.21 27.76
C TYR B 756 6.83 -2.21 28.49
N VAL B 757 8.11 -1.89 28.70
CA VAL B 757 9.01 -2.81 29.37
C VAL B 757 8.54 -3.14 30.78
N GLN B 758 8.14 -2.13 31.54
CA GLN B 758 7.61 -2.43 32.87
C GLN B 758 6.37 -3.30 32.78
N ALA B 759 5.59 -3.17 31.72
CA ALA B 759 4.48 -4.07 31.48
C ALA B 759 4.98 -5.48 31.15
N PHE B 760 5.92 -5.57 30.22
CA PHE B 760 6.55 -6.83 29.85
C PHE B 760 7.17 -7.56 31.03
N ARG B 761 7.68 -6.84 32.02
CA ARG B 761 8.16 -7.49 33.24
C ARG B 761 7.06 -8.28 33.94
N THR B 762 5.82 -7.83 33.81
CA THR B 762 4.71 -8.53 34.46
C THR B 762 4.16 -9.69 33.62
N HIS B 763 4.12 -9.53 32.30
CA HIS B 763 3.55 -10.55 31.41
C HIS B 763 4.48 -10.81 30.23
N PRO B 764 5.59 -11.50 30.46
CA PRO B 764 6.61 -11.59 29.41
C PRO B 764 6.18 -12.44 28.23
N ASP B 765 5.46 -13.53 28.48
CA ASP B 765 4.99 -14.38 27.38
C ASP B 765 3.77 -13.81 26.68
N GLU B 766 3.82 -12.54 26.30
CA GLU B 766 2.78 -11.89 25.50
C GLU B 766 3.37 -11.35 24.21
N PRO B 767 2.91 -11.79 23.05
CA PRO B 767 3.48 -11.29 21.79
C PRO B 767 3.39 -9.79 21.65
N LEU B 768 2.26 -9.19 22.03
CA LEU B 768 2.07 -7.75 21.83
C LEU B 768 3.09 -6.93 22.58
N TYR B 769 3.41 -7.28 23.82
CA TYR B 769 4.34 -6.45 24.57
C TYR B 769 5.77 -6.66 24.09
N SER B 770 6.14 -7.91 23.78
CA SER B 770 7.41 -8.16 23.13
C SER B 770 7.49 -7.52 21.76
N PHE B 771 6.32 -7.35 21.12
CA PHE B 771 6.26 -6.64 19.85
C PHE B 771 6.45 -5.14 20.04
N CYS B 772 5.63 -4.53 20.89
CA CYS B 772 5.67 -3.09 21.08
C CYS B 772 7.01 -2.57 21.56
N ILE B 773 7.75 -3.32 22.37
CA ILE B 773 9.09 -2.88 22.77
C ILE B 773 10.08 -3.02 21.61
N GLY B 774 10.10 -4.18 20.97
CA GLY B 774 10.97 -4.37 19.83
C GLY B 774 10.62 -3.47 18.68
N LEU B 775 9.39 -3.00 18.63
CA LEU B 775 8.98 -1.98 17.68
C LEU B 775 9.39 -0.58 18.11
N THR B 776 9.40 -0.30 19.42
CA THR B 776 9.79 1.03 19.89
C THR B 776 11.25 1.33 19.63
N PHE B 777 12.15 0.40 19.95
CA PHE B 777 13.56 0.63 19.61
C PHE B 777 13.79 0.81 18.11
N ILE B 778 12.93 0.26 17.26
CA ILE B 778 13.04 0.54 15.83
C ILE B 778 12.54 1.94 15.48
N HIS B 779 11.53 2.44 16.18
CA HIS B 779 11.17 3.86 16.03
C HIS B 779 12.33 4.77 16.44
N MET B 780 12.95 4.49 17.57
CA MET B 780 14.07 5.31 18.01
C MET B 780 15.20 5.30 16.98
N ALA B 781 15.58 4.10 16.54
CA ALA B 781 16.58 3.97 15.49
C ALA B 781 16.15 4.61 14.18
N SER B 782 14.86 4.90 14.02
CA SER B 782 14.39 5.54 12.79
C SER B 782 14.79 7.01 12.70
N GLN B 783 15.02 7.66 13.84
CA GLN B 783 15.09 9.11 13.86
C GLN B 783 16.36 9.62 13.19
N LYS B 784 16.43 10.94 13.06
CA LYS B 784 17.51 11.59 12.34
C LYS B 784 18.87 11.37 13.01
N TYR B 785 18.91 11.23 14.32
CA TYR B 785 20.17 10.96 15.02
C TYR B 785 20.67 9.54 14.71
N VAL B 786 22.00 9.38 14.80
CA VAL B 786 22.66 8.15 14.41
C VAL B 786 23.37 7.46 15.56
N LEU B 787 23.42 8.06 16.74
CA LEU B 787 24.26 7.61 17.84
C LEU B 787 23.99 6.17 18.27
N ARG B 788 25.01 5.32 18.14
CA ARG B 788 24.95 3.90 18.51
C ARG B 788 23.76 3.19 17.90
N ARG B 789 23.32 3.67 16.74
CA ARG B 789 22.03 3.29 16.17
C ARG B 789 21.87 1.79 16.03
N HIS B 790 22.96 1.07 15.75
CA HIS B 790 22.92 -0.40 15.72
C HIS B 790 22.41 -1.01 17.02
N ALA B 791 22.88 -0.51 18.17
CA ALA B 791 22.47 -1.09 19.45
C ALA B 791 20.97 -0.95 19.65
N LEU B 792 20.39 0.15 19.19
CA LEU B 792 18.95 0.29 19.21
C LEU B 792 18.27 -0.70 18.27
N ILE B 793 18.86 -0.94 17.09
CA ILE B 793 18.24 -1.86 16.14
C ILE B 793 18.27 -3.31 16.62
N VAL B 794 19.39 -3.77 17.18
CA VAL B 794 19.41 -5.15 17.65
C VAL B 794 18.57 -5.34 18.92
N GLN B 795 18.53 -4.34 19.79
CA GLN B 795 17.54 -4.37 20.86
C GLN B 795 16.13 -4.37 20.28
N GLY B 796 15.93 -3.68 19.17
CA GLY B 796 14.70 -3.76 18.44
C GLY B 796 14.39 -5.16 17.95
N PHE B 797 15.28 -5.72 17.15
CA PHE B 797 14.98 -6.96 16.44
C PHE B 797 15.03 -8.21 17.30
N SER B 798 15.83 -8.22 18.38
CA SER B 798 15.79 -9.33 19.32
C SER B 798 14.44 -9.45 20.02
N PHE B 799 13.89 -8.33 20.48
CA PHE B 799 12.53 -8.35 21.00
C PHE B 799 11.48 -8.74 19.97
N LEU B 800 11.67 -8.39 18.69
CA LEU B 800 10.79 -8.92 17.65
C LEU B 800 10.93 -10.43 17.45
N ASN B 801 12.13 -10.97 17.58
CA ASN B 801 12.26 -12.42 17.56
C ASN B 801 11.51 -13.10 18.70
N ARG B 802 11.47 -12.48 19.88
CA ARG B 802 10.64 -13.05 20.93
C ARG B 802 9.16 -12.93 20.62
N TYR B 803 8.74 -11.85 19.96
CA TYR B 803 7.39 -11.81 19.42
C TYR B 803 7.12 -12.96 18.47
N LEU B 804 7.98 -13.12 17.46
CA LEU B 804 7.81 -14.21 16.50
C LEU B 804 7.78 -15.57 17.19
N SER B 805 8.69 -15.80 18.12
CA SER B 805 8.75 -17.09 18.82
C SER B 805 7.52 -17.33 19.66
N LEU B 806 7.01 -16.31 20.34
CA LEU B 806 5.77 -16.45 21.09
C LEU B 806 4.57 -16.63 20.18
N ARG B 807 4.53 -15.91 19.05
CA ARG B 807 3.36 -15.91 18.19
C ARG B 807 3.29 -17.15 17.30
N GLY B 808 4.43 -17.76 17.02
CA GLY B 808 4.53 -18.86 16.09
C GLY B 808 4.50 -18.42 14.64
N PRO B 809 4.98 -19.29 13.76
CA PRO B 809 4.89 -19.03 12.32
C PRO B 809 3.46 -18.76 11.87
N CYS B 810 3.28 -17.64 11.18
CA CYS B 810 1.95 -17.13 10.88
C CYS B 810 2.08 -16.13 9.75
N GLN B 811 0.95 -15.82 9.11
CA GLN B 811 0.91 -14.66 8.22
C GLN B 811 1.20 -13.38 8.99
N GLU B 812 0.59 -13.24 10.16
CA GLU B 812 0.82 -12.07 11.00
C GLU B 812 2.26 -11.96 11.44
N SER B 813 2.83 -13.04 11.97
CA SER B 813 4.19 -12.99 12.50
C SER B 813 5.23 -12.58 11.47
N PHE B 814 5.24 -13.23 10.31
CA PHE B 814 6.25 -12.89 9.30
C PHE B 814 5.95 -11.60 8.56
N TYR B 815 4.70 -11.21 8.40
CA TYR B 815 4.41 -9.89 7.86
C TYR B 815 4.99 -8.79 8.72
N ASN B 816 4.69 -8.82 10.02
CA ASN B 816 5.04 -7.72 10.91
C ASN B 816 6.54 -7.55 11.07
N LEU B 817 7.32 -8.63 11.05
CA LEU B 817 8.76 -8.48 10.96
C LEU B 817 9.20 -7.96 9.61
N GLY B 818 8.49 -8.31 8.54
CA GLY B 818 8.74 -7.67 7.26
C GLY B 818 8.56 -6.17 7.29
N ARG B 819 7.39 -5.72 7.73
CA ARG B 819 7.12 -4.29 7.83
C ARG B 819 8.05 -3.60 8.81
N GLY B 820 8.46 -4.27 9.89
CA GLY B 820 9.45 -3.69 10.77
C GLY B 820 10.80 -3.48 10.10
N LEU B 821 11.21 -4.42 9.26
CA LEU B 821 12.44 -4.28 8.48
C LEU B 821 12.25 -3.43 7.23
N HIS B 822 11.02 -3.20 6.81
CA HIS B 822 10.74 -2.25 5.74
C HIS B 822 10.85 -0.81 6.22
N GLN B 823 10.36 -0.56 7.44
CA GLN B 823 10.42 0.78 8.02
C GLN B 823 11.83 1.32 8.08
N LEU B 824 12.78 0.50 8.51
CA LEU B 824 14.19 0.87 8.50
C LEU B 824 14.83 0.78 7.12
N GLY B 825 14.05 0.57 6.06
CA GLY B 825 14.64 0.47 4.74
C GLY B 825 15.46 -0.77 4.49
N LEU B 826 15.43 -1.73 5.41
CA LEU B 826 16.20 -2.96 5.28
C LEU B 826 15.52 -3.96 4.34
N ILE B 827 15.11 -3.48 3.16
CA ILE B 827 14.27 -4.26 2.26
C ILE B 827 14.95 -5.47 1.63
N HIS B 828 16.26 -5.65 1.83
CA HIS B 828 16.86 -6.93 1.51
C HIS B 828 16.41 -8.05 2.44
N LEU B 829 15.95 -7.74 3.65
CA LEU B 829 15.30 -8.72 4.51
C LEU B 829 13.78 -8.69 4.49
N ALA B 830 13.17 -7.52 4.32
CA ALA B 830 11.72 -7.47 4.28
C ALA B 830 11.15 -8.34 3.17
N ILE B 831 11.82 -8.36 2.02
CA ILE B 831 11.33 -9.08 0.84
C ILE B 831 11.09 -10.56 1.15
N HIS B 832 11.96 -11.20 1.93
CA HIS B 832 11.76 -12.61 2.28
C HIS B 832 10.70 -12.85 3.34
N TYR B 833 10.53 -11.92 4.27
CA TYR B 833 9.44 -12.03 5.24
C TYR B 833 8.07 -11.91 4.58
N TYR B 834 7.93 -11.06 3.57
CA TYR B 834 6.66 -11.00 2.83
C TYR B 834 6.41 -12.24 1.97
N GLN B 835 7.41 -12.70 1.21
CA GLN B 835 7.20 -13.89 0.41
C GLN B 835 6.79 -15.10 1.26
N LYS B 836 7.41 -15.26 2.43
CA LYS B 836 7.00 -16.32 3.36
C LYS B 836 5.54 -16.18 3.78
N ALA B 837 5.08 -14.97 4.07
CA ALA B 837 3.70 -14.74 4.45
C ALA B 837 2.70 -14.96 3.32
N LEU B 838 3.11 -14.91 2.05
CA LEU B 838 2.22 -15.31 0.95
C LEU B 838 2.12 -16.81 0.82
N GLU B 839 3.24 -17.51 0.97
CA GLU B 839 3.30 -18.95 0.84
C GLU B 839 2.58 -19.67 1.97
N LEU B 840 2.18 -18.95 3.01
CA LEU B 840 1.58 -19.54 4.21
C LEU B 840 0.11 -19.20 4.29
N PRO B 841 -0.76 -20.19 4.50
CA PRO B 841 -2.21 -19.95 4.43
C PRO B 841 -2.75 -19.20 5.64
N PRO B 842 -3.95 -18.63 5.51
CA PRO B 842 -4.48 -17.73 6.54
C PRO B 842 -4.76 -18.40 7.88
N LEU B 843 -4.76 -17.56 8.92
CA LEU B 843 -5.19 -17.95 10.25
C LEU B 843 -6.66 -18.34 10.26
N VAL B 844 -6.92 -19.63 10.46
CA VAL B 844 -8.21 -20.23 10.12
C VAL B 844 -9.34 -19.80 11.07
N VAL B 845 -9.03 -19.42 12.31
CA VAL B 845 -10.03 -19.45 13.37
C VAL B 845 -11.27 -18.65 13.03
N GLU B 846 -12.42 -19.19 13.44
CA GLU B 846 -13.74 -18.73 13.06
C GLU B 846 -14.06 -17.37 13.67
N GLY B 847 -15.03 -16.70 13.07
CA GLY B 847 -15.57 -15.45 13.59
C GLY B 847 -15.57 -14.35 12.54
N ILE B 848 -14.59 -14.38 11.67
CA ILE B 848 -14.52 -13.47 10.53
C ILE B 848 -14.07 -14.27 9.32
N GLU B 849 -14.60 -13.90 8.15
CA GLU B 849 -14.45 -14.71 6.95
C GLU B 849 -13.00 -14.81 6.50
N LEU B 850 -12.69 -15.91 5.82
CA LEU B 850 -11.31 -16.27 5.49
C LEU B 850 -10.57 -15.16 4.75
N ASP B 851 -11.22 -14.57 3.75
CA ASP B 851 -10.61 -13.47 3.01
C ASP B 851 -10.45 -12.20 3.83
N GLN B 852 -10.96 -12.16 5.07
CA GLN B 852 -10.73 -11.01 5.95
C GLN B 852 -9.72 -11.26 7.05
N LEU B 853 -9.49 -12.52 7.44
CA LEU B 853 -8.30 -12.88 8.20
C LEU B 853 -7.07 -12.88 7.32
N ASP B 854 -7.25 -13.17 6.04
CA ASP B 854 -6.16 -13.25 5.09
C ASP B 854 -5.45 -11.91 4.91
N LEU B 855 -4.14 -11.91 5.14
CA LEU B 855 -3.26 -10.77 4.90
C LEU B 855 -2.62 -10.77 3.52
N ARG B 856 -2.97 -11.72 2.65
CA ARG B 856 -2.34 -11.81 1.33
C ARG B 856 -2.33 -10.48 0.61
N ARG B 857 -3.39 -9.69 0.75
CA ARG B 857 -3.46 -8.38 0.10
C ARG B 857 -2.37 -7.43 0.60
N ASP B 858 -2.32 -7.17 1.91
CA ASP B 858 -1.34 -6.21 2.44
C ASP B 858 0.10 -6.59 2.11
N ILE B 859 0.43 -7.87 2.17
CA ILE B 859 1.81 -8.28 1.91
C ILE B 859 2.12 -8.29 0.41
N ALA B 860 1.14 -8.60 -0.44
CA ALA B 860 1.32 -8.42 -1.87
C ALA B 860 1.45 -6.95 -2.24
N TYR B 861 0.77 -6.07 -1.52
CA TYR B 861 0.93 -4.63 -1.77
C TYR B 861 2.30 -4.13 -1.33
N ASN B 862 2.71 -4.42 -0.09
CA ASN B 862 4.04 -4.00 0.35
C ASN B 862 5.15 -4.60 -0.50
N LEU B 863 4.98 -5.82 -1.00
CA LEU B 863 5.90 -6.26 -2.05
C LEU B 863 5.75 -5.43 -3.31
N SER B 864 4.51 -5.12 -3.70
CA SER B 864 4.34 -4.30 -4.90
C SER B 864 4.97 -2.93 -4.74
N LEU B 865 4.96 -2.36 -3.53
CA LEU B 865 5.73 -1.16 -3.27
C LEU B 865 7.24 -1.39 -3.41
N ILE B 866 7.74 -2.51 -2.90
CA ILE B 866 9.15 -2.81 -3.09
C ILE B 866 9.47 -2.96 -4.56
N TYR B 867 8.66 -3.74 -5.28
CA TYR B 867 8.90 -3.96 -6.69
C TYR B 867 8.70 -2.69 -7.53
N GLN B 868 7.64 -1.92 -7.26
CA GLN B 868 7.49 -0.63 -7.95
C GLN B 868 8.67 0.29 -7.67
N SER B 869 9.09 0.39 -6.41
CA SER B 869 10.24 1.23 -6.09
C SER B 869 11.52 0.69 -6.73
N SER B 870 11.64 -0.62 -6.85
CA SER B 870 12.75 -1.22 -7.56
C SER B 870 12.58 -1.17 -9.08
N GLY B 871 11.56 -0.49 -9.59
CA GLY B 871 11.39 -0.41 -11.02
C GLY B 871 10.82 -1.64 -11.69
N ASN B 872 10.18 -2.53 -10.93
CA ASN B 872 9.63 -3.77 -11.44
C ASN B 872 8.11 -3.65 -11.38
N THR B 873 7.51 -3.11 -12.45
CA THR B 873 6.06 -3.03 -12.51
C THR B 873 5.42 -4.39 -12.78
N GLY B 874 6.06 -5.20 -13.62
CA GLY B 874 5.47 -6.49 -13.99
C GLY B 874 5.25 -7.41 -12.80
N MET B 875 6.24 -7.51 -11.92
CA MET B 875 6.08 -8.33 -10.73
C MET B 875 5.06 -7.72 -9.77
N ALA B 876 5.06 -6.40 -9.65
CA ALA B 876 4.02 -5.72 -8.87
C ALA B 876 2.64 -6.02 -9.44
N GLN B 877 2.51 -6.00 -10.77
CA GLN B 877 1.24 -6.31 -11.41
C GLN B 877 0.80 -7.75 -11.16
N THR B 878 1.72 -8.71 -11.26
CA THR B 878 1.40 -10.10 -10.95
C THR B 878 0.77 -10.24 -9.57
N LEU B 879 1.38 -9.60 -8.58
CA LEU B 879 0.87 -9.69 -7.21
C LEU B 879 -0.53 -9.11 -7.09
N LEU B 880 -0.77 -7.93 -7.66
CA LEU B 880 -2.10 -7.34 -7.55
C LEU B 880 -3.16 -8.13 -8.32
N TYR B 881 -2.81 -8.71 -9.47
CA TYR B 881 -3.78 -9.51 -10.21
C TYR B 881 -4.20 -10.77 -9.45
N THR B 882 -3.24 -11.55 -8.97
CA THR B 882 -3.60 -12.82 -8.33
C THR B 882 -4.03 -12.65 -6.87
N TYR B 883 -3.33 -11.85 -6.08
CA TYR B 883 -3.64 -11.76 -4.66
C TYR B 883 -4.57 -10.61 -4.31
N CYS B 884 -4.63 -9.57 -5.11
CA CYS B 884 -5.38 -8.36 -4.80
C CYS B 884 -6.53 -8.15 -5.77
N SER B 885 -7.24 -9.22 -6.10
CA SER B 885 -8.35 -9.17 -7.05
C SER B 885 -9.64 -8.65 -6.44
N ILE B 886 -9.60 -7.96 -5.31
CA ILE B 886 -10.82 -7.78 -4.53
C ILE B 886 -10.82 -6.43 -3.81
N LEU C 24 -6.22 4.57 -43.19
CA LEU C 24 -6.39 5.15 -41.86
C LEU C 24 -7.50 6.20 -41.89
N GLY C 25 -8.39 6.13 -40.89
CA GLY C 25 -9.46 7.09 -40.81
C GLY C 25 -9.00 8.46 -40.36
N ALA C 26 -9.87 9.44 -40.62
CA ALA C 26 -9.67 10.81 -40.19
C ALA C 26 -9.93 10.98 -38.70
N ALA C 27 -9.50 12.12 -38.18
CA ALA C 27 -9.78 12.50 -36.80
C ALA C 27 -11.28 12.66 -36.57
N VAL C 28 -11.71 12.32 -35.38
CA VAL C 28 -13.12 12.37 -34.97
C VAL C 28 -13.31 13.56 -34.04
N PRO C 29 -14.29 14.42 -34.29
CA PRO C 29 -14.63 15.46 -33.31
C PRO C 29 -15.30 14.87 -32.08
N VAL C 30 -14.87 15.35 -30.92
CA VAL C 30 -15.24 14.77 -29.63
C VAL C 30 -16.03 15.78 -28.81
N GLU C 31 -17.20 15.35 -28.34
CA GLU C 31 -18.02 16.14 -27.41
C GLU C 31 -17.31 16.19 -26.07
N LEU C 32 -16.60 17.30 -25.83
CA LEU C 32 -15.86 17.50 -24.57
C LEU C 32 -16.76 18.20 -23.58
N ARG C 33 -17.39 17.41 -22.70
CA ARG C 33 -18.50 17.89 -21.88
C ARG C 33 -18.05 19.03 -20.96
N ARG C 34 -16.88 18.90 -20.35
CA ARG C 34 -16.45 19.77 -19.25
C ARG C 34 -17.51 19.90 -18.17
N GLU C 35 -18.40 18.90 -18.08
CA GLU C 35 -19.66 19.09 -17.36
C GLU C 35 -19.43 19.26 -15.87
N ARG C 36 -18.69 18.33 -15.27
CA ARG C 36 -18.26 18.45 -13.88
C ARG C 36 -16.90 17.78 -13.77
N ARG C 37 -16.13 18.21 -12.78
CA ARG C 37 -14.82 17.62 -12.62
C ARG C 37 -14.94 16.18 -12.13
N MET C 38 -13.88 15.42 -12.33
CA MET C 38 -13.83 14.03 -11.91
C MET C 38 -12.61 13.80 -11.03
N VAL C 39 -12.75 12.95 -10.03
CA VAL C 39 -11.69 12.66 -9.07
C VAL C 39 -11.29 11.21 -9.22
N CYS C 40 -10.00 10.96 -9.33
CA CYS C 40 -9.47 9.61 -9.49
C CYS C 40 -8.93 9.08 -8.18
N VAL C 41 -9.26 7.83 -7.88
CA VAL C 41 -8.59 7.06 -6.83
C VAL C 41 -7.85 5.93 -7.53
N GLU C 42 -6.52 5.92 -7.42
CA GLU C 42 -5.74 4.86 -8.04
C GLU C 42 -5.71 3.64 -7.12
N TYR C 43 -6.80 2.90 -7.15
CA TYR C 43 -7.02 1.82 -6.19
C TYR C 43 -6.03 0.69 -6.45
N PRO C 44 -5.18 0.32 -5.50
CA PRO C 44 -4.24 -0.77 -5.75
C PRO C 44 -4.94 -2.12 -5.74
N GLY C 45 -5.49 -2.47 -6.89
CA GLY C 45 -6.14 -3.76 -7.04
C GLY C 45 -6.80 -3.83 -8.40
N VAL C 46 -7.26 -5.02 -8.73
CA VAL C 46 -8.06 -5.26 -9.92
C VAL C 46 -9.50 -5.44 -9.47
N VAL C 47 -10.39 -4.57 -9.92
CA VAL C 47 -11.75 -4.52 -9.43
C VAL C 47 -12.57 -5.52 -10.24
N ARG C 48 -12.79 -6.70 -9.66
CA ARG C 48 -13.77 -7.62 -10.21
C ARG C 48 -15.17 -7.01 -10.19
N ASP C 49 -15.61 -6.59 -9.00
CA ASP C 49 -16.90 -5.93 -8.87
C ASP C 49 -16.78 -4.75 -7.92
N VAL C 50 -17.32 -3.62 -8.37
CA VAL C 50 -17.21 -2.35 -7.66
C VAL C 50 -17.90 -2.41 -6.30
N ALA C 51 -18.91 -3.26 -6.16
CA ALA C 51 -19.58 -3.41 -4.88
C ALA C 51 -18.64 -3.89 -3.78
N LYS C 52 -17.59 -4.63 -4.12
CA LYS C 52 -16.60 -5.07 -3.15
C LYS C 52 -15.41 -4.13 -3.00
N MET C 53 -15.01 -3.43 -4.05
CA MET C 53 -13.91 -2.48 -3.94
C MET C 53 -14.28 -1.28 -3.08
N LEU C 54 -15.40 -0.63 -3.38
CA LEU C 54 -15.76 0.61 -2.69
C LEU C 54 -15.79 0.52 -1.17
N PRO C 55 -16.30 -0.54 -0.54
CA PRO C 55 -16.21 -0.61 0.93
C PRO C 55 -14.81 -0.47 1.50
N THR C 56 -13.77 -0.89 0.77
CA THR C 56 -12.41 -0.76 1.31
C THR C 56 -11.92 0.68 1.31
N LEU C 57 -12.37 1.50 0.36
CA LEU C 57 -12.08 2.93 0.42
C LEU C 57 -12.97 3.65 1.42
N GLY C 58 -13.89 2.95 2.07
CA GLY C 58 -14.95 3.53 2.86
C GLY C 58 -16.14 4.03 2.08
N GLY C 59 -16.25 3.65 0.81
CA GLY C 59 -17.37 4.02 -0.02
C GLY C 59 -17.33 5.44 -0.54
N GLU C 60 -18.39 5.78 -1.26
CA GLU C 60 -18.55 7.13 -1.79
C GLU C 60 -18.67 8.18 -0.69
N GLU C 61 -19.28 7.83 0.44
CA GLU C 61 -19.29 8.72 1.59
C GLU C 61 -17.88 9.01 2.10
N GLY C 62 -17.04 7.99 2.20
CA GLY C 62 -15.68 8.13 2.65
C GLY C 62 -14.80 9.01 1.78
N VAL C 63 -14.69 8.66 0.50
CA VAL C 63 -13.84 9.41 -0.42
C VAL C 63 -14.32 10.84 -0.63
N SER C 64 -15.63 11.09 -0.58
CA SER C 64 -16.13 12.46 -0.66
C SER C 64 -15.74 13.29 0.56
N ARG C 65 -15.84 12.71 1.76
CA ARG C 65 -15.35 13.42 2.94
C ARG C 65 -13.86 13.69 2.88
N ILE C 66 -13.08 12.75 2.35
CA ILE C 66 -11.65 12.98 2.19
C ILE C 66 -11.34 13.93 1.05
N TYR C 67 -12.26 14.08 0.09
CA TYR C 67 -12.13 15.14 -0.90
C TYR C 67 -12.46 16.51 -0.34
N ALA C 68 -13.23 16.57 0.75
CA ALA C 68 -13.61 17.82 1.39
C ALA C 68 -12.51 18.48 2.20
N ASP C 69 -11.43 17.79 2.53
CA ASP C 69 -10.33 18.37 3.30
C ASP C 69 -9.00 17.81 2.83
N PRO C 70 -8.23 18.59 2.05
CA PRO C 70 -6.99 18.05 1.49
C PRO C 70 -5.89 17.85 2.51
N THR C 71 -6.07 18.28 3.76
CA THR C 71 -5.11 17.96 4.80
C THR C 71 -5.27 16.53 5.30
N LYS C 72 -6.46 15.96 5.17
CA LYS C 72 -6.66 14.57 5.47
C LYS C 72 -6.07 13.71 4.35
N ARG C 73 -5.91 12.43 4.63
CA ARG C 73 -5.40 11.49 3.64
C ARG C 73 -6.42 10.39 3.42
N LEU C 74 -6.51 9.91 2.18
CA LEU C 74 -7.39 8.79 1.87
C LEU C 74 -6.79 7.49 2.40
N GLU C 75 -7.58 6.77 3.19
CA GLU C 75 -7.14 5.57 3.89
C GLU C 75 -7.82 4.35 3.28
N LEU C 76 -7.02 3.42 2.78
CA LEU C 76 -7.51 2.16 2.23
C LEU C 76 -7.35 1.05 3.27
N TYR C 77 -8.48 0.52 3.74
CA TYR C 77 -8.53 -0.60 4.68
C TYR C 77 -8.65 -1.90 3.91
N PHE C 78 -7.53 -2.60 3.72
CA PHE C 78 -7.53 -3.82 2.89
C PHE C 78 -8.38 -4.94 3.46
N ARG C 79 -8.74 -4.86 4.74
CA ARG C 79 -9.53 -5.90 5.40
C ARG C 79 -10.72 -5.27 6.12
N PRO C 80 -11.61 -4.61 5.38
CA PRO C 80 -12.51 -3.64 6.01
C PRO C 80 -13.52 -4.25 6.95
N LYS C 81 -13.70 -5.57 6.91
CA LYS C 81 -14.59 -6.23 7.85
C LYS C 81 -13.99 -6.35 9.25
N ASP C 82 -12.68 -6.18 9.37
CA ASP C 82 -12.01 -6.29 10.66
C ASP C 82 -11.75 -4.90 11.22
N PRO C 83 -12.31 -4.54 12.37
CA PRO C 83 -12.01 -3.24 13.00
C PRO C 83 -10.54 -2.95 13.22
N TYR C 84 -9.72 -3.96 13.46
CA TYR C 84 -8.29 -3.79 13.73
C TYR C 84 -7.44 -3.78 12.46
N CYS C 85 -8.03 -3.57 11.29
CA CYS C 85 -7.26 -3.36 10.07
C CYS C 85 -6.68 -1.95 10.09
N HIS C 86 -5.37 -1.85 10.28
CA HIS C 86 -4.68 -0.57 10.07
C HIS C 86 -4.53 -0.28 8.58
N PRO C 87 -4.90 0.90 8.13
CA PRO C 87 -5.04 1.15 6.69
C PRO C 87 -3.75 1.63 6.01
N VAL C 88 -3.77 1.50 4.68
CA VAL C 88 -2.86 2.22 3.80
C VAL C 88 -3.34 3.67 3.68
N CYS C 89 -2.42 4.62 3.49
CA CYS C 89 -2.77 6.02 3.38
C CYS C 89 -2.35 6.56 2.01
N ALA C 90 -3.18 7.44 1.45
CA ALA C 90 -2.92 8.09 0.17
C ALA C 90 -2.19 9.41 0.32
N ASN C 91 -1.55 9.84 -0.78
CA ASN C 91 -1.18 11.22 -0.99
C ASN C 91 -2.01 11.81 -2.13
N ARG C 92 -2.70 12.91 -1.85
CA ARG C 92 -3.47 13.63 -2.86
C ARG C 92 -2.58 14.49 -3.72
N PHE C 93 -2.86 14.55 -5.02
CA PHE C 93 -2.10 15.38 -5.94
C PHE C 93 -3.03 16.05 -6.95
N SER C 94 -2.62 17.21 -7.42
CA SER C 94 -3.20 17.83 -8.61
C SER C 94 -2.79 17.09 -9.88
N THR C 95 -3.67 17.10 -10.87
CA THR C 95 -3.27 16.67 -12.20
C THR C 95 -4.24 17.22 -13.25
N SER C 96 -3.80 17.20 -14.50
CA SER C 96 -4.61 17.54 -15.67
C SER C 96 -4.91 16.27 -16.46
N SER C 97 -6.17 15.83 -16.45
CA SER C 97 -6.49 14.52 -16.99
C SER C 97 -7.93 14.48 -17.48
N LEU C 98 -8.21 13.54 -18.38
CA LEU C 98 -9.49 13.41 -19.05
C LEU C 98 -9.87 11.94 -19.15
N LEU C 99 -11.16 11.64 -19.03
CA LEU C 99 -11.70 10.31 -19.24
C LEU C 99 -12.33 10.21 -20.64
N LEU C 100 -11.72 9.39 -21.49
CA LEU C 100 -12.07 9.27 -22.91
C LEU C 100 -12.71 7.90 -23.17
N ARG C 101 -14.04 7.85 -23.24
CA ARG C 101 -14.71 6.62 -23.66
C ARG C 101 -14.60 6.46 -25.16
N ILE C 102 -13.82 5.50 -25.60
CA ILE C 102 -13.83 5.07 -27.00
C ILE C 102 -14.99 4.13 -27.22
N ARG C 103 -15.67 4.28 -28.35
CA ARG C 103 -16.68 3.32 -28.79
C ARG C 103 -16.28 2.85 -30.18
N LYS C 104 -15.65 1.68 -30.23
CA LYS C 104 -15.32 0.96 -31.45
C LYS C 104 -16.59 0.39 -32.05
N ARG C 105 -17.32 1.25 -32.76
CA ARG C 105 -18.54 0.87 -33.44
C ARG C 105 -18.23 -0.06 -34.61
N THR C 106 -18.26 -1.36 -34.36
CA THR C 106 -17.81 -2.39 -35.28
C THR C 106 -18.95 -2.79 -36.20
N ARG C 107 -18.60 -3.17 -37.43
CA ARG C 107 -19.58 -3.51 -38.44
C ARG C 107 -19.08 -4.69 -39.28
N ARG C 108 -20.01 -5.30 -39.99
CA ARG C 108 -19.69 -6.08 -41.17
C ARG C 108 -20.70 -5.73 -42.25
N GLN C 109 -20.20 -5.52 -43.47
CA GLN C 109 -21.02 -4.92 -44.53
C GLN C 109 -20.61 -5.50 -45.87
N LYS C 110 -21.60 -5.63 -46.76
CA LYS C 110 -21.38 -6.16 -48.10
C LYS C 110 -20.56 -5.20 -48.95
N ALA C 117 -19.41 -10.19 -48.16
CA ALA C 117 -19.46 -9.06 -47.25
C ALA C 117 -18.14 -8.92 -46.50
N HIS C 118 -17.88 -7.71 -45.98
CA HIS C 118 -16.63 -7.43 -45.29
C HIS C 118 -16.93 -6.84 -43.92
N SER C 119 -16.07 -7.17 -42.96
CA SER C 119 -16.07 -6.52 -41.67
C SER C 119 -15.54 -5.10 -41.77
N GLU C 120 -16.06 -4.22 -40.91
CA GLU C 120 -15.68 -2.82 -40.92
C GLU C 120 -15.68 -2.31 -39.48
N VAL C 121 -14.92 -1.24 -39.25
CA VAL C 121 -14.82 -0.60 -37.95
C VAL C 121 -14.95 0.90 -38.12
N THR C 122 -15.71 1.53 -37.22
CA THR C 122 -15.85 2.97 -37.18
C THR C 122 -15.73 3.40 -35.72
N PHE C 123 -15.42 4.68 -35.51
CA PHE C 123 -15.23 5.19 -34.16
C PHE C 123 -16.28 6.24 -33.84
N ASP C 124 -16.84 6.15 -32.64
CA ASP C 124 -17.39 7.27 -31.92
C ASP C 124 -16.58 7.42 -30.64
N MET C 125 -16.48 8.65 -30.14
CA MET C 125 -15.85 8.84 -28.83
C MET C 125 -16.30 10.14 -28.20
N GLU C 126 -16.12 10.21 -26.89
CA GLU C 126 -16.64 11.27 -26.05
C GLU C 126 -15.68 11.45 -24.89
N ILE C 127 -15.55 12.67 -24.41
CA ILE C 127 -14.75 12.94 -23.21
C ILE C 127 -15.70 13.40 -22.11
N LEU C 128 -15.83 12.57 -21.08
CA LEU C 128 -16.95 12.70 -20.15
C LEU C 128 -16.75 13.80 -19.13
N GLY C 129 -15.50 14.20 -18.87
CA GLY C 129 -15.24 15.19 -17.83
C GLY C 129 -13.76 15.50 -17.78
N ILE C 130 -13.42 16.47 -16.94
CA ILE C 130 -12.04 16.85 -16.68
C ILE C 130 -11.62 16.31 -15.32
N ILE C 131 -10.53 15.56 -15.29
CA ILE C 131 -10.00 14.95 -14.08
C ILE C 131 -8.91 15.86 -13.52
N SER C 132 -9.28 16.63 -12.49
CA SER C 132 -8.42 17.61 -11.84
C SER C 132 -7.51 17.01 -10.78
N THR C 133 -7.85 15.86 -10.21
CA THR C 133 -7.27 15.41 -8.95
C THR C 133 -7.03 13.92 -9.03
N ILE C 134 -5.93 13.46 -8.46
CA ILE C 134 -5.63 12.04 -8.37
C ILE C 134 -5.13 11.74 -6.97
N TYR C 135 -5.64 10.64 -6.39
CA TYR C 135 -5.14 10.07 -5.15
C TYR C 135 -4.23 8.89 -5.49
N LYS C 136 -2.97 8.96 -5.05
CA LYS C 136 -2.03 7.87 -5.23
C LYS C 136 -1.68 7.29 -3.87
N PHE C 137 -1.81 5.97 -3.74
CA PHE C 137 -1.40 5.23 -2.54
C PHE C 137 0.10 4.99 -2.56
N GLN C 138 0.81 5.64 -1.65
CA GLN C 138 2.26 5.60 -1.59
C GLN C 138 2.80 5.25 -0.21
N GLY C 139 2.05 5.50 0.86
CA GLY C 139 2.44 5.08 2.18
C GLY C 139 2.17 3.62 2.46
N MET C 140 3.21 2.88 2.83
CA MET C 140 3.10 1.44 2.98
C MET C 140 2.06 1.07 4.03
N SER C 141 1.51 -0.13 3.89
CA SER C 141 0.54 -0.63 4.86
C SER C 141 1.17 -0.75 6.24
N ASP C 142 0.43 -0.37 7.26
CA ASP C 142 0.98 -0.35 8.60
C ASP C 142 1.20 -1.77 9.10
N PHE C 143 1.82 -1.89 10.28
CA PHE C 143 1.79 -3.16 11.00
C PHE C 143 0.36 -3.54 11.32
N GLN C 144 0.07 -4.84 11.32
CA GLN C 144 -1.28 -5.30 11.54
C GLN C 144 -1.21 -6.51 12.44
N TYR C 145 -2.19 -6.62 13.32
CA TYR C 145 -2.16 -7.57 14.42
C TYR C 145 -3.56 -8.16 14.52
N LEU C 146 -3.68 -9.46 14.25
CA LEU C 146 -5.00 -10.05 14.11
C LEU C 146 -5.64 -10.20 15.48
N ALA C 147 -6.97 -10.29 15.50
CA ALA C 147 -7.66 -10.36 16.78
C ALA C 147 -7.60 -11.74 17.38
N VAL C 148 -6.40 -12.27 17.56
CA VAL C 148 -6.21 -13.61 18.10
C VAL C 148 -5.16 -13.53 19.19
N HIS C 149 -5.50 -14.04 20.37
CA HIS C 149 -4.56 -14.18 21.46
C HIS C 149 -3.84 -15.50 21.34
N THR C 150 -2.57 -15.50 21.69
CA THR C 150 -1.82 -16.73 21.87
C THR C 150 -1.48 -16.93 23.34
N GLU C 151 -2.03 -17.98 23.92
CA GLU C 151 -1.62 -18.40 25.25
C GLU C 151 -0.17 -18.85 25.21
N ALA C 152 0.49 -18.82 26.37
CA ALA C 152 1.87 -19.28 26.44
C ALA C 152 2.02 -20.71 25.95
N GLY C 153 0.96 -21.52 25.99
CA GLY C 153 0.99 -22.82 25.35
C GLY C 153 0.92 -22.80 23.84
N GLY C 154 0.82 -21.63 23.21
CA GLY C 154 0.88 -21.52 21.77
C GLY C 154 -0.43 -21.72 21.04
N LYS C 155 -1.50 -22.10 21.73
CA LYS C 155 -2.79 -22.23 21.08
C LYS C 155 -3.37 -20.85 20.77
N HIS C 156 -4.05 -20.75 19.63
CA HIS C 156 -4.63 -19.49 19.19
C HIS C 156 -6.11 -19.43 19.59
N THR C 157 -6.52 -18.32 20.20
CA THR C 157 -7.91 -18.10 20.59
C THR C 157 -8.47 -16.89 19.87
N SER C 158 -9.57 -17.07 19.15
CA SER C 158 -10.22 -15.96 18.47
C SER C 158 -10.95 -15.06 19.47
N MET C 159 -10.63 -13.78 19.45
CA MET C 159 -11.50 -12.75 20.03
C MET C 159 -12.53 -12.19 19.05
N TYR C 160 -12.44 -12.53 17.76
CA TYR C 160 -13.50 -12.12 16.83
C TYR C 160 -14.85 -12.67 17.25
N ASP C 161 -14.88 -13.81 17.94
CA ASP C 161 -16.08 -14.31 18.58
C ASP C 161 -16.48 -13.49 19.80
N LYS C 162 -15.71 -12.47 20.18
CA LYS C 162 -15.85 -11.85 21.48
C LYS C 162 -15.88 -10.33 21.38
N VAL C 163 -14.81 -9.73 20.85
CA VAL C 163 -14.62 -8.28 21.01
C VAL C 163 -15.36 -7.45 19.96
N LEU C 164 -15.90 -8.07 18.91
CA LEU C 164 -16.42 -7.27 17.81
C LEU C 164 -17.70 -6.51 18.14
N MET C 165 -18.37 -6.81 19.25
CA MET C 165 -19.62 -6.14 19.62
C MET C 165 -20.67 -6.27 18.51
N LEU C 166 -20.57 -7.31 17.70
CA LEU C 166 -21.26 -7.33 16.42
C LEU C 166 -22.74 -7.58 16.57
N ARG C 167 -23.12 -8.41 17.53
CA ARG C 167 -24.49 -8.36 18.04
C ARG C 167 -24.64 -7.16 18.97
N PRO C 168 -25.68 -6.34 18.79
CA PRO C 168 -25.75 -5.06 19.50
C PRO C 168 -26.02 -5.18 20.98
N GLU C 169 -26.61 -6.28 21.45
CA GLU C 169 -26.97 -6.41 22.86
C GLU C 169 -25.75 -6.78 23.71
N LYS C 170 -24.79 -5.86 23.74
CA LYS C 170 -23.55 -5.96 24.52
C LYS C 170 -22.88 -7.33 24.38
N GLU C 171 -22.73 -7.78 23.14
CA GLU C 171 -22.24 -9.14 22.88
C GLU C 171 -20.93 -9.41 23.62
N ALA C 172 -20.03 -8.44 23.66
CA ALA C 172 -18.85 -8.50 24.52
C ALA C 172 -19.23 -8.02 25.91
N PHE C 173 -19.71 -8.96 26.74
CA PHE C 173 -20.13 -8.60 28.09
C PHE C 173 -18.91 -8.11 28.88
N PHE C 174 -18.95 -6.85 29.29
CA PHE C 174 -17.72 -6.11 29.60
C PHE C 174 -16.96 -6.68 30.79
N HIS C 175 -17.63 -7.33 31.73
CA HIS C 175 -16.93 -7.82 32.91
C HIS C 175 -16.31 -9.19 32.71
N GLN C 176 -16.47 -9.81 31.55
CA GLN C 176 -16.04 -11.18 31.37
C GLN C 176 -14.53 -11.28 31.49
N GLU C 177 -14.08 -12.41 32.04
CA GLU C 177 -12.65 -12.75 32.05
C GLU C 177 -12.20 -13.23 30.67
N LEU C 178 -11.41 -12.41 30.00
CA LEU C 178 -10.92 -12.68 28.66
C LEU C 178 -9.52 -12.09 28.54
N PRO C 179 -8.75 -12.50 27.54
CA PRO C 179 -7.44 -11.87 27.36
C PRO C 179 -7.57 -10.37 27.15
N LEU C 180 -6.55 -9.65 27.60
CA LEU C 180 -6.32 -8.28 27.15
C LEU C 180 -5.82 -8.27 25.71
N TYR C 181 -6.50 -7.47 24.88
CA TYR C 181 -6.16 -7.32 23.47
C TYR C 181 -6.18 -5.82 23.12
N ILE C 182 -5.02 -5.19 23.20
CA ILE C 182 -4.90 -3.73 23.25
C ILE C 182 -3.89 -3.24 22.20
N PRO C 183 -4.15 -3.38 20.90
CA PRO C 183 -3.20 -2.89 19.90
C PRO C 183 -3.11 -1.37 19.89
N PRO C 184 -1.92 -0.81 19.77
CA PRO C 184 -1.79 0.64 19.73
C PRO C 184 -2.56 1.24 18.56
N PRO C 185 -3.12 2.44 18.74
CA PRO C 185 -3.98 3.04 17.71
C PRO C 185 -3.44 3.01 16.29
N ILE C 186 -2.17 3.32 16.10
CA ILE C 186 -1.47 3.01 14.86
C ILE C 186 -0.08 2.51 15.22
N PHE C 187 0.29 1.36 14.67
CA PHE C 187 1.57 0.76 15.02
C PHE C 187 2.76 1.55 14.51
N SER C 188 2.57 2.44 13.55
CA SER C 188 3.60 3.43 13.28
C SER C 188 2.99 4.71 12.77
N ARG C 189 3.60 5.83 13.17
CA ARG C 189 3.32 7.13 12.54
C ARG C 189 3.88 7.20 11.13
N LEU C 190 4.86 6.37 10.81
CA LEU C 190 5.71 6.54 9.64
C LEU C 190 5.37 5.49 8.60
N ASP C 191 5.05 5.93 7.39
CA ASP C 191 4.74 5.06 6.28
C ASP C 191 5.78 5.10 5.19
N ALA C 192 6.94 5.67 5.45
CA ALA C 192 8.02 5.66 4.47
C ALA C 192 9.28 5.05 5.08
N PRO C 193 10.11 4.40 4.27
CA PRO C 193 11.37 3.86 4.81
C PRO C 193 12.33 4.96 5.21
N VAL C 194 13.05 4.74 6.30
CA VAL C 194 14.10 5.63 6.74
C VAL C 194 15.34 5.44 5.88
N ASP C 195 16.13 6.49 5.74
CA ASP C 195 17.52 6.38 5.28
C ASP C 195 18.40 5.84 6.39
N TYR C 196 18.35 4.52 6.57
CA TYR C 196 19.39 3.81 7.28
C TYR C 196 19.83 2.60 6.48
N PHE C 197 21.14 2.38 6.44
CA PHE C 197 21.73 1.36 5.59
C PHE C 197 22.95 0.75 6.26
N TYR C 198 22.82 0.45 7.55
CA TYR C 198 23.95 0.09 8.41
C TYR C 198 25.01 1.19 8.40
N ARG C 199 24.54 2.43 8.53
CA ARG C 199 25.31 3.64 8.30
C ARG C 199 25.40 4.42 9.61
N PRO C 200 26.58 4.64 10.17
CA PRO C 200 26.75 5.61 11.24
C PRO C 200 27.08 6.99 10.69
N GLU C 201 27.11 7.97 11.59
CA GLU C 201 27.76 9.24 11.27
C GLU C 201 28.29 9.88 12.53
N THR C 202 29.30 10.74 12.35
CA THR C 202 29.82 11.54 13.46
C THR C 202 28.86 12.65 13.83
N GLN C 203 28.26 13.28 12.83
CA GLN C 203 27.27 14.34 13.00
C GLN C 203 27.74 15.39 14.01
N GLU D 14 -26.29 -4.34 -42.75
CA GLU D 14 -25.89 -5.73 -42.60
C GLU D 14 -25.65 -6.04 -41.12
N ASP D 15 -24.43 -5.83 -40.65
CA ASP D 15 -24.08 -6.10 -39.25
C ASP D 15 -23.45 -4.87 -38.64
N GLU D 16 -23.77 -4.63 -37.36
CA GLU D 16 -23.12 -3.60 -36.57
C GLU D 16 -22.99 -4.08 -35.13
N GLU D 17 -21.91 -3.67 -34.47
CA GLU D 17 -21.64 -4.12 -33.11
C GLU D 17 -20.86 -3.05 -32.38
N GLU D 18 -21.04 -2.99 -31.06
CA GLU D 18 -20.34 -2.05 -30.19
C GLU D 18 -19.22 -2.76 -29.45
N GLU D 19 -18.03 -2.18 -29.48
CA GLU D 19 -16.94 -2.53 -28.59
C GLU D 19 -16.40 -1.24 -27.98
N GLU D 20 -16.03 -1.28 -26.70
CA GLU D 20 -15.70 -0.07 -25.98
C GLU D 20 -14.57 -0.32 -25.01
N GLN D 21 -13.84 0.75 -24.69
CA GLN D 21 -12.98 0.76 -23.52
C GLN D 21 -12.86 2.19 -23.02
N LEU D 22 -12.60 2.33 -21.71
CA LEU D 22 -12.61 3.63 -21.05
C LEU D 22 -11.19 4.07 -20.79
N VAL D 23 -10.56 4.64 -21.82
CA VAL D 23 -9.16 5.06 -21.72
C VAL D 23 -9.11 6.35 -20.91
N LEU D 24 -8.50 6.29 -19.74
CA LEU D 24 -8.10 7.49 -19.01
C LEU D 24 -6.91 8.17 -19.65
N VAL D 25 -7.06 9.46 -19.97
CA VAL D 25 -6.02 10.25 -20.60
C VAL D 25 -5.47 11.24 -19.58
N GLU D 26 -4.15 11.28 -19.44
CA GLU D 26 -3.49 12.19 -18.51
C GLU D 26 -2.34 12.90 -19.21
N LEU D 27 -2.25 14.21 -19.00
CA LEU D 27 -1.48 15.09 -19.86
C LEU D 27 -0.30 15.67 -19.07
N SER D 28 0.78 15.96 -19.79
CA SER D 28 2.01 16.40 -19.16
C SER D 28 2.80 17.27 -20.12
N GLY D 29 3.78 17.99 -19.58
CA GLY D 29 4.39 19.07 -20.31
C GLY D 29 3.56 20.34 -20.35
N ILE D 30 2.73 20.56 -19.33
CA ILE D 30 1.79 21.66 -19.31
C ILE D 30 1.52 22.05 -17.86
N ILE D 31 1.80 23.31 -17.52
CA ILE D 31 1.81 23.75 -16.13
C ILE D 31 1.13 25.10 -15.98
N ASP D 32 0.54 25.32 -14.80
CA ASP D 32 -0.29 26.49 -14.52
C ASP D 32 -1.42 26.64 -15.54
N SER D 33 -1.90 25.51 -16.05
CA SER D 33 -2.81 25.53 -17.18
C SER D 33 -4.26 25.68 -16.73
N ASP D 34 -5.08 26.16 -17.65
CA ASP D 34 -6.53 25.99 -17.56
C ASP D 34 -7.11 25.38 -18.84
N PHE D 35 -6.26 24.72 -19.64
CA PHE D 35 -6.66 24.30 -20.98
C PHE D 35 -7.95 23.49 -20.97
N LEU D 36 -8.01 22.48 -20.10
CA LEU D 36 -9.17 21.59 -20.09
C LEU D 36 -10.46 22.32 -19.79
N SER D 37 -10.40 23.43 -19.04
CA SER D 37 -11.58 24.24 -18.80
C SER D 37 -11.99 25.07 -20.01
N LYS D 38 -11.08 25.29 -20.96
CA LYS D 38 -11.26 26.28 -22.01
C LYS D 38 -11.18 25.71 -23.42
N CYS D 39 -10.55 24.56 -23.62
CA CYS D 39 -10.08 24.11 -24.92
C CYS D 39 -11.19 23.62 -25.84
N GLU D 40 -12.42 23.44 -25.35
CA GLU D 40 -13.46 22.72 -26.07
C GLU D 40 -13.70 23.25 -27.47
N ASN D 41 -13.36 24.52 -27.72
CA ASN D 41 -13.51 25.13 -29.04
C ASN D 41 -12.92 24.29 -30.17
N LYS D 42 -11.82 23.57 -29.92
CA LYS D 42 -11.41 22.47 -30.78
C LYS D 42 -10.98 21.28 -29.95
N CYS D 43 -11.49 20.09 -30.31
CA CYS D 43 -11.32 18.90 -29.49
C CYS D 43 -11.45 17.68 -30.40
N LYS D 44 -10.32 17.05 -30.71
CA LYS D 44 -10.26 16.06 -31.77
C LYS D 44 -9.25 14.97 -31.41
N VAL D 45 -9.49 13.76 -31.91
CA VAL D 45 -8.65 12.60 -31.66
C VAL D 45 -8.37 11.92 -32.99
N LEU D 46 -7.16 11.39 -33.17
CA LEU D 46 -6.86 10.66 -34.40
C LEU D 46 -5.88 9.53 -34.11
N GLY D 47 -5.94 8.49 -34.94
CA GLY D 47 -5.09 7.32 -34.76
C GLY D 47 -5.36 6.54 -33.50
N ILE D 48 -6.57 6.61 -32.96
CA ILE D 48 -6.83 6.21 -31.59
C ILE D 48 -6.52 4.73 -31.35
N ASP D 49 -6.66 3.89 -32.38
CA ASP D 49 -6.39 2.46 -32.27
C ASP D 49 -4.95 2.08 -32.58
N THR D 50 -4.11 2.99 -33.06
CA THR D 50 -2.72 2.68 -33.33
C THR D 50 -1.91 2.60 -32.03
N GLU D 51 -0.62 2.31 -32.18
CA GLU D 51 0.26 2.27 -31.01
C GLU D 51 0.51 3.64 -30.41
N ARG D 52 0.51 4.70 -31.22
CA ARG D 52 0.76 6.05 -30.73
C ARG D 52 -0.35 6.97 -31.22
N PRO D 53 -1.49 6.96 -30.55
CA PRO D 53 -2.59 7.85 -30.91
C PRO D 53 -2.22 9.30 -30.63
N ILE D 54 -2.96 10.21 -31.25
CA ILE D 54 -2.70 11.64 -31.15
C ILE D 54 -3.97 12.33 -30.70
N LEU D 55 -3.84 13.26 -29.77
CA LEU D 55 -4.93 14.10 -29.31
C LEU D 55 -4.67 15.53 -29.72
N GLN D 56 -5.66 16.15 -30.36
CA GLN D 56 -5.64 17.57 -30.69
C GLN D 56 -6.60 18.29 -29.77
N VAL D 57 -6.12 19.36 -29.13
CA VAL D 57 -6.87 20.00 -28.06
C VAL D 57 -6.59 21.50 -28.04
N ASP D 58 -7.59 22.30 -28.38
CA ASP D 58 -7.43 23.74 -28.64
C ASP D 58 -6.31 24.02 -29.62
N SER D 59 -6.08 23.10 -30.56
CA SER D 59 -4.92 23.09 -31.47
C SER D 59 -3.57 22.92 -30.79
N CYS D 60 -3.54 22.72 -29.47
CA CYS D 60 -2.43 21.97 -28.90
C CYS D 60 -2.52 20.52 -29.33
N VAL D 61 -1.37 19.84 -29.38
CA VAL D 61 -1.31 18.46 -29.83
C VAL D 61 -0.53 17.64 -28.82
N PHE D 62 -1.08 16.49 -28.44
CA PHE D 62 -0.48 15.59 -27.48
C PHE D 62 -0.28 14.21 -28.07
N ALA D 63 0.80 13.56 -27.68
CA ALA D 63 1.17 12.24 -28.17
C ALA D 63 1.58 11.38 -27.00
N GLY D 64 1.47 10.07 -27.17
CA GLY D 64 1.69 9.18 -26.04
C GLY D 64 1.56 7.72 -26.43
N GLU D 65 1.60 6.87 -25.41
CA GLU D 65 1.39 5.44 -25.54
C GLU D 65 0.32 5.01 -24.56
N TYR D 66 -0.39 3.94 -24.90
CA TYR D 66 -1.26 3.28 -23.94
C TYR D 66 -0.43 2.62 -22.84
N GLU D 67 -0.98 2.60 -21.63
CA GLU D 67 -0.35 1.97 -20.49
C GLU D 67 -1.44 1.30 -19.67
N ASP D 68 -1.12 0.13 -19.11
CA ASP D 68 -1.97 -0.42 -18.07
C ASP D 68 -1.84 0.39 -16.78
N THR D 69 -2.97 0.69 -16.18
CA THR D 69 -2.99 1.14 -14.81
C THR D 69 -2.56 0.01 -13.89
N LEU D 70 -1.69 0.31 -12.93
CA LEU D 70 -1.16 -0.76 -12.12
C LEU D 70 -2.18 -1.23 -11.09
N GLY D 71 -2.69 -0.31 -10.27
CA GLY D 71 -4.01 -0.47 -9.72
C GLY D 71 -5.06 -0.22 -10.77
N THR D 72 -6.31 -0.48 -10.42
CA THR D 72 -7.41 0.00 -11.25
C THR D 72 -7.62 1.48 -10.96
N CYS D 73 -7.55 2.31 -12.00
CA CYS D 73 -7.97 3.71 -11.85
C CYS D 73 -9.48 3.77 -11.71
N VAL D 74 -9.95 4.22 -10.56
CA VAL D 74 -11.36 4.38 -10.29
C VAL D 74 -11.72 5.85 -10.41
N ILE D 75 -12.73 6.17 -11.22
CA ILE D 75 -13.06 7.55 -11.57
C ILE D 75 -14.41 7.89 -10.96
N PHE D 76 -14.46 8.99 -10.24
CA PHE D 76 -15.66 9.47 -9.57
C PHE D 76 -16.09 10.79 -10.17
N GLU D 77 -17.39 11.00 -10.24
CA GLU D 77 -17.94 12.26 -10.71
C GLU D 77 -18.28 13.14 -9.52
N GLU D 78 -17.91 14.42 -9.61
CA GLU D 78 -18.54 15.45 -8.81
C GLU D 78 -20.05 15.45 -8.96
N ASN D 79 -20.72 15.65 -7.82
CA ASN D 79 -22.16 15.86 -7.74
C ASN D 79 -22.41 16.89 -6.66
N VAL D 80 -23.61 17.45 -6.64
CA VAL D 80 -23.92 18.58 -5.76
C VAL D 80 -25.21 18.31 -5.01
N GLU D 81 -25.21 18.64 -3.71
CA GLU D 81 -26.42 18.74 -2.92
C GLU D 81 -26.80 20.20 -2.73
N HIS D 82 -28.08 20.51 -2.86
CA HIS D 82 -28.54 21.89 -2.86
C HIS D 82 -28.30 22.55 -1.51
N ASN D 89 -24.55 25.22 -1.35
CA ASN D 89 -24.44 23.89 -1.96
C ASN D 89 -23.17 23.19 -1.52
N LYS D 90 -23.16 21.86 -1.63
CA LYS D 90 -22.07 21.04 -1.10
C LYS D 90 -21.69 20.02 -2.17
N THR D 91 -20.39 19.90 -2.41
CA THR D 91 -19.88 18.93 -3.38
C THR D 91 -19.84 17.52 -2.78
N VAL D 92 -20.21 16.54 -3.59
CA VAL D 92 -20.16 15.12 -3.22
C VAL D 92 -19.62 14.35 -4.42
N LEU D 93 -19.29 13.09 -4.19
CA LEU D 93 -18.83 12.20 -5.26
C LEU D 93 -19.79 11.04 -5.43
N LYS D 94 -19.91 10.59 -6.67
CA LYS D 94 -20.50 9.30 -7.01
C LYS D 94 -19.47 8.48 -7.75
N TYR D 95 -19.45 7.17 -7.53
CA TYR D 95 -18.72 6.31 -8.43
C TYR D 95 -19.28 6.44 -9.84
N LYS D 96 -18.40 6.31 -10.83
CA LYS D 96 -18.86 6.35 -12.22
C LYS D 96 -18.20 5.32 -13.11
N CYS D 97 -16.87 5.23 -13.06
CA CYS D 97 -16.15 4.29 -13.91
C CYS D 97 -15.01 3.65 -13.15
N HIS D 98 -14.52 2.54 -13.69
CA HIS D 98 -13.22 1.99 -13.36
C HIS D 98 -12.53 1.62 -14.66
N THR D 99 -11.20 1.73 -14.66
CA THR D 99 -10.46 1.36 -15.86
C THR D 99 -9.12 0.76 -15.52
N MET D 100 -8.76 -0.27 -16.27
CA MET D 100 -7.48 -0.94 -16.22
C MET D 100 -6.43 -0.28 -17.10
N LYS D 101 -6.84 0.64 -17.97
CA LYS D 101 -6.02 1.10 -19.08
C LYS D 101 -6.00 2.62 -19.10
N LYS D 102 -4.86 3.17 -19.47
CA LYS D 102 -4.61 4.59 -19.30
C LYS D 102 -3.73 5.06 -20.45
N LEU D 103 -3.83 6.36 -20.76
CA LEU D 103 -3.05 6.98 -21.81
C LEU D 103 -2.18 8.10 -21.24
N SER D 104 -0.87 7.98 -21.41
CA SER D 104 0.11 8.89 -20.82
C SER D 104 0.68 9.80 -21.91
N MET D 105 0.44 11.10 -21.78
CA MET D 105 0.57 12.05 -22.88
C MET D 105 1.57 13.14 -22.57
N THR D 106 2.24 13.61 -23.62
CA THR D 106 3.16 14.73 -23.55
C THR D 106 2.81 15.78 -24.59
N ARG D 107 2.92 17.05 -24.22
CA ARG D 107 2.71 18.13 -25.19
C ARG D 107 3.76 18.09 -26.27
N THR D 108 3.33 18.19 -27.53
CA THR D 108 4.23 18.16 -28.66
C THR D 108 4.65 19.57 -29.09
N LEU D 109 5.73 19.62 -29.86
CA LEU D 109 6.19 20.79 -30.58
C LEU D 109 6.07 20.55 -32.08
N LEU D 110 5.75 21.62 -32.82
CA LEU D 110 5.44 21.49 -34.23
C LEU D 110 6.31 22.43 -35.06
N THR D 111 6.67 21.96 -36.26
CA THR D 111 7.28 22.80 -37.28
C THR D 111 7.01 22.17 -38.63
N GLU D 112 6.44 22.95 -39.55
CA GLU D 112 6.20 22.43 -40.90
C GLU D 112 7.54 22.16 -41.59
N LYS D 113 7.69 20.95 -42.10
CA LYS D 113 8.98 20.47 -42.59
C LYS D 113 9.41 21.25 -43.84
N ILE D 120 8.39 12.45 -43.87
CA ILE D 120 8.72 12.29 -42.46
C ILE D 120 7.65 11.37 -41.84
N GLY D 121 8.03 10.62 -40.80
CA GLY D 121 7.11 9.73 -40.14
C GLY D 121 7.40 9.51 -38.67
N GLY D 122 6.33 9.52 -37.86
CA GLY D 122 6.44 9.29 -36.43
C GLY D 122 6.79 10.52 -35.62
N VAL D 123 6.29 10.59 -34.39
CA VAL D 123 6.70 11.63 -33.45
C VAL D 123 8.13 11.35 -32.97
N GLU D 124 8.98 12.36 -33.06
CA GLU D 124 10.31 12.29 -32.47
C GLU D 124 10.22 12.51 -30.96
N TRP D 125 10.75 11.58 -30.18
CA TRP D 125 10.89 11.78 -28.75
C TRP D 125 12.36 12.00 -28.41
N LEU D 126 12.66 13.16 -27.84
CA LEU D 126 13.98 13.45 -27.29
C LEU D 126 14.11 12.83 -25.90
N GLN D 127 15.08 11.93 -25.73
CA GLN D 127 15.19 11.11 -24.53
C GLN D 127 15.27 11.96 -23.27
#